data_2E9K
#
_entry.id   2E9K
#
_entity_poly.entity_id   1
_entity_poly.type   'polypeptide(L)'
_entity_poly.pdbx_seq_one_letter_code
;GSSGSSGDIRPSKLLTWCQQQTEGYQHVNVTDLTTSWRSGLALCAIIHRFRPELINFDSLNEDDAVENNQLAFDVAEREF
GIPPVTTGKEMASAQEPDKLSMVMYLSKFYELFRGTPLRPV
;
_entity_poly.pdbx_strand_id   A
#
# COMPACT_ATOMS: atom_id res chain seq x y z
N GLY A 1 -10.28 11.41 -10.06
CA GLY A 1 -11.52 11.38 -10.81
C GLY A 1 -12.02 12.77 -11.16
N SER A 2 -12.07 13.65 -10.15
CA SER A 2 -12.54 15.01 -10.35
C SER A 2 -11.71 15.72 -11.43
N SER A 3 -12.35 16.65 -12.13
CA SER A 3 -11.68 17.39 -13.19
C SER A 3 -10.57 18.27 -12.61
N GLY A 4 -10.86 18.93 -11.50
CA GLY A 4 -9.88 19.80 -10.87
C GLY A 4 -10.19 20.07 -9.41
N SER A 5 -10.19 19.01 -8.61
CA SER A 5 -10.47 19.14 -7.18
C SER A 5 -9.33 19.82 -6.45
N SER A 6 -9.67 20.79 -5.60
CA SER A 6 -8.66 21.53 -4.85
C SER A 6 -9.27 22.09 -3.56
N GLY A 7 -8.57 21.86 -2.44
CA GLY A 7 -9.05 22.35 -1.17
C GLY A 7 -9.06 21.28 -0.09
N ASP A 8 -9.88 20.26 -0.30
CA ASP A 8 -9.99 19.16 0.65
C ASP A 8 -9.81 17.81 -0.05
N ILE A 9 -8.96 16.96 0.51
CA ILE A 9 -8.71 15.64 -0.06
C ILE A 9 -9.44 14.55 0.72
N ARG A 10 -9.88 13.52 0.01
CA ARG A 10 -10.60 12.42 0.65
C ARG A 10 -9.63 11.52 1.42
N PRO A 11 -8.67 10.91 0.70
CA PRO A 11 -7.68 10.02 1.30
C PRO A 11 -6.67 10.77 2.16
N SER A 12 -6.93 12.07 2.37
CA SER A 12 -6.04 12.90 3.17
C SER A 12 -5.57 12.15 4.42
N LYS A 13 -6.52 11.65 5.20
CA LYS A 13 -6.22 10.91 6.41
C LYS A 13 -5.53 9.58 6.09
N LEU A 14 -6.05 8.88 5.08
CA LEU A 14 -5.49 7.61 4.67
C LEU A 14 -3.99 7.73 4.43
N LEU A 15 -3.60 8.64 3.55
CA LEU A 15 -2.19 8.85 3.24
C LEU A 15 -1.35 8.83 4.50
N THR A 16 -1.66 9.71 5.45
CA THR A 16 -0.93 9.79 6.70
C THR A 16 -0.55 8.39 7.20
N TRP A 17 -1.55 7.63 7.62
CA TRP A 17 -1.32 6.28 8.13
C TRP A 17 -0.22 5.58 7.33
N CYS A 18 -0.43 5.44 6.03
CA CYS A 18 0.55 4.79 5.16
C CYS A 18 1.93 5.41 5.34
N GLN A 19 2.02 6.73 5.11
CA GLN A 19 3.28 7.43 5.25
C GLN A 19 3.93 7.14 6.58
N GLN A 20 3.11 7.01 7.62
CA GLN A 20 3.61 6.72 8.97
C GLN A 20 4.23 5.33 9.03
N GLN A 21 3.50 4.33 8.55
CA GLN A 21 3.98 2.96 8.55
C GLN A 21 5.27 2.83 7.76
N THR A 22 5.29 3.41 6.57
CA THR A 22 6.47 3.36 5.72
C THR A 22 7.59 4.22 6.28
N GLU A 23 7.22 5.24 7.06
CA GLU A 23 8.20 6.14 7.66
C GLU A 23 9.35 5.35 8.28
N GLY A 24 10.57 5.79 8.01
CA GLY A 24 11.74 5.12 8.56
C GLY A 24 12.49 4.31 7.52
N TYR A 25 11.75 3.51 6.76
CA TYR A 25 12.34 2.67 5.72
C TYR A 25 13.33 3.47 4.88
N GLN A 26 14.09 2.76 4.05
CA GLN A 26 15.08 3.41 3.19
C GLN A 26 14.65 3.36 1.73
N HIS A 27 15.02 4.38 0.97
CA HIS A 27 14.66 4.44 -0.45
C HIS A 27 13.16 4.33 -0.64
N VAL A 28 12.41 4.72 0.38
CA VAL A 28 10.96 4.67 0.33
C VAL A 28 10.34 6.01 0.72
N ASN A 29 10.01 6.82 -0.29
CA ASN A 29 9.41 8.12 -0.05
C ASN A 29 7.97 8.16 -0.53
N VAL A 30 7.03 8.03 0.40
CA VAL A 30 5.61 8.05 0.07
C VAL A 30 5.04 9.46 0.16
N THR A 31 4.64 10.01 -0.99
CA THR A 31 4.08 11.35 -1.04
C THR A 31 2.66 11.33 -1.59
N ASP A 32 2.33 10.28 -2.33
CA ASP A 32 1.00 10.14 -2.91
C ASP A 32 0.48 8.72 -2.76
N LEU A 33 -0.67 8.45 -3.35
CA LEU A 33 -1.28 7.12 -3.28
C LEU A 33 -1.46 6.52 -4.67
N THR A 34 -0.53 6.85 -5.56
CA THR A 34 -0.58 6.34 -6.93
C THR A 34 0.75 5.73 -7.33
N THR A 35 1.74 6.58 -7.60
CA THR A 35 3.06 6.11 -8.00
C THR A 35 3.84 5.57 -6.80
N SER A 36 3.55 6.12 -5.62
CA SER A 36 4.22 5.70 -4.41
C SER A 36 4.10 4.20 -4.20
N TRP A 37 3.18 3.58 -4.94
CA TRP A 37 2.96 2.14 -4.85
C TRP A 37 3.04 1.48 -6.22
N ARG A 38 3.83 2.07 -7.11
CA ARG A 38 3.97 1.54 -8.46
C ARG A 38 5.04 0.45 -8.50
N SER A 39 5.94 0.47 -7.52
CA SER A 39 7.01 -0.52 -7.44
C SER A 39 6.64 -1.66 -6.49
N GLY A 40 5.78 -1.35 -5.51
CA GLY A 40 5.37 -2.35 -4.55
C GLY A 40 6.00 -2.16 -3.19
N LEU A 41 7.29 -1.80 -3.20
CA LEU A 41 8.02 -1.59 -1.95
C LEU A 41 7.13 -0.94 -0.89
N ALA A 42 6.46 0.14 -1.28
CA ALA A 42 5.57 0.86 -0.37
C ALA A 42 4.75 -0.11 0.46
N LEU A 43 3.90 -0.89 -0.21
CA LEU A 43 3.05 -1.86 0.47
C LEU A 43 3.88 -2.88 1.24
N CYS A 44 4.78 -3.56 0.53
CA CYS A 44 5.64 -4.57 1.14
C CYS A 44 6.17 -4.08 2.49
N ALA A 45 6.52 -2.80 2.56
CA ALA A 45 7.04 -2.21 3.78
C ALA A 45 6.02 -2.33 4.91
N ILE A 46 4.77 -1.97 4.62
CA ILE A 46 3.72 -2.03 5.61
C ILE A 46 3.53 -3.46 6.14
N ILE A 47 3.48 -4.41 5.22
CA ILE A 47 3.31 -5.82 5.59
C ILE A 47 4.50 -6.32 6.41
N HIS A 48 5.65 -6.43 5.75
CA HIS A 48 6.87 -6.90 6.43
C HIS A 48 6.97 -6.31 7.83
N ARG A 49 6.62 -5.03 7.96
CA ARG A 49 6.68 -4.34 9.24
C ARG A 49 6.10 -5.23 10.35
N PHE A 50 4.89 -5.73 10.15
CA PHE A 50 4.24 -6.58 11.12
C PHE A 50 4.76 -8.01 11.03
N ARG A 51 4.90 -8.51 9.80
CA ARG A 51 5.38 -9.86 9.58
C ARG A 51 6.49 -9.87 8.53
N PRO A 52 7.74 -9.72 8.99
CA PRO A 52 8.91 -9.72 8.11
C PRO A 52 9.19 -11.09 7.52
N GLU A 53 8.71 -12.13 8.18
CA GLU A 53 8.92 -13.50 7.71
C GLU A 53 8.16 -13.74 6.41
N LEU A 54 7.22 -12.85 6.10
CA LEU A 54 6.42 -12.97 4.89
C LEU A 54 7.10 -12.27 3.71
N ILE A 55 7.50 -11.02 3.93
CA ILE A 55 8.16 -10.25 2.89
C ILE A 55 9.54 -9.78 3.35
N ASN A 56 10.53 -9.91 2.47
CA ASN A 56 11.89 -9.50 2.79
C ASN A 56 12.34 -8.34 1.90
N PHE A 57 12.04 -7.12 2.33
CA PHE A 57 12.41 -5.94 1.56
C PHE A 57 13.86 -6.01 1.11
N ASP A 58 14.71 -6.56 1.96
CA ASP A 58 16.13 -6.69 1.64
C ASP A 58 16.32 -7.24 0.23
N SER A 59 15.51 -8.24 -0.12
CA SER A 59 15.59 -8.86 -1.44
C SER A 59 14.85 -8.03 -2.48
N LEU A 60 13.83 -7.30 -2.03
CA LEU A 60 13.05 -6.47 -2.92
C LEU A 60 13.89 -5.34 -3.51
N ASN A 61 14.31 -5.51 -4.75
CA ASN A 61 15.12 -4.51 -5.43
C ASN A 61 14.26 -3.63 -6.33
N GLU A 62 14.44 -2.32 -6.22
CA GLU A 62 13.69 -1.36 -7.02
C GLU A 62 13.42 -1.92 -8.41
N ASP A 63 14.49 -2.34 -9.09
CA ASP A 63 14.37 -2.89 -10.43
C ASP A 63 13.33 -4.00 -10.47
N ASP A 64 13.34 -4.86 -9.45
CA ASP A 64 12.40 -5.96 -9.38
C ASP A 64 11.04 -5.49 -8.89
N ALA A 65 10.53 -4.43 -9.51
CA ALA A 65 9.24 -3.87 -9.15
C ALA A 65 8.12 -4.89 -9.35
N VAL A 66 7.99 -5.39 -10.57
CA VAL A 66 6.97 -6.38 -10.90
C VAL A 66 6.88 -7.44 -9.81
N GLU A 67 8.01 -8.07 -9.50
CA GLU A 67 8.05 -9.12 -8.49
C GLU A 67 7.69 -8.55 -7.11
N ASN A 68 8.26 -7.40 -6.79
CA ASN A 68 8.01 -6.76 -5.51
C ASN A 68 6.51 -6.55 -5.29
N ASN A 69 5.78 -6.37 -6.39
CA ASN A 69 4.34 -6.17 -6.32
C ASN A 69 3.60 -7.50 -6.19
N GLN A 70 3.80 -8.38 -7.17
CA GLN A 70 3.16 -9.68 -7.17
C GLN A 70 3.27 -10.34 -5.79
N LEU A 71 4.45 -10.23 -5.19
CA LEU A 71 4.69 -10.82 -3.87
C LEU A 71 3.64 -10.36 -2.87
N ALA A 72 3.61 -9.05 -2.62
CA ALA A 72 2.64 -8.48 -1.69
C ALA A 72 1.22 -8.91 -2.03
N PHE A 73 0.85 -8.75 -3.29
CA PHE A 73 -0.49 -9.13 -3.74
C PHE A 73 -0.81 -10.57 -3.34
N ASP A 74 -0.02 -11.51 -3.83
CA ASP A 74 -0.23 -12.92 -3.52
C ASP A 74 -0.32 -13.13 -2.00
N VAL A 75 0.71 -12.69 -1.29
CA VAL A 75 0.75 -12.83 0.17
C VAL A 75 -0.55 -12.35 0.80
N ALA A 76 -1.04 -11.21 0.34
CA ALA A 76 -2.29 -10.65 0.86
C ALA A 76 -3.48 -11.50 0.44
N GLU A 77 -3.35 -12.20 -0.67
CA GLU A 77 -4.43 -13.04 -1.18
C GLU A 77 -4.36 -14.44 -0.57
N ARG A 78 -3.21 -14.75 0.04
CA ARG A 78 -3.01 -16.05 0.65
C ARG A 78 -3.27 -15.99 2.15
N GLU A 79 -2.95 -14.85 2.76
CA GLU A 79 -3.15 -14.66 4.19
C GLU A 79 -4.45 -13.90 4.46
N PHE A 80 -4.58 -12.72 3.86
CA PHE A 80 -5.77 -11.91 4.04
C PHE A 80 -6.86 -12.31 3.06
N GLY A 81 -6.46 -12.92 1.94
CA GLY A 81 -7.42 -13.34 0.93
C GLY A 81 -7.91 -12.19 0.09
N ILE A 82 -7.19 -11.07 0.11
CA ILE A 82 -7.57 -9.90 -0.66
C ILE A 82 -6.98 -9.96 -2.06
N PRO A 83 -7.86 -10.11 -3.06
CA PRO A 83 -7.44 -10.17 -4.47
C PRO A 83 -6.93 -8.83 -4.99
N PRO A 84 -5.81 -8.87 -5.72
CA PRO A 84 -5.19 -7.67 -6.30
C PRO A 84 -6.03 -7.07 -7.42
N VAL A 85 -6.19 -5.76 -7.39
CA VAL A 85 -6.96 -5.06 -8.41
C VAL A 85 -6.19 -4.95 -9.71
N THR A 86 -4.87 -4.84 -9.60
CA THR A 86 -4.01 -4.73 -10.77
C THR A 86 -2.89 -5.78 -10.73
N THR A 87 -2.29 -6.03 -11.89
CA THR A 87 -1.21 -7.00 -11.99
C THR A 87 0.15 -6.33 -11.82
N GLY A 88 1.02 -6.97 -11.04
CA GLY A 88 2.34 -6.43 -10.81
C GLY A 88 2.92 -5.74 -12.04
N LYS A 89 2.87 -6.43 -13.18
CA LYS A 89 3.39 -5.89 -14.43
C LYS A 89 2.71 -4.55 -14.75
N GLU A 90 1.39 -4.55 -14.74
CA GLU A 90 0.63 -3.34 -15.04
C GLU A 90 0.95 -2.23 -14.03
N MET A 91 1.07 -2.62 -12.77
CA MET A 91 1.37 -1.66 -11.71
C MET A 91 2.64 -0.88 -12.04
N ALA A 92 3.67 -1.58 -12.48
CA ALA A 92 4.93 -0.93 -12.84
C ALA A 92 4.85 -0.28 -14.20
N SER A 93 4.17 -0.93 -15.13
CA SER A 93 4.02 -0.41 -16.48
C SER A 93 3.32 0.95 -16.47
N ALA A 94 2.10 0.97 -15.93
CA ALA A 94 1.32 2.20 -15.86
C ALA A 94 2.10 3.29 -15.13
N GLN A 95 2.23 4.45 -15.78
CA GLN A 95 2.95 5.57 -15.20
C GLN A 95 2.14 6.23 -14.09
N GLU A 96 0.89 6.59 -14.41
CA GLU A 96 0.02 7.23 -13.44
C GLU A 96 -1.33 6.51 -13.36
N PRO A 97 -1.45 5.60 -12.38
CA PRO A 97 -2.68 4.82 -12.17
C PRO A 97 -3.84 5.68 -11.67
N ASP A 98 -4.98 5.05 -11.42
CA ASP A 98 -6.15 5.76 -10.93
C ASP A 98 -6.13 5.86 -9.40
N LYS A 99 -5.87 7.07 -8.91
CA LYS A 99 -5.82 7.29 -7.47
C LYS A 99 -7.00 6.62 -6.77
N LEU A 100 -8.12 6.52 -7.46
CA LEU A 100 -9.31 5.89 -6.91
C LEU A 100 -9.09 4.40 -6.68
N SER A 101 -8.93 3.66 -7.78
CA SER A 101 -8.71 2.22 -7.70
C SER A 101 -7.65 1.89 -6.66
N MET A 102 -6.72 2.81 -6.44
CA MET A 102 -5.66 2.63 -5.47
C MET A 102 -6.19 2.76 -4.04
N VAL A 103 -6.84 3.88 -3.77
CA VAL A 103 -7.40 4.14 -2.44
C VAL A 103 -8.30 3.00 -2.00
N MET A 104 -9.26 2.64 -2.84
CA MET A 104 -10.19 1.57 -2.54
C MET A 104 -9.43 0.30 -2.12
N TYR A 105 -8.29 0.07 -2.75
CA TYR A 105 -7.49 -1.10 -2.44
C TYR A 105 -6.73 -0.93 -1.12
N LEU A 106 -5.91 0.12 -1.06
CA LEU A 106 -5.14 0.42 0.14
C LEU A 106 -6.03 0.40 1.38
N SER A 107 -7.21 1.00 1.24
CA SER A 107 -8.15 1.06 2.36
C SER A 107 -8.23 -0.27 3.08
N LYS A 108 -8.40 -1.34 2.31
CA LYS A 108 -8.50 -2.68 2.89
C LYS A 108 -7.36 -2.94 3.87
N PHE A 109 -6.17 -2.48 3.52
CA PHE A 109 -5.00 -2.66 4.38
C PHE A 109 -5.07 -1.73 5.59
N TYR A 110 -5.75 -0.60 5.42
CA TYR A 110 -5.89 0.38 6.49
C TYR A 110 -6.83 -0.14 7.58
N GLU A 111 -8.01 -0.60 7.17
CA GLU A 111 -8.99 -1.12 8.11
C GLU A 111 -8.54 -2.45 8.68
N LEU A 112 -7.98 -3.31 7.82
CA LEU A 112 -7.51 -4.62 8.24
C LEU A 112 -6.48 -4.50 9.36
N PHE A 113 -5.64 -3.48 9.28
CA PHE A 113 -4.61 -3.24 10.28
C PHE A 113 -5.17 -2.42 11.44
N ARG A 114 -5.83 -1.32 11.12
CA ARG A 114 -6.41 -0.44 12.13
C ARG A 114 -7.56 -1.13 12.86
N GLY A 115 -7.29 -1.61 14.06
CA GLY A 115 -8.31 -2.29 14.85
C GLY A 115 -8.68 -1.53 16.11
N THR A 116 -8.44 -2.15 17.25
CA THR A 116 -8.75 -1.53 18.53
C THR A 116 -7.86 -0.32 18.79
N PRO A 117 -8.44 0.71 19.43
CA PRO A 117 -7.71 1.95 19.74
C PRO A 117 -6.65 1.74 20.82
N LEU A 118 -5.51 2.39 20.67
CA LEU A 118 -4.43 2.28 21.63
C LEU A 118 -3.64 3.59 21.73
N ARG A 119 -3.41 4.05 22.95
CA ARG A 119 -2.67 5.29 23.18
C ARG A 119 -1.49 5.40 22.21
N PRO A 120 -1.16 6.65 21.83
CA PRO A 120 -0.06 6.93 20.92
C PRO A 120 1.30 6.63 21.53
N VAL A 121 2.09 5.82 20.84
CA VAL A 121 3.43 5.46 21.33
C VAL A 121 4.20 6.70 21.77
N GLY A 1 -13.93 25.50 -8.73
CA GLY A 1 -13.31 24.18 -8.63
C GLY A 1 -12.46 24.03 -7.38
N SER A 2 -11.43 24.86 -7.27
CA SER A 2 -10.54 24.81 -6.12
C SER A 2 -11.14 25.57 -4.94
N SER A 3 -11.82 24.85 -4.05
CA SER A 3 -12.43 25.46 -2.88
C SER A 3 -12.22 24.60 -1.64
N GLY A 4 -12.41 25.19 -0.47
CA GLY A 4 -12.25 24.47 0.77
C GLY A 4 -10.81 24.05 1.00
N SER A 5 -10.59 22.74 1.17
CA SER A 5 -9.25 22.22 1.40
C SER A 5 -8.72 22.66 2.75
N SER A 6 -9.58 22.59 3.77
CA SER A 6 -9.19 22.99 5.12
C SER A 6 -9.01 21.78 6.02
N GLY A 7 -9.99 20.86 5.96
CA GLY A 7 -9.93 19.66 6.78
C GLY A 7 -9.32 18.49 6.04
N ASP A 8 -9.02 17.42 6.77
CA ASP A 8 -8.43 16.22 6.17
C ASP A 8 -9.41 15.57 5.20
N ILE A 9 -8.93 15.26 4.01
CA ILE A 9 -9.76 14.62 2.99
C ILE A 9 -9.79 13.12 3.16
N ARG A 10 -10.92 12.50 2.82
CA ARG A 10 -11.07 11.06 2.94
C ARG A 10 -9.74 10.35 2.69
N PRO A 11 -9.19 10.54 1.48
CA PRO A 11 -7.92 9.92 1.09
C PRO A 11 -6.73 10.52 1.84
N SER A 12 -6.63 11.84 1.83
CA SER A 12 -5.55 12.54 2.50
C SER A 12 -5.20 11.85 3.83
N LYS A 13 -6.23 11.36 4.50
CA LYS A 13 -6.04 10.69 5.79
C LYS A 13 -5.31 9.36 5.61
N LEU A 14 -5.76 8.57 4.63
CA LEU A 14 -5.14 7.28 4.36
C LEU A 14 -3.64 7.43 4.14
N LEU A 15 -3.27 8.38 3.30
CA LEU A 15 -1.87 8.63 2.99
C LEU A 15 -1.04 8.74 4.27
N THR A 16 -1.51 9.57 5.20
CA THR A 16 -0.83 9.76 6.47
C THR A 16 -0.50 8.43 7.14
N TRP A 17 -1.54 7.66 7.44
CA TRP A 17 -1.36 6.35 8.07
C TRP A 17 -0.26 5.56 7.38
N CYS A 18 -0.32 5.49 6.06
CA CYS A 18 0.67 4.76 5.28
C CYS A 18 2.05 5.41 5.42
N GLN A 19 2.08 6.73 5.45
CA GLN A 19 3.34 7.46 5.59
C GLN A 19 4.02 7.13 6.91
N GLN A 20 3.24 7.08 7.98
CA GLN A 20 3.78 6.77 9.31
C GLN A 20 4.37 5.37 9.34
N GLN A 21 3.56 4.37 9.00
CA GLN A 21 4.01 2.99 9.00
C GLN A 21 5.32 2.84 8.23
N THR A 22 5.34 3.38 7.01
CA THR A 22 6.52 3.31 6.16
C THR A 22 7.67 4.15 6.74
N GLU A 23 7.32 5.30 7.31
CA GLU A 23 8.31 6.19 7.91
C GLU A 23 9.42 5.39 8.59
N GLY A 24 10.66 5.77 8.34
CA GLY A 24 11.79 5.07 8.95
C GLY A 24 12.54 4.21 7.94
N TYR A 25 11.80 3.49 7.10
CA TYR A 25 12.40 2.62 6.11
C TYR A 25 13.38 3.41 5.24
N GLN A 26 14.19 2.67 4.47
CA GLN A 26 15.17 3.29 3.59
C GLN A 26 14.66 3.34 2.15
N HIS A 27 15.18 4.30 1.38
CA HIS A 27 14.77 4.46 -0.01
C HIS A 27 13.26 4.33 -0.15
N VAL A 28 12.54 4.69 0.91
CA VAL A 28 11.07 4.61 0.90
C VAL A 28 10.45 5.96 1.26
N ASN A 29 10.06 6.71 0.24
CA ASN A 29 9.45 8.02 0.45
C ASN A 29 8.02 8.05 -0.09
N VAL A 30 7.06 7.89 0.81
CA VAL A 30 5.66 7.89 0.42
C VAL A 30 5.08 9.30 0.46
N THR A 31 4.75 9.83 -0.72
CA THR A 31 4.18 11.17 -0.82
C THR A 31 2.80 11.15 -1.46
N ASP A 32 2.63 10.28 -2.45
CA ASP A 32 1.36 10.15 -3.15
C ASP A 32 0.85 8.72 -3.09
N LEU A 33 -0.30 8.47 -3.72
CA LEU A 33 -0.90 7.14 -3.74
C LEU A 33 -1.03 6.62 -5.17
N THR A 34 -0.11 7.03 -6.03
CA THR A 34 -0.13 6.61 -7.42
C THR A 34 1.26 6.15 -7.87
N THR A 35 2.28 6.93 -7.51
CA THR A 35 3.65 6.61 -7.88
C THR A 35 4.37 5.87 -6.75
N SER A 36 4.13 6.33 -5.53
CA SER A 36 4.75 5.72 -4.35
C SER A 36 4.48 4.22 -4.32
N TRP A 37 3.32 3.81 -4.81
CA TRP A 37 2.94 2.41 -4.82
C TRP A 37 2.92 1.87 -6.25
N ARG A 38 3.85 2.37 -7.08
CA ARG A 38 3.95 1.92 -8.46
C ARG A 38 4.80 0.67 -8.58
N SER A 39 5.85 0.59 -7.77
CA SER A 39 6.75 -0.56 -7.78
C SER A 39 6.26 -1.64 -6.82
N GLY A 40 5.75 -1.21 -5.67
CA GLY A 40 5.27 -2.16 -4.67
C GLY A 40 5.93 -1.97 -3.32
N LEU A 41 7.21 -1.62 -3.33
CA LEU A 41 7.96 -1.41 -2.09
C LEU A 41 7.06 -0.80 -1.02
N ALA A 42 6.46 0.34 -1.34
CA ALA A 42 5.57 1.02 -0.41
C ALA A 42 4.72 0.03 0.37
N LEU A 43 3.95 -0.78 -0.36
CA LEU A 43 3.08 -1.78 0.26
C LEU A 43 3.90 -2.79 1.06
N CYS A 44 4.80 -3.49 0.37
CA CYS A 44 5.64 -4.49 1.00
C CYS A 44 6.13 -4.01 2.36
N ALA A 45 6.47 -2.72 2.44
CA ALA A 45 6.95 -2.13 3.68
C ALA A 45 5.95 -2.34 4.81
N ILE A 46 4.69 -2.00 4.55
CA ILE A 46 3.63 -2.15 5.54
C ILE A 46 3.56 -3.58 6.06
N ILE A 47 3.40 -4.53 5.14
CA ILE A 47 3.31 -5.93 5.51
C ILE A 47 4.59 -6.39 6.20
N HIS A 48 5.69 -6.40 5.47
CA HIS A 48 6.98 -6.81 6.02
C HIS A 48 7.17 -6.26 7.43
N ARG A 49 6.80 -5.00 7.62
CA ARG A 49 6.93 -4.36 8.92
C ARG A 49 6.34 -5.23 10.02
N PHE A 50 5.04 -5.48 9.95
CA PHE A 50 4.36 -6.31 10.94
C PHE A 50 4.84 -7.75 10.88
N ARG A 51 4.79 -8.33 9.69
CA ARG A 51 5.22 -9.71 9.50
C ARG A 51 6.34 -9.79 8.46
N PRO A 52 7.60 -9.67 8.92
CA PRO A 52 8.77 -9.73 8.04
C PRO A 52 9.00 -11.12 7.48
N GLU A 53 8.40 -12.13 8.12
CA GLU A 53 8.55 -13.51 7.68
C GLU A 53 7.82 -13.74 6.36
N LEU A 54 6.76 -12.97 6.14
CA LEU A 54 5.97 -13.10 4.92
C LEU A 54 6.71 -12.49 3.73
N ILE A 55 7.01 -11.20 3.84
CA ILE A 55 7.72 -10.50 2.76
C ILE A 55 9.13 -10.12 3.19
N ASN A 56 10.08 -10.26 2.27
CA ASN A 56 11.47 -9.93 2.56
C ASN A 56 11.94 -8.74 1.72
N PHE A 57 11.72 -7.54 2.23
CA PHE A 57 12.13 -6.32 1.52
C PHE A 57 13.60 -6.38 1.14
N ASP A 58 14.42 -6.89 2.04
CA ASP A 58 15.86 -7.00 1.80
C ASP A 58 16.13 -7.45 0.36
N SER A 59 15.36 -8.41 -0.11
CA SER A 59 15.52 -8.93 -1.46
C SER A 59 14.86 -8.01 -2.48
N LEU A 60 13.62 -7.61 -2.19
CA LEU A 60 12.88 -6.72 -3.08
C LEU A 60 13.70 -5.48 -3.43
N ASN A 61 14.07 -5.37 -4.70
CA ASN A 61 14.85 -4.23 -5.17
C ASN A 61 14.05 -3.37 -6.13
N GLU A 62 14.27 -2.06 -6.08
CA GLU A 62 13.56 -1.13 -6.95
C GLU A 62 13.47 -1.68 -8.37
N ASP A 63 14.62 -2.00 -8.94
CA ASP A 63 14.67 -2.53 -10.30
C ASP A 63 13.62 -3.62 -10.50
N ASP A 64 13.36 -4.38 -9.44
CA ASP A 64 12.38 -5.46 -9.49
C ASP A 64 11.00 -4.95 -9.07
N ALA A 65 10.34 -4.22 -9.96
CA ALA A 65 9.01 -3.69 -9.67
C ALA A 65 7.95 -4.77 -9.80
N VAL A 66 7.89 -5.40 -10.97
CA VAL A 66 6.91 -6.45 -11.22
C VAL A 66 6.90 -7.47 -10.08
N GLU A 67 8.08 -7.97 -9.73
CA GLU A 67 8.20 -8.95 -8.65
C GLU A 67 7.70 -8.38 -7.34
N ASN A 68 8.17 -7.18 -7.00
CA ASN A 68 7.77 -6.51 -5.76
C ASN A 68 6.25 -6.48 -5.64
N ASN A 69 5.59 -5.87 -6.61
CA ASN A 69 4.14 -5.77 -6.61
C ASN A 69 3.49 -7.15 -6.53
N GLN A 70 3.72 -7.96 -7.55
CA GLN A 70 3.16 -9.30 -7.60
C GLN A 70 3.27 -9.99 -6.24
N LEU A 71 4.41 -9.82 -5.59
CA LEU A 71 4.63 -10.42 -4.28
C LEU A 71 3.59 -9.96 -3.28
N ALA A 72 3.63 -8.68 -2.92
CA ALA A 72 2.68 -8.11 -1.98
C ALA A 72 1.27 -8.65 -2.23
N PHE A 73 0.87 -8.66 -3.50
CA PHE A 73 -0.45 -9.14 -3.87
C PHE A 73 -0.63 -10.61 -3.49
N ASP A 74 0.37 -11.43 -3.83
CA ASP A 74 0.33 -12.85 -3.52
C ASP A 74 0.29 -13.08 -2.02
N VAL A 75 1.07 -12.29 -1.28
CA VAL A 75 1.12 -12.41 0.17
C VAL A 75 -0.21 -11.99 0.80
N ALA A 76 -0.76 -10.88 0.33
CA ALA A 76 -2.03 -10.38 0.85
C ALA A 76 -3.18 -11.33 0.50
N GLU A 77 -3.08 -11.98 -0.65
CA GLU A 77 -4.11 -12.91 -1.09
C GLU A 77 -3.87 -14.29 -0.50
N ARG A 78 -2.69 -14.50 0.07
CA ARG A 78 -2.35 -15.79 0.67
C ARG A 78 -2.55 -15.75 2.19
N GLU A 79 -2.33 -14.58 2.78
CA GLU A 79 -2.49 -14.42 4.21
C GLU A 79 -3.83 -13.78 4.55
N PHE A 80 -4.11 -12.64 3.95
CA PHE A 80 -5.36 -11.94 4.18
C PHE A 80 -6.46 -12.45 3.25
N GLY A 81 -6.04 -13.09 2.15
CA GLY A 81 -7.00 -13.61 1.20
C GLY A 81 -7.72 -12.53 0.44
N ILE A 82 -7.02 -11.42 0.17
CA ILE A 82 -7.60 -10.31 -0.56
C ILE A 82 -7.16 -10.31 -2.02
N PRO A 83 -8.15 -10.28 -2.92
CA PRO A 83 -7.89 -10.29 -4.37
C PRO A 83 -7.28 -8.98 -4.86
N PRO A 84 -6.17 -9.08 -5.60
CA PRO A 84 -5.46 -7.92 -6.14
C PRO A 84 -6.26 -7.21 -7.24
N VAL A 85 -6.22 -5.89 -7.23
CA VAL A 85 -6.93 -5.09 -8.22
C VAL A 85 -6.16 -5.03 -9.53
N THR A 86 -4.84 -4.86 -9.42
CA THR A 86 -3.99 -4.79 -10.60
C THR A 86 -2.84 -5.79 -10.51
N THR A 87 -2.29 -6.15 -11.67
CA THR A 87 -1.18 -7.10 -11.72
C THR A 87 0.16 -6.38 -11.66
N GLY A 88 1.13 -7.01 -11.00
CA GLY A 88 2.45 -6.41 -10.88
C GLY A 88 2.93 -5.82 -12.20
N LYS A 89 2.76 -6.55 -13.28
CA LYS A 89 3.17 -6.10 -14.60
C LYS A 89 2.61 -4.72 -14.91
N GLU A 90 1.29 -4.57 -14.71
CA GLU A 90 0.63 -3.30 -14.97
C GLU A 90 1.03 -2.25 -13.94
N MET A 91 1.01 -2.65 -12.67
CA MET A 91 1.38 -1.74 -11.58
C MET A 91 2.63 -0.94 -11.95
N ALA A 92 3.63 -1.64 -12.49
CA ALA A 92 4.88 -0.99 -12.88
C ALA A 92 4.75 -0.32 -14.25
N SER A 93 4.04 -0.99 -15.16
CA SER A 93 3.84 -0.46 -16.51
C SER A 93 3.11 0.88 -16.46
N ALA A 94 1.86 0.84 -16.01
CA ALA A 94 1.04 2.05 -15.92
C ALA A 94 1.72 3.10 -15.06
N GLN A 95 2.21 4.16 -15.71
CA GLN A 95 2.89 5.24 -15.00
C GLN A 95 1.97 5.86 -13.96
N GLU A 96 0.84 6.38 -14.42
CA GLU A 96 -0.13 7.01 -13.51
C GLU A 96 -1.38 6.14 -13.37
N PRO A 97 -1.42 5.34 -12.30
CA PRO A 97 -2.55 4.46 -12.02
C PRO A 97 -3.80 5.23 -11.61
N ASP A 98 -4.88 4.49 -11.34
CA ASP A 98 -6.13 5.11 -10.94
C ASP A 98 -6.16 5.37 -9.44
N LYS A 99 -5.93 6.62 -9.05
CA LYS A 99 -5.91 7.00 -7.65
C LYS A 99 -7.01 6.27 -6.87
N LEU A 100 -8.22 6.31 -7.39
CA LEU A 100 -9.36 5.64 -6.76
C LEU A 100 -9.06 4.16 -6.53
N SER A 101 -8.80 3.44 -7.62
CA SER A 101 -8.51 2.02 -7.53
C SER A 101 -7.52 1.73 -6.41
N MET A 102 -6.53 2.61 -6.27
CA MET A 102 -5.51 2.45 -5.23
C MET A 102 -6.11 2.67 -3.85
N VAL A 103 -6.80 3.80 -3.68
CA VAL A 103 -7.43 4.13 -2.41
C VAL A 103 -8.37 3.02 -1.95
N MET A 104 -9.28 2.63 -2.84
CA MET A 104 -10.24 1.58 -2.53
C MET A 104 -9.53 0.31 -2.06
N TYR A 105 -8.40 0.01 -2.68
CA TYR A 105 -7.62 -1.17 -2.33
C TYR A 105 -6.96 -1.00 -0.97
N LEU A 106 -6.07 -0.04 -0.86
CA LEU A 106 -5.36 0.24 0.39
C LEU A 106 -6.31 0.16 1.58
N SER A 107 -7.45 0.83 1.46
CA SER A 107 -8.44 0.83 2.53
C SER A 107 -8.61 -0.56 3.14
N LYS A 108 -8.54 -1.58 2.29
CA LYS A 108 -8.67 -2.95 2.74
C LYS A 108 -7.77 -3.23 3.93
N PHE A 109 -6.54 -2.72 3.87
CA PHE A 109 -5.58 -2.91 4.94
C PHE A 109 -5.79 -1.87 6.05
N TYR A 110 -5.91 -0.61 5.65
CA TYR A 110 -6.12 0.47 6.61
C TYR A 110 -7.15 0.08 7.67
N GLU A 111 -8.37 -0.20 7.22
CA GLU A 111 -9.45 -0.58 8.13
C GLU A 111 -9.08 -1.85 8.90
N LEU A 112 -8.59 -2.85 8.18
CA LEU A 112 -8.19 -4.11 8.79
C LEU A 112 -7.31 -3.88 10.01
N PHE A 113 -6.18 -3.20 9.80
CA PHE A 113 -5.25 -2.91 10.89
C PHE A 113 -5.89 -1.98 11.91
N ARG A 114 -6.46 -0.88 11.42
CA ARG A 114 -7.10 0.09 12.30
C ARG A 114 -7.94 -0.60 13.36
N GLY A 115 -8.75 -1.57 12.94
CA GLY A 115 -9.59 -2.30 13.88
C GLY A 115 -10.84 -2.85 13.22
N THR A 116 -10.87 -4.16 13.01
CA THR A 116 -12.01 -4.81 12.38
C THR A 116 -12.73 -5.73 13.36
N PRO A 117 -14.07 -5.74 13.29
CA PRO A 117 -14.90 -6.56 14.17
C PRO A 117 -14.78 -8.05 13.84
N LEU A 118 -15.06 -8.89 14.84
CA LEU A 118 -14.98 -10.33 14.67
C LEU A 118 -16.02 -10.82 13.67
N ARG A 119 -15.72 -10.64 12.38
CA ARG A 119 -16.63 -11.06 11.32
C ARG A 119 -17.37 -12.33 11.71
N PRO A 120 -18.70 -12.33 11.56
CA PRO A 120 -19.55 -13.48 11.89
C PRO A 120 -19.35 -14.64 10.92
N VAL A 121 -18.80 -15.74 11.43
CA VAL A 121 -18.56 -16.92 10.60
C VAL A 121 -19.89 -17.53 10.13
N GLY A 1 -4.42 19.17 24.29
CA GLY A 1 -5.23 18.97 23.10
C GLY A 1 -6.42 19.90 23.05
N SER A 2 -6.80 20.33 21.85
CA SER A 2 -7.92 21.22 21.67
C SER A 2 -8.87 20.70 20.59
N SER A 3 -10.15 21.03 20.72
CA SER A 3 -11.16 20.59 19.77
C SER A 3 -11.57 21.73 18.84
N GLY A 4 -11.97 21.38 17.62
CA GLY A 4 -12.38 22.39 16.66
C GLY A 4 -11.89 22.08 15.25
N SER A 5 -12.77 21.51 14.44
CA SER A 5 -12.43 21.16 13.06
C SER A 5 -13.67 20.90 12.24
N SER A 6 -13.70 21.45 11.02
CA SER A 6 -14.84 21.27 10.13
C SER A 6 -14.47 20.39 8.94
N GLY A 7 -15.29 19.38 8.68
CA GLY A 7 -15.03 18.48 7.57
C GLY A 7 -13.63 17.92 7.59
N ASP A 8 -13.30 17.09 6.60
CA ASP A 8 -11.98 16.48 6.51
C ASP A 8 -11.84 15.69 5.22
N ILE A 9 -10.60 15.42 4.83
CA ILE A 9 -10.31 14.66 3.62
C ILE A 9 -10.30 13.16 3.90
N ARG A 10 -10.99 12.41 3.05
CA ARG A 10 -11.05 10.95 3.21
C ARG A 10 -9.71 10.31 2.88
N PRO A 11 -9.22 10.57 1.66
CA PRO A 11 -7.94 10.02 1.19
C PRO A 11 -6.76 10.66 1.90
N SER A 12 -7.04 11.44 2.93
CA SER A 12 -5.99 12.11 3.70
C SER A 12 -5.48 11.22 4.83
N LYS A 13 -6.37 10.90 5.77
CA LYS A 13 -6.02 10.06 6.89
C LYS A 13 -5.38 8.75 6.42
N LEU A 14 -5.69 8.37 5.19
CA LEU A 14 -5.14 7.14 4.62
C LEU A 14 -3.66 7.27 4.34
N LEU A 15 -3.29 8.29 3.57
CA LEU A 15 -1.89 8.54 3.24
C LEU A 15 -1.04 8.65 4.50
N THR A 16 -1.57 9.35 5.50
CA THR A 16 -0.85 9.54 6.76
C THR A 16 -0.51 8.20 7.40
N TRP A 17 -1.53 7.42 7.72
CA TRP A 17 -1.33 6.11 8.33
C TRP A 17 -0.26 5.32 7.58
N CYS A 18 -0.34 5.32 6.26
CA CYS A 18 0.60 4.59 5.43
C CYS A 18 2.00 5.20 5.55
N GLN A 19 2.06 6.53 5.56
CA GLN A 19 3.34 7.23 5.68
C GLN A 19 4.05 6.86 6.98
N GLN A 20 3.29 6.83 8.07
CA GLN A 20 3.86 6.49 9.37
C GLN A 20 4.50 5.11 9.35
N GLN A 21 3.74 4.12 8.88
CA GLN A 21 4.24 2.75 8.81
C GLN A 21 5.53 2.68 8.01
N THR A 22 5.52 3.31 6.84
CA THR A 22 6.69 3.33 5.96
C THR A 22 7.83 4.15 6.57
N GLU A 23 7.47 5.16 7.36
CA GLU A 23 8.46 6.01 8.00
C GLU A 23 9.59 5.18 8.60
N GLY A 24 10.81 5.66 8.42
CA GLY A 24 11.97 4.95 8.95
C GLY A 24 12.67 4.12 7.89
N TYR A 25 11.88 3.45 7.05
CA TYR A 25 12.43 2.61 6.00
C TYR A 25 13.43 3.39 5.16
N GLN A 26 14.14 2.68 4.27
CA GLN A 26 15.13 3.31 3.41
C GLN A 26 14.67 3.27 1.95
N HIS A 27 15.09 4.27 1.19
CA HIS A 27 14.72 4.36 -0.23
C HIS A 27 13.20 4.25 -0.40
N VAL A 28 12.47 4.76 0.59
CA VAL A 28 11.01 4.71 0.54
C VAL A 28 10.42 6.09 0.79
N ASN A 29 9.99 6.76 -0.28
CA ASN A 29 9.42 8.09 -0.17
C ASN A 29 7.93 8.06 -0.56
N VAL A 30 7.06 8.15 0.44
CA VAL A 30 5.62 8.14 0.20
C VAL A 30 5.04 9.55 0.31
N THR A 31 4.61 10.09 -0.83
CA THR A 31 4.03 11.43 -0.86
C THR A 31 2.64 11.41 -1.50
N ASP A 32 2.43 10.47 -2.41
CA ASP A 32 1.14 10.34 -3.09
C ASP A 32 0.59 8.94 -2.93
N LEU A 33 -0.57 8.70 -3.54
CA LEU A 33 -1.22 7.39 -3.46
C LEU A 33 -1.41 6.80 -4.85
N THR A 34 -0.51 7.15 -5.76
CA THR A 34 -0.57 6.66 -7.14
C THR A 34 0.73 5.97 -7.54
N THR A 35 1.82 6.73 -7.52
CA THR A 35 3.13 6.19 -7.87
C THR A 35 3.82 5.58 -6.67
N SER A 36 3.51 6.10 -5.48
CA SER A 36 4.11 5.61 -4.25
C SER A 36 3.91 4.10 -4.12
N TRP A 37 2.99 3.56 -4.90
CA TRP A 37 2.70 2.13 -4.87
C TRP A 37 2.79 1.53 -6.27
N ARG A 38 3.64 2.12 -7.11
CA ARG A 38 3.83 1.64 -8.48
C ARG A 38 4.79 0.46 -8.51
N SER A 39 5.78 0.48 -7.61
CA SER A 39 6.77 -0.59 -7.55
C SER A 39 6.34 -1.65 -6.54
N GLY A 40 5.51 -1.26 -5.59
CA GLY A 40 5.05 -2.19 -4.58
C GLY A 40 5.75 -2.00 -3.25
N LEU A 41 7.02 -1.61 -3.31
CA LEU A 41 7.81 -1.39 -2.10
C LEU A 41 6.96 -0.78 -0.99
N ALA A 42 6.28 0.32 -1.31
CA ALA A 42 5.43 1.00 -0.35
C ALA A 42 4.67 0.00 0.51
N LEU A 43 3.73 -0.73 -0.11
CA LEU A 43 2.94 -1.72 0.61
C LEU A 43 3.83 -2.75 1.27
N CYS A 44 4.78 -3.30 0.50
CA CYS A 44 5.69 -4.30 1.01
C CYS A 44 6.29 -3.86 2.35
N ALA A 45 6.36 -2.55 2.56
CA ALA A 45 6.91 -2.00 3.79
C ALA A 45 5.92 -2.14 4.95
N ILE A 46 4.64 -1.88 4.66
CA ILE A 46 3.61 -1.98 5.67
C ILE A 46 3.43 -3.41 6.15
N ILE A 47 3.32 -4.34 5.20
CA ILE A 47 3.15 -5.75 5.52
C ILE A 47 4.37 -6.29 6.26
N HIS A 48 5.55 -6.08 5.68
CA HIS A 48 6.79 -6.55 6.30
C HIS A 48 6.97 -5.96 7.70
N ARG A 49 6.45 -4.75 7.89
CA ARG A 49 6.55 -4.07 9.18
C ARG A 49 6.12 -5.01 10.31
N PHE A 50 4.87 -5.43 10.28
CA PHE A 50 4.34 -6.32 11.31
C PHE A 50 4.98 -7.71 11.21
N ARG A 51 4.93 -8.29 10.01
CA ARG A 51 5.51 -9.61 9.78
C ARG A 51 6.54 -9.57 8.66
N PRO A 52 7.80 -9.31 9.01
CA PRO A 52 8.90 -9.24 8.05
C PRO A 52 9.25 -10.60 7.45
N GLU A 53 8.53 -11.63 7.89
CA GLU A 53 8.76 -12.98 7.42
C GLU A 53 7.96 -13.25 6.13
N LEU A 54 6.83 -12.56 6.00
CA LEU A 54 5.98 -12.73 4.83
C LEU A 54 6.61 -12.08 3.61
N ILE A 55 7.24 -10.92 3.81
CA ILE A 55 7.89 -10.20 2.72
C ILE A 55 9.32 -9.85 3.08
N ASN A 56 10.25 -10.14 2.16
CA ASN A 56 11.66 -9.86 2.37
C ASN A 56 12.07 -8.60 1.63
N PHE A 57 11.83 -7.45 2.24
CA PHE A 57 12.17 -6.17 1.64
C PHE A 57 13.68 -6.08 1.36
N ASP A 58 14.46 -6.71 2.23
CA ASP A 58 15.91 -6.71 2.09
C ASP A 58 16.33 -7.31 0.74
N SER A 59 15.41 -8.06 0.13
CA SER A 59 15.69 -8.69 -1.16
C SER A 59 15.00 -7.93 -2.28
N LEU A 60 13.84 -7.36 -1.99
CA LEU A 60 13.08 -6.60 -2.98
C LEU A 60 13.96 -5.56 -3.65
N ASN A 61 14.11 -5.67 -4.96
CA ASN A 61 14.93 -4.73 -5.73
C ASN A 61 14.05 -3.79 -6.54
N GLU A 62 14.22 -2.49 -6.32
CA GLU A 62 13.45 -1.48 -7.03
C GLU A 62 13.18 -1.91 -8.46
N ASP A 63 14.25 -2.27 -9.17
CA ASP A 63 14.13 -2.70 -10.56
C ASP A 63 13.14 -3.85 -10.69
N ASP A 64 13.19 -4.76 -9.73
CA ASP A 64 12.30 -5.92 -9.75
C ASP A 64 10.90 -5.53 -9.29
N ALA A 65 10.38 -4.44 -9.84
CA ALA A 65 9.05 -3.96 -9.48
C ALA A 65 8.01 -5.06 -9.66
N VAL A 66 7.91 -5.59 -10.87
CA VAL A 66 6.95 -6.65 -11.17
C VAL A 66 6.86 -7.64 -10.02
N GLU A 67 8.00 -8.21 -9.64
CA GLU A 67 8.05 -9.18 -8.56
C GLU A 67 7.66 -8.54 -7.23
N ASN A 68 8.21 -7.36 -6.97
CA ASN A 68 7.91 -6.64 -5.74
C ASN A 68 6.42 -6.55 -5.51
N ASN A 69 5.68 -6.11 -6.53
CA ASN A 69 4.23 -5.99 -6.42
C ASN A 69 3.57 -7.36 -6.26
N GLN A 70 3.83 -8.24 -7.22
CA GLN A 70 3.26 -9.59 -7.18
C GLN A 70 3.44 -10.21 -5.80
N LEU A 71 4.58 -9.95 -5.17
CA LEU A 71 4.86 -10.49 -3.85
C LEU A 71 3.80 -10.05 -2.84
N ALA A 72 3.71 -8.74 -2.62
CA ALA A 72 2.75 -8.18 -1.68
C ALA A 72 1.33 -8.65 -2.01
N PHE A 73 1.02 -8.72 -3.31
CA PHE A 73 -0.30 -9.15 -3.75
C PHE A 73 -0.57 -10.59 -3.31
N ASP A 74 0.26 -11.51 -3.78
CA ASP A 74 0.11 -12.93 -3.44
C ASP A 74 0.06 -13.12 -1.93
N VAL A 75 0.87 -12.34 -1.22
CA VAL A 75 0.93 -12.42 0.24
C VAL A 75 -0.41 -12.03 0.86
N ALA A 76 -0.89 -10.85 0.49
CA ALA A 76 -2.16 -10.35 1.01
C ALA A 76 -3.32 -11.24 0.57
N GLU A 77 -3.10 -12.02 -0.48
CA GLU A 77 -4.13 -12.92 -1.00
C GLU A 77 -3.99 -14.32 -0.39
N ARG A 78 -2.85 -14.57 0.24
CA ARG A 78 -2.59 -15.86 0.87
C ARG A 78 -2.93 -15.83 2.36
N GLU A 79 -2.76 -14.66 2.97
CA GLU A 79 -3.05 -14.49 4.39
C GLU A 79 -4.39 -13.81 4.59
N PHE A 80 -4.55 -12.64 3.98
CA PHE A 80 -5.79 -11.88 4.10
C PHE A 80 -6.82 -12.35 3.07
N GLY A 81 -6.34 -12.98 2.01
CA GLY A 81 -7.23 -13.48 0.98
C GLY A 81 -7.79 -12.37 0.12
N ILE A 82 -7.19 -11.18 0.20
CA ILE A 82 -7.64 -10.04 -0.57
C ILE A 82 -6.97 -10.01 -1.95
N PRO A 83 -7.79 -10.17 -3.00
CA PRO A 83 -7.30 -10.16 -4.38
C PRO A 83 -6.84 -8.78 -4.83
N PRO A 84 -5.74 -8.75 -5.60
CA PRO A 84 -5.17 -7.50 -6.11
C PRO A 84 -6.06 -6.85 -7.16
N VAL A 85 -5.94 -5.52 -7.28
CA VAL A 85 -6.73 -4.78 -8.26
C VAL A 85 -6.07 -4.81 -9.64
N THR A 86 -4.75 -4.73 -9.65
CA THR A 86 -4.00 -4.75 -10.91
C THR A 86 -2.93 -5.84 -10.89
N THR A 87 -2.39 -6.15 -12.07
CA THR A 87 -1.36 -7.17 -12.19
C THR A 87 0.03 -6.57 -12.06
N GLY A 88 0.88 -7.20 -11.24
CA GLY A 88 2.22 -6.71 -11.05
C GLY A 88 2.81 -6.09 -12.29
N LYS A 89 2.79 -6.83 -13.39
CA LYS A 89 3.32 -6.35 -14.65
C LYS A 89 2.76 -4.96 -14.98
N GLU A 90 1.43 -4.87 -15.05
CA GLU A 90 0.77 -3.61 -15.35
C GLU A 90 1.16 -2.53 -14.34
N MET A 91 1.10 -2.88 -13.06
CA MET A 91 1.44 -1.94 -11.99
C MET A 91 2.69 -1.15 -12.35
N ALA A 92 3.68 -1.83 -12.91
CA ALA A 92 4.93 -1.18 -13.31
C ALA A 92 4.76 -0.42 -14.62
N SER A 93 3.93 -0.96 -15.50
CA SER A 93 3.69 -0.34 -16.80
C SER A 93 3.11 1.06 -16.63
N ALA A 94 1.89 1.14 -16.10
CA ALA A 94 1.23 2.41 -15.89
C ALA A 94 2.03 3.29 -14.92
N GLN A 95 2.55 4.40 -15.43
CA GLN A 95 3.34 5.31 -14.61
C GLN A 95 2.47 5.96 -13.53
N GLU A 96 1.25 6.33 -13.90
CA GLU A 96 0.33 6.96 -12.96
C GLU A 96 -1.02 6.23 -12.95
N PRO A 97 -1.18 5.32 -11.99
CA PRO A 97 -2.42 4.53 -11.84
C PRO A 97 -3.60 5.39 -11.38
N ASP A 98 -4.80 4.84 -11.51
CA ASP A 98 -6.00 5.54 -11.10
C ASP A 98 -6.06 5.70 -9.59
N LYS A 99 -5.93 6.95 -9.12
CA LYS A 99 -5.96 7.23 -7.69
C LYS A 99 -7.13 6.53 -7.02
N LEU A 100 -8.15 6.19 -7.80
CA LEU A 100 -9.33 5.50 -7.29
C LEU A 100 -9.01 4.05 -6.95
N SER A 101 -8.70 3.27 -7.97
CA SER A 101 -8.37 1.86 -7.78
C SER A 101 -7.27 1.70 -6.73
N MET A 102 -6.57 2.79 -6.44
CA MET A 102 -5.50 2.76 -5.45
C MET A 102 -6.06 2.94 -4.03
N VAL A 103 -6.85 3.99 -3.84
CA VAL A 103 -7.44 4.26 -2.54
C VAL A 103 -8.41 3.16 -2.12
N MET A 104 -9.22 2.71 -3.07
CA MET A 104 -10.19 1.65 -2.80
C MET A 104 -9.50 0.38 -2.34
N TYR A 105 -8.28 0.17 -2.83
CA TYR A 105 -7.51 -1.01 -2.46
C TYR A 105 -6.83 -0.82 -1.10
N LEU A 106 -5.86 0.09 -1.06
CA LEU A 106 -5.13 0.38 0.18
C LEU A 106 -6.08 0.46 1.36
N SER A 107 -7.22 1.12 1.17
CA SER A 107 -8.21 1.26 2.23
C SER A 107 -8.42 -0.05 2.96
N LYS A 108 -8.42 -1.15 2.20
CA LYS A 108 -8.62 -2.47 2.77
C LYS A 108 -7.56 -2.77 3.83
N PHE A 109 -6.30 -2.52 3.48
CA PHE A 109 -5.19 -2.76 4.39
C PHE A 109 -5.28 -1.85 5.61
N TYR A 110 -5.62 -0.59 5.37
CA TYR A 110 -5.74 0.40 6.45
C TYR A 110 -6.76 -0.06 7.48
N GLU A 111 -8.01 -0.20 7.04
CA GLU A 111 -9.09 -0.62 7.93
C GLU A 111 -8.77 -1.98 8.56
N LEU A 112 -8.37 -2.93 7.73
CA LEU A 112 -8.03 -4.26 8.21
C LEU A 112 -7.00 -4.19 9.34
N PHE A 113 -5.83 -3.66 9.03
CA PHE A 113 -4.76 -3.54 10.00
C PHE A 113 -5.22 -2.74 11.21
N ARG A 114 -5.76 -1.55 10.95
CA ARG A 114 -6.24 -0.68 12.03
C ARG A 114 -7.04 -1.48 13.05
N GLY A 115 -8.15 -2.05 12.62
CA GLY A 115 -8.99 -2.82 13.52
C GLY A 115 -10.47 -2.57 13.31
N THR A 116 -11.10 -1.92 14.28
CA THR A 116 -12.52 -1.60 14.21
C THR A 116 -12.80 -0.18 14.65
N PRO A 117 -13.69 0.51 13.93
CA PRO A 117 -14.07 1.89 14.24
C PRO A 117 -14.89 1.99 15.52
N LEU A 118 -15.22 3.22 15.91
CA LEU A 118 -16.01 3.45 17.12
C LEU A 118 -17.49 3.58 16.78
N ARG A 119 -18.34 3.16 17.71
CA ARG A 119 -19.78 3.22 17.52
C ARG A 119 -20.49 3.63 18.81
N PRO A 120 -21.56 4.42 18.67
CA PRO A 120 -22.35 4.89 19.81
C PRO A 120 -23.14 3.78 20.48
N VAL A 121 -23.64 4.05 21.68
CA VAL A 121 -24.42 3.07 22.42
C VAL A 121 -25.56 2.51 21.59
N GLY A 1 1.05 23.66 -11.83
CA GLY A 1 2.13 22.86 -12.39
C GLY A 1 1.69 21.45 -12.71
N SER A 2 0.82 21.32 -13.70
CA SER A 2 0.33 20.00 -14.11
C SER A 2 -0.47 19.35 -12.97
N SER A 3 -1.29 20.15 -12.29
CA SER A 3 -2.10 19.64 -11.19
C SER A 3 -3.45 19.15 -11.68
N GLY A 4 -3.66 17.84 -11.61
CA GLY A 4 -4.91 17.26 -12.04
C GLY A 4 -6.12 18.00 -11.51
N SER A 5 -6.19 18.13 -10.18
CA SER A 5 -7.30 18.82 -9.54
C SER A 5 -6.84 19.52 -8.26
N SER A 6 -7.59 20.54 -7.86
CA SER A 6 -7.26 21.29 -6.65
C SER A 6 -8.38 21.19 -5.62
N GLY A 7 -8.08 21.61 -4.39
CA GLY A 7 -9.07 21.55 -3.33
C GLY A 7 -8.63 20.71 -2.16
N ASP A 8 -9.59 20.23 -1.38
CA ASP A 8 -9.29 19.40 -0.22
C ASP A 8 -8.96 17.97 -0.65
N ILE A 9 -8.06 17.33 0.08
CA ILE A 9 -7.66 15.96 -0.22
C ILE A 9 -8.55 14.95 0.50
N ARG A 10 -9.18 14.07 -0.27
CA ARG A 10 -10.05 13.05 0.31
C ARG A 10 -9.25 12.00 1.05
N PRO A 11 -8.34 11.33 0.34
CA PRO A 11 -7.49 10.28 0.91
C PRO A 11 -6.45 10.84 1.88
N SER A 12 -6.54 12.15 2.14
CA SER A 12 -5.61 12.81 3.04
C SER A 12 -5.33 11.95 4.26
N LYS A 13 -6.38 11.65 5.02
CA LYS A 13 -6.26 10.83 6.22
C LYS A 13 -5.55 9.52 5.91
N LEU A 14 -6.10 8.76 4.96
CA LEU A 14 -5.51 7.48 4.57
C LEU A 14 -4.01 7.61 4.38
N LEU A 15 -3.60 8.40 3.39
CA LEU A 15 -2.19 8.61 3.10
C LEU A 15 -1.38 8.72 4.38
N THR A 16 -1.78 9.64 5.25
CA THR A 16 -1.10 9.86 6.52
C THR A 16 -0.70 8.53 7.16
N TRP A 17 -1.66 7.63 7.30
CA TRP A 17 -1.41 6.32 7.89
C TRP A 17 -0.25 5.62 7.18
N CYS A 18 -0.42 5.37 5.89
CA CYS A 18 0.61 4.71 5.10
C CYS A 18 1.98 5.37 5.33
N GLN A 19 2.04 6.68 5.16
CA GLN A 19 3.27 7.42 5.34
C GLN A 19 3.96 7.03 6.65
N GLN A 20 3.16 6.95 7.72
CA GLN A 20 3.69 6.59 9.03
C GLN A 20 4.24 5.17 9.02
N GLN A 21 3.43 4.23 8.53
CA GLN A 21 3.83 2.83 8.47
C GLN A 21 5.17 2.68 7.76
N THR A 22 5.31 3.39 6.63
CA THR A 22 6.54 3.33 5.84
C THR A 22 7.51 4.44 6.25
N GLU A 23 7.50 4.77 7.54
CA GLU A 23 8.38 5.82 8.06
C GLU A 23 9.72 5.24 8.48
N GLY A 24 10.80 5.81 7.97
CA GLY A 24 12.13 5.35 8.31
C GLY A 24 12.74 4.51 7.20
N TYR A 25 11.96 3.62 6.64
CA TYR A 25 12.43 2.74 5.56
C TYR A 25 13.39 3.48 4.65
N GLN A 26 14.30 2.74 4.01
CA GLN A 26 15.28 3.32 3.11
C GLN A 26 14.78 3.30 1.67
N HIS A 27 15.11 4.34 0.91
CA HIS A 27 14.69 4.44 -0.48
C HIS A 27 13.16 4.34 -0.60
N VAL A 28 12.47 4.77 0.45
CA VAL A 28 11.01 4.73 0.46
C VAL A 28 10.42 6.09 0.79
N ASN A 29 9.99 6.81 -0.25
CA ASN A 29 9.42 8.14 -0.07
C ASN A 29 7.94 8.15 -0.49
N VAL A 30 7.05 8.04 0.50
CA VAL A 30 5.62 8.04 0.24
C VAL A 30 5.05 9.45 0.29
N THR A 31 4.69 9.98 -0.87
CA THR A 31 4.12 11.32 -0.95
C THR A 31 2.71 11.30 -1.53
N ASP A 32 2.50 10.42 -2.50
CA ASP A 32 1.19 10.28 -3.14
C ASP A 32 0.66 8.86 -3.00
N LEU A 33 -0.50 8.61 -3.60
CA LEU A 33 -1.12 7.29 -3.55
C LEU A 33 -1.30 6.72 -4.96
N THR A 34 -0.40 7.08 -5.86
CA THR A 34 -0.46 6.61 -7.24
C THR A 34 0.89 6.09 -7.70
N THR A 35 1.93 6.91 -7.55
CA THR A 35 3.27 6.52 -7.95
C THR A 35 4.00 5.79 -6.83
N SER A 36 3.75 6.22 -5.60
CA SER A 36 4.39 5.61 -4.43
C SER A 36 4.19 4.10 -4.44
N TRP A 37 3.02 3.67 -4.91
CA TRP A 37 2.70 2.25 -4.97
C TRP A 37 2.80 1.72 -6.40
N ARG A 38 3.68 2.33 -7.19
CA ARG A 38 3.88 1.93 -8.58
C ARG A 38 4.85 0.75 -8.66
N SER A 39 5.87 0.77 -7.81
CA SER A 39 6.87 -0.29 -7.81
C SER A 39 6.41 -1.46 -6.95
N GLY A 40 6.03 -1.18 -5.71
CA GLY A 40 5.58 -2.22 -4.81
C GLY A 40 6.18 -2.08 -3.42
N LEU A 41 7.45 -1.71 -3.36
CA LEU A 41 8.15 -1.56 -2.09
C LEU A 41 7.25 -0.85 -1.06
N ALA A 42 6.47 0.11 -1.54
CA ALA A 42 5.56 0.85 -0.66
C ALA A 42 4.71 -0.09 0.18
N LEU A 43 3.96 -0.95 -0.48
CA LEU A 43 3.09 -1.92 0.20
C LEU A 43 3.93 -2.95 0.96
N CYS A 44 4.84 -3.60 0.26
CA CYS A 44 5.70 -4.60 0.87
C CYS A 44 6.21 -4.13 2.22
N ALA A 45 6.54 -2.86 2.32
CA ALA A 45 7.04 -2.28 3.56
C ALA A 45 6.05 -2.48 4.70
N ILE A 46 4.83 -1.99 4.51
CA ILE A 46 3.79 -2.13 5.52
C ILE A 46 3.74 -3.55 6.08
N ILE A 47 3.69 -4.52 5.18
CA ILE A 47 3.65 -5.92 5.59
C ILE A 47 4.93 -6.33 6.32
N HIS A 48 6.04 -6.29 5.60
CA HIS A 48 7.33 -6.66 6.18
C HIS A 48 7.52 -6.00 7.53
N ARG A 49 6.94 -4.81 7.70
CA ARG A 49 7.05 -4.07 8.95
C ARG A 49 6.53 -4.91 10.12
N PHE A 50 5.27 -5.29 10.05
CA PHE A 50 4.66 -6.09 11.10
C PHE A 50 5.12 -7.54 11.03
N ARG A 51 5.07 -8.11 9.83
CA ARG A 51 5.50 -9.50 9.63
C ARG A 51 6.57 -9.59 8.56
N PRO A 52 7.84 -9.48 8.98
CA PRO A 52 8.99 -9.54 8.08
C PRO A 52 9.19 -10.94 7.50
N GLU A 53 8.71 -11.95 8.22
CA GLU A 53 8.84 -13.33 7.78
C GLU A 53 8.22 -13.53 6.40
N LEU A 54 7.07 -12.88 6.18
CA LEU A 54 6.38 -12.98 4.91
C LEU A 54 7.15 -12.28 3.79
N ILE A 55 7.56 -11.04 4.06
CA ILE A 55 8.31 -10.27 3.08
C ILE A 55 9.56 -9.65 3.72
N ASN A 56 10.69 -9.78 3.04
CA ASN A 56 11.94 -9.23 3.53
C ASN A 56 12.42 -8.08 2.64
N PHE A 57 12.10 -6.85 3.05
CA PHE A 57 12.49 -5.67 2.29
C PHE A 57 13.90 -5.83 1.74
N ASP A 58 14.77 -6.47 2.51
CA ASP A 58 16.15 -6.69 2.10
C ASP A 58 16.21 -7.55 0.85
N SER A 59 15.40 -8.60 0.81
CA SER A 59 15.36 -9.51 -0.33
C SER A 59 14.66 -8.87 -1.52
N LEU A 60 13.73 -7.97 -1.23
CA LEU A 60 12.98 -7.28 -2.27
C LEU A 60 13.91 -6.40 -3.11
N ASN A 61 14.16 -6.81 -4.35
CA ASN A 61 15.02 -6.05 -5.24
C ASN A 61 14.30 -4.80 -5.77
N GLU A 62 14.78 -3.64 -5.35
CA GLU A 62 14.18 -2.38 -5.79
C GLU A 62 14.04 -2.34 -7.30
N ASP A 63 14.95 -3.00 -8.00
CA ASP A 63 14.93 -3.04 -9.46
C ASP A 63 13.80 -3.92 -9.96
N ASP A 64 13.50 -4.98 -9.21
CA ASP A 64 12.43 -5.91 -9.57
C ASP A 64 11.07 -5.39 -9.12
N ALA A 65 10.74 -4.16 -9.52
CA ALA A 65 9.48 -3.54 -9.15
C ALA A 65 8.30 -4.45 -9.49
N VAL A 66 8.31 -4.99 -10.71
CA VAL A 66 7.24 -5.88 -11.16
C VAL A 66 6.98 -6.98 -10.13
N GLU A 67 8.03 -7.73 -9.78
CA GLU A 67 7.91 -8.81 -8.81
C GLU A 67 7.38 -8.28 -7.47
N ASN A 68 7.99 -7.21 -6.99
CA ASN A 68 7.59 -6.61 -5.72
C ASN A 68 6.07 -6.57 -5.60
N ASN A 69 5.42 -5.88 -6.53
CA ASN A 69 3.97 -5.77 -6.52
C ASN A 69 3.32 -7.14 -6.49
N GLN A 70 3.56 -7.94 -7.53
CA GLN A 70 2.99 -9.28 -7.61
C GLN A 70 3.09 -9.99 -6.27
N LEU A 71 4.24 -9.89 -5.62
CA LEU A 71 4.46 -10.52 -4.33
C LEU A 71 3.42 -10.07 -3.31
N ALA A 72 3.46 -8.79 -2.96
CA ALA A 72 2.51 -8.22 -2.01
C ALA A 72 1.10 -8.71 -2.28
N PHE A 73 0.68 -8.61 -3.53
CA PHE A 73 -0.66 -9.04 -3.92
C PHE A 73 -0.88 -10.50 -3.59
N ASP A 74 0.06 -11.35 -4.04
CA ASP A 74 -0.04 -12.78 -3.79
C ASP A 74 -0.13 -13.07 -2.29
N VAL A 75 0.74 -12.44 -1.52
CA VAL A 75 0.75 -12.63 -0.07
C VAL A 75 -0.58 -12.23 0.55
N ALA A 76 -1.11 -11.09 0.13
CA ALA A 76 -2.38 -10.60 0.65
C ALA A 76 -3.53 -11.50 0.21
N GLU A 77 -3.45 -11.99 -1.03
CA GLU A 77 -4.49 -12.87 -1.57
C GLU A 77 -4.40 -14.26 -0.97
N ARG A 78 -3.29 -14.53 -0.27
CA ARG A 78 -3.08 -15.82 0.36
C ARG A 78 -3.36 -15.75 1.86
N GLU A 79 -2.61 -14.93 2.57
CA GLU A 79 -2.78 -14.76 4.00
C GLU A 79 -4.07 -14.00 4.32
N PHE A 80 -4.20 -12.82 3.72
CA PHE A 80 -5.38 -11.98 3.94
C PHE A 80 -6.52 -12.41 3.03
N GLY A 81 -6.19 -13.19 2.01
CA GLY A 81 -7.21 -13.67 1.08
C GLY A 81 -7.89 -12.53 0.35
N ILE A 82 -7.14 -11.47 0.08
CA ILE A 82 -7.69 -10.31 -0.62
C ILE A 82 -7.26 -10.31 -2.09
N PRO A 83 -8.26 -10.35 -2.99
CA PRO A 83 -8.02 -10.34 -4.44
C PRO A 83 -7.48 -9.00 -4.93
N PRO A 84 -6.38 -9.05 -5.69
CA PRO A 84 -5.75 -7.85 -6.25
C PRO A 84 -6.60 -7.21 -7.34
N VAL A 85 -6.48 -5.89 -7.47
CA VAL A 85 -7.23 -5.15 -8.49
C VAL A 85 -6.44 -5.06 -9.79
N THR A 86 -5.11 -5.03 -9.67
CA THR A 86 -4.24 -4.94 -10.84
C THR A 86 -3.05 -5.88 -10.72
N THR A 87 -2.39 -6.14 -11.84
CA THR A 87 -1.23 -7.03 -11.86
C THR A 87 0.06 -6.25 -11.70
N GLY A 88 0.98 -6.77 -10.90
CA GLY A 88 2.25 -6.10 -10.68
C GLY A 88 2.83 -5.52 -11.95
N LYS A 89 2.78 -6.32 -13.02
CA LYS A 89 3.30 -5.88 -14.31
C LYS A 89 2.70 -4.55 -14.74
N GLU A 90 1.36 -4.48 -14.69
CA GLU A 90 0.65 -3.27 -15.06
C GLU A 90 0.89 -2.15 -14.04
N MET A 91 0.82 -2.51 -12.76
CA MET A 91 1.02 -1.54 -11.69
C MET A 91 2.30 -0.74 -11.91
N ALA A 92 3.37 -1.45 -12.28
CA ALA A 92 4.66 -0.81 -12.53
C ALA A 92 4.68 -0.14 -13.90
N SER A 93 4.06 -0.79 -14.88
CA SER A 93 4.01 -0.25 -16.24
C SER A 93 3.29 1.09 -16.28
N ALA A 94 2.01 1.07 -15.91
CA ALA A 94 1.20 2.29 -15.90
C ALA A 94 1.91 3.41 -15.14
N GLN A 95 2.22 4.49 -15.84
CA GLN A 95 2.90 5.63 -15.24
C GLN A 95 2.05 6.23 -14.12
N GLU A 96 0.86 6.68 -14.46
CA GLU A 96 -0.05 7.28 -13.50
C GLU A 96 -1.34 6.47 -13.38
N PRO A 97 -1.38 5.59 -12.37
CA PRO A 97 -2.55 4.73 -12.12
C PRO A 97 -3.75 5.52 -11.61
N ASP A 98 -4.86 4.82 -11.37
CA ASP A 98 -6.07 5.46 -10.87
C ASP A 98 -5.97 5.73 -9.38
N LYS A 99 -6.46 6.90 -8.96
CA LYS A 99 -6.43 7.28 -7.55
C LYS A 99 -7.50 6.54 -6.76
N LEU A 100 -8.66 6.35 -7.39
CA LEU A 100 -9.77 5.65 -6.74
C LEU A 100 -9.42 4.20 -6.48
N SER A 101 -9.22 3.44 -7.55
CA SER A 101 -8.88 2.03 -7.43
C SER A 101 -7.77 1.82 -6.41
N MET A 102 -6.80 2.73 -6.40
CA MET A 102 -5.68 2.65 -5.47
C MET A 102 -6.15 2.78 -4.03
N VAL A 103 -6.98 3.80 -3.78
CA VAL A 103 -7.51 4.04 -2.45
C VAL A 103 -8.39 2.88 -1.99
N MET A 104 -9.50 2.67 -2.69
CA MET A 104 -10.42 1.58 -2.35
C MET A 104 -9.65 0.33 -1.96
N TYR A 105 -8.56 0.05 -2.66
CA TYR A 105 -7.75 -1.13 -2.39
C TYR A 105 -6.98 -0.96 -1.08
N LEU A 106 -6.14 0.06 -1.02
CA LEU A 106 -5.34 0.33 0.17
C LEU A 106 -6.20 0.27 1.43
N SER A 107 -7.37 0.89 1.36
CA SER A 107 -8.29 0.91 2.50
C SER A 107 -8.37 -0.47 3.16
N LYS A 108 -8.46 -1.50 2.33
CA LYS A 108 -8.54 -2.88 2.83
C LYS A 108 -7.48 -3.13 3.90
N PHE A 109 -6.26 -2.69 3.63
CA PHE A 109 -5.15 -2.88 4.56
C PHE A 109 -5.27 -1.90 5.74
N TYR A 110 -5.68 -0.68 5.44
CA TYR A 110 -5.84 0.35 6.47
C TYR A 110 -6.66 -0.19 7.65
N GLU A 111 -7.87 -0.64 7.35
CA GLU A 111 -8.75 -1.18 8.39
C GLU A 111 -8.19 -2.47 8.96
N LEU A 112 -7.80 -3.38 8.08
CA LEU A 112 -7.23 -4.66 8.50
C LEU A 112 -6.18 -4.47 9.59
N PHE A 113 -5.20 -3.61 9.30
CA PHE A 113 -4.13 -3.34 10.26
C PHE A 113 -4.66 -2.53 11.45
N ARG A 114 -5.48 -1.53 11.16
CA ARG A 114 -6.04 -0.69 12.21
C ARG A 114 -7.08 -1.46 13.03
N GLY A 115 -6.74 -1.75 14.27
CA GLY A 115 -7.64 -2.48 15.14
C GLY A 115 -7.22 -3.92 15.35
N THR A 116 -7.73 -4.81 14.50
CA THR A 116 -7.40 -6.23 14.60
C THR A 116 -7.46 -6.90 13.23
N PRO A 117 -6.48 -7.78 12.96
CA PRO A 117 -6.40 -8.51 11.69
C PRO A 117 -7.50 -9.55 11.55
N LEU A 118 -7.42 -10.36 10.50
CA LEU A 118 -8.41 -11.41 10.26
C LEU A 118 -9.80 -10.95 10.68
N ARG A 119 -10.17 -9.75 10.25
CA ARG A 119 -11.48 -9.19 10.59
C ARG A 119 -12.60 -10.12 10.14
N PRO A 120 -13.71 -10.13 10.89
CA PRO A 120 -14.88 -10.96 10.58
C PRO A 120 -15.60 -10.50 9.33
N VAL A 121 -15.71 -11.39 8.34
CA VAL A 121 -16.38 -11.08 7.10
C VAL A 121 -17.88 -11.34 7.20
N GLY A 1 -7.08 19.85 19.17
CA GLY A 1 -8.25 19.02 19.32
C GLY A 1 -8.73 18.44 18.00
N SER A 2 -9.44 17.32 18.06
CA SER A 2 -9.96 16.68 16.87
C SER A 2 -10.98 17.56 16.17
N SER A 3 -12.07 17.86 16.88
CA SER A 3 -13.14 18.70 16.32
C SER A 3 -12.57 19.94 15.66
N GLY A 4 -13.03 20.23 14.45
CA GLY A 4 -12.54 21.39 13.72
C GLY A 4 -12.84 21.31 12.24
N SER A 5 -13.43 22.37 11.70
CA SER A 5 -13.76 22.42 10.27
C SER A 5 -12.56 22.86 9.44
N SER A 6 -11.40 22.28 9.72
CA SER A 6 -10.18 22.62 9.01
C SER A 6 -10.08 21.84 7.70
N GLY A 7 -11.20 21.77 6.99
CA GLY A 7 -11.23 21.06 5.72
C GLY A 7 -10.67 19.65 5.83
N ASP A 8 -11.41 18.78 6.51
CA ASP A 8 -10.99 17.40 6.70
C ASP A 8 -10.90 16.67 5.36
N ILE A 9 -9.68 16.34 4.94
CA ILE A 9 -9.48 15.65 3.67
C ILE A 9 -9.58 14.13 3.86
N ARG A 10 -10.36 13.49 3.00
CA ARG A 10 -10.55 12.05 3.06
C ARG A 10 -9.27 11.33 2.64
N PRO A 11 -8.80 11.61 1.42
CA PRO A 11 -7.59 10.99 0.88
C PRO A 11 -6.33 11.47 1.60
N SER A 12 -6.51 12.18 2.69
CA SER A 12 -5.39 12.70 3.47
C SER A 12 -5.06 11.77 4.64
N LYS A 13 -6.09 11.35 5.37
CA LYS A 13 -5.92 10.47 6.51
C LYS A 13 -5.29 9.15 6.07
N LEU A 14 -5.61 8.71 4.86
CA LEU A 14 -5.07 7.47 4.33
C LEU A 14 -3.57 7.56 4.14
N LEU A 15 -3.12 8.61 3.47
CA LEU A 15 -1.70 8.81 3.21
C LEU A 15 -0.92 8.89 4.53
N THR A 16 -1.50 9.57 5.51
CA THR A 16 -0.87 9.72 6.81
C THR A 16 -0.53 8.36 7.42
N TRP A 17 -1.55 7.54 7.62
CA TRP A 17 -1.37 6.21 8.20
C TRP A 17 -0.24 5.47 7.49
N CYS A 18 -0.30 5.46 6.16
CA CYS A 18 0.71 4.77 5.36
C CYS A 18 2.10 5.36 5.62
N GLN A 19 2.21 6.68 5.52
CA GLN A 19 3.47 7.37 5.74
C GLN A 19 4.09 6.95 7.07
N GLN A 20 3.24 6.73 8.07
CA GLN A 20 3.71 6.32 9.39
C GLN A 20 4.31 4.92 9.34
N GLN A 21 3.58 3.99 8.75
CA GLN A 21 4.04 2.61 8.65
C GLN A 21 5.31 2.52 7.82
N THR A 22 5.36 3.26 6.71
CA THR A 22 6.52 3.27 5.84
C THR A 22 7.67 4.04 6.47
N GLU A 23 7.34 5.01 7.31
CA GLU A 23 8.34 5.84 7.97
C GLU A 23 9.44 4.97 8.58
N GLY A 24 10.68 5.38 8.39
CA GLY A 24 11.80 4.64 8.93
C GLY A 24 12.57 3.89 7.86
N TYR A 25 11.84 3.28 6.92
CA TYR A 25 12.45 2.52 5.84
C TYR A 25 13.44 3.38 5.07
N GLN A 26 14.24 2.74 4.22
CA GLN A 26 15.23 3.44 3.42
C GLN A 26 14.79 3.52 1.96
N HIS A 27 15.16 4.62 1.30
CA HIS A 27 14.81 4.83 -0.10
C HIS A 27 13.30 4.67 -0.31
N VAL A 28 12.54 5.07 0.70
CA VAL A 28 11.08 4.99 0.64
C VAL A 28 10.43 6.33 0.92
N ASN A 29 10.00 7.01 -0.13
CA ASN A 29 9.36 8.32 0.01
C ASN A 29 7.89 8.26 -0.42
N VAL A 30 7.00 8.26 0.56
CA VAL A 30 5.56 8.22 0.28
C VAL A 30 4.97 9.61 0.22
N THR A 31 4.71 10.09 -0.99
CA THR A 31 4.14 11.41 -1.19
C THR A 31 2.76 11.33 -1.85
N ASP A 32 2.55 10.29 -2.64
CA ASP A 32 1.28 10.10 -3.33
C ASP A 32 0.79 8.66 -3.16
N LEU A 33 -0.32 8.34 -3.82
CA LEU A 33 -0.89 7.00 -3.74
C LEU A 33 -1.04 6.39 -5.13
N THR A 34 -0.21 6.84 -6.06
CA THR A 34 -0.25 6.33 -7.43
C THR A 34 1.14 5.94 -7.90
N THR A 35 2.15 6.72 -7.51
CA THR A 35 3.53 6.45 -7.91
C THR A 35 4.29 5.74 -6.79
N SER A 36 4.18 6.28 -5.58
CA SER A 36 4.86 5.70 -4.42
C SER A 36 4.53 4.22 -4.28
N TRP A 37 3.40 3.81 -4.86
CA TRP A 37 2.97 2.42 -4.81
C TRP A 37 2.95 1.80 -6.19
N ARG A 38 3.83 2.29 -7.07
CA ARG A 38 3.91 1.78 -8.44
C ARG A 38 4.84 0.56 -8.50
N SER A 39 5.90 0.58 -7.70
CA SER A 39 6.86 -0.51 -7.67
C SER A 39 6.40 -1.61 -6.71
N GLY A 40 5.81 -1.21 -5.60
CA GLY A 40 5.34 -2.17 -4.61
C GLY A 40 5.97 -1.96 -3.25
N LEU A 41 7.25 -1.61 -3.24
CA LEU A 41 7.97 -1.37 -1.99
C LEU A 41 7.05 -0.76 -0.94
N ALA A 42 6.34 0.30 -1.32
CA ALA A 42 5.42 0.98 -0.41
C ALA A 42 4.64 -0.03 0.42
N LEU A 43 3.78 -0.80 -0.23
CA LEU A 43 2.97 -1.80 0.46
C LEU A 43 3.86 -2.80 1.21
N CYS A 44 4.76 -3.45 0.47
CA CYS A 44 5.67 -4.43 1.06
C CYS A 44 6.10 -3.99 2.46
N ALA A 45 6.42 -2.70 2.60
CA ALA A 45 6.84 -2.16 3.88
C ALA A 45 5.77 -2.35 4.95
N ILE A 46 4.55 -1.94 4.62
CA ILE A 46 3.43 -2.06 5.56
C ILE A 46 3.29 -3.50 6.06
N ILE A 47 3.27 -4.44 5.14
CA ILE A 47 3.15 -5.86 5.49
C ILE A 47 4.36 -6.33 6.28
N HIS A 48 5.54 -6.27 5.65
CA HIS A 48 6.77 -6.69 6.29
C HIS A 48 6.83 -6.18 7.73
N ARG A 49 6.45 -4.92 7.92
CA ARG A 49 6.47 -4.31 9.25
C ARG A 49 5.93 -5.28 10.30
N PHE A 50 4.67 -5.67 10.15
CA PHE A 50 4.04 -6.60 11.09
C PHE A 50 4.65 -7.99 10.96
N ARG A 51 4.71 -8.51 9.75
CA ARG A 51 5.27 -9.82 9.50
C ARG A 51 6.36 -9.77 8.44
N PRO A 52 7.61 -9.55 8.87
CA PRO A 52 8.76 -9.46 7.97
C PRO A 52 9.11 -10.81 7.35
N GLU A 53 8.58 -11.88 7.93
CA GLU A 53 8.83 -13.23 7.44
C GLU A 53 8.12 -13.46 6.11
N LEU A 54 6.97 -12.82 5.93
CA LEU A 54 6.20 -12.96 4.71
C LEU A 54 6.89 -12.28 3.54
N ILE A 55 7.36 -11.05 3.76
CA ILE A 55 8.05 -10.30 2.73
C ILE A 55 9.45 -9.91 3.18
N ASN A 56 10.39 -9.92 2.24
CA ASN A 56 11.77 -9.57 2.53
C ASN A 56 12.20 -8.33 1.74
N PHE A 57 12.07 -7.17 2.35
CA PHE A 57 12.44 -5.92 1.69
C PHE A 57 13.89 -5.97 1.21
N ASP A 58 14.76 -6.56 2.01
CA ASP A 58 16.16 -6.68 1.67
C ASP A 58 16.35 -7.27 0.27
N SER A 59 15.46 -8.20 -0.08
CA SER A 59 15.52 -8.84 -1.39
C SER A 59 14.85 -7.97 -2.45
N LEU A 60 13.65 -7.49 -2.14
CA LEU A 60 12.91 -6.64 -3.08
C LEU A 60 13.77 -5.48 -3.56
N ASN A 61 14.22 -5.56 -4.81
CA ASN A 61 15.06 -4.51 -5.38
C ASN A 61 14.24 -3.64 -6.34
N GLU A 62 14.35 -2.33 -6.19
CA GLU A 62 13.63 -1.39 -7.05
C GLU A 62 13.53 -1.93 -8.47
N ASP A 63 14.66 -2.38 -9.01
CA ASP A 63 14.70 -2.92 -10.36
C ASP A 63 13.59 -3.94 -10.57
N ASP A 64 13.43 -4.85 -9.60
CA ASP A 64 12.41 -5.88 -9.68
C ASP A 64 11.07 -5.36 -9.18
N ALA A 65 10.54 -4.34 -9.85
CA ALA A 65 9.26 -3.75 -9.49
C ALA A 65 8.12 -4.72 -9.73
N VAL A 66 7.97 -5.15 -10.98
CA VAL A 66 6.91 -6.08 -11.34
C VAL A 66 6.77 -7.19 -10.31
N GLU A 67 7.87 -7.87 -10.02
CA GLU A 67 7.88 -8.96 -9.04
C GLU A 67 7.51 -8.43 -7.66
N ASN A 68 8.10 -7.31 -7.28
CA ASN A 68 7.83 -6.71 -5.97
C ASN A 68 6.34 -6.62 -5.70
N ASN A 69 5.62 -5.97 -6.61
CA ASN A 69 4.17 -5.83 -6.48
C ASN A 69 3.48 -7.18 -6.41
N GLN A 70 3.64 -7.98 -7.47
CA GLN A 70 3.03 -9.29 -7.54
C GLN A 70 3.17 -10.02 -6.21
N LEU A 71 4.35 -9.93 -5.61
CA LEU A 71 4.61 -10.58 -4.32
C LEU A 71 3.61 -10.12 -3.27
N ALA A 72 3.69 -8.84 -2.91
CA ALA A 72 2.79 -8.28 -1.91
C ALA A 72 1.35 -8.75 -2.14
N PHE A 73 0.91 -8.72 -3.39
CA PHE A 73 -0.43 -9.14 -3.73
C PHE A 73 -0.66 -10.61 -3.36
N ASP A 74 0.25 -11.47 -3.79
CA ASP A 74 0.14 -12.89 -3.49
C ASP A 74 0.15 -13.14 -1.99
N VAL A 75 0.97 -12.37 -1.28
CA VAL A 75 1.07 -12.51 0.18
C VAL A 75 -0.24 -12.10 0.86
N ALA A 76 -0.78 -10.97 0.44
CA ALA A 76 -2.03 -10.46 1.01
C ALA A 76 -3.20 -11.37 0.63
N GLU A 77 -3.11 -11.99 -0.54
CA GLU A 77 -4.18 -12.87 -1.02
C GLU A 77 -4.01 -14.28 -0.43
N ARG A 78 -2.84 -14.54 0.14
CA ARG A 78 -2.56 -15.84 0.73
C ARG A 78 -2.72 -15.79 2.25
N GLU A 79 -2.49 -14.62 2.84
CA GLU A 79 -2.62 -14.45 4.28
C GLU A 79 -3.93 -13.75 4.63
N PHE A 80 -4.19 -12.61 3.99
CA PHE A 80 -5.41 -11.85 4.23
C PHE A 80 -6.54 -12.35 3.33
N GLY A 81 -6.18 -13.01 2.24
CA GLY A 81 -7.18 -13.52 1.32
C GLY A 81 -7.85 -12.42 0.51
N ILE A 82 -7.13 -11.32 0.30
CA ILE A 82 -7.66 -10.19 -0.45
C ILE A 82 -7.19 -10.24 -1.90
N PRO A 83 -8.16 -10.28 -2.83
CA PRO A 83 -7.87 -10.33 -4.26
C PRO A 83 -7.32 -9.01 -4.78
N PRO A 84 -6.21 -9.10 -5.55
CA PRO A 84 -5.55 -7.92 -6.11
C PRO A 84 -6.39 -7.27 -7.22
N VAL A 85 -6.41 -5.94 -7.24
CA VAL A 85 -7.16 -5.20 -8.24
C VAL A 85 -6.37 -5.06 -9.54
N THR A 86 -5.04 -5.06 -9.41
CA THR A 86 -4.16 -4.94 -10.57
C THR A 86 -2.98 -5.88 -10.46
N THR A 87 -2.41 -6.25 -11.62
CA THR A 87 -1.26 -7.15 -11.65
C THR A 87 0.05 -6.38 -11.57
N GLY A 88 1.01 -6.94 -10.84
CA GLY A 88 2.30 -6.29 -10.69
C GLY A 88 2.80 -5.70 -12.00
N LYS A 89 2.55 -6.42 -13.10
CA LYS A 89 2.99 -5.96 -14.41
C LYS A 89 2.43 -4.57 -14.73
N GLU A 90 1.10 -4.48 -14.78
CA GLU A 90 0.45 -3.20 -15.07
C GLU A 90 0.73 -2.18 -13.96
N MET A 91 0.76 -2.65 -12.72
CA MET A 91 1.02 -1.78 -11.59
C MET A 91 2.36 -1.06 -11.75
N ALA A 92 3.37 -1.80 -12.16
CA ALA A 92 4.70 -1.23 -12.35
C ALA A 92 4.81 -0.54 -13.71
N SER A 93 4.14 -1.11 -14.70
CA SER A 93 4.16 -0.55 -16.06
C SER A 93 3.53 0.84 -16.08
N ALA A 94 2.25 0.91 -15.72
CA ALA A 94 1.54 2.18 -15.70
C ALA A 94 2.24 3.19 -14.81
N GLN A 95 2.76 4.26 -15.42
CA GLN A 95 3.47 5.30 -14.68
C GLN A 95 2.55 5.94 -13.64
N GLU A 96 1.31 6.20 -14.03
CA GLU A 96 0.34 6.81 -13.12
C GLU A 96 -0.99 6.07 -13.18
N PRO A 97 -1.20 5.14 -12.24
CA PRO A 97 -2.43 4.35 -12.15
C PRO A 97 -3.63 5.19 -11.73
N ASP A 98 -4.78 4.54 -11.58
CA ASP A 98 -6.00 5.22 -11.18
C ASP A 98 -6.04 5.43 -9.66
N LYS A 99 -5.93 6.68 -9.24
CA LYS A 99 -5.95 7.00 -7.82
C LYS A 99 -7.04 6.23 -7.10
N LEU A 100 -8.26 6.33 -7.60
CA LEU A 100 -9.40 5.65 -7.01
C LEU A 100 -9.09 4.17 -6.76
N SER A 101 -8.89 3.42 -7.84
CA SER A 101 -8.57 2.01 -7.75
C SER A 101 -7.58 1.75 -6.62
N MET A 102 -6.61 2.64 -6.47
CA MET A 102 -5.60 2.51 -5.43
C MET A 102 -6.21 2.71 -4.05
N VAL A 103 -6.93 3.81 -3.86
CA VAL A 103 -7.56 4.12 -2.60
C VAL A 103 -8.51 3.00 -2.18
N MET A 104 -9.48 2.70 -3.04
CA MET A 104 -10.45 1.65 -2.76
C MET A 104 -9.76 0.37 -2.31
N TYR A 105 -8.57 0.12 -2.87
CA TYR A 105 -7.81 -1.07 -2.53
C TYR A 105 -7.14 -0.92 -1.17
N LEU A 106 -6.18 0.01 -1.08
CA LEU A 106 -5.47 0.26 0.16
C LEU A 106 -6.43 0.31 1.34
N SER A 107 -7.58 0.95 1.14
CA SER A 107 -8.57 1.07 2.19
C SER A 107 -8.74 -0.25 2.95
N LYS A 108 -8.83 -1.34 2.19
CA LYS A 108 -8.98 -2.66 2.78
C LYS A 108 -7.99 -2.88 3.92
N PHE A 109 -6.71 -2.63 3.63
CA PHE A 109 -5.66 -2.80 4.62
C PHE A 109 -5.83 -1.81 5.78
N TYR A 110 -6.00 -0.53 5.44
CA TYR A 110 -6.18 0.50 6.44
C TYR A 110 -7.13 0.04 7.54
N GLU A 111 -8.24 -0.54 7.14
CA GLU A 111 -9.23 -1.03 8.10
C GLU A 111 -8.74 -2.31 8.77
N LEU A 112 -8.38 -3.30 7.96
CA LEU A 112 -7.89 -4.57 8.48
C LEU A 112 -6.90 -4.35 9.62
N PHE A 113 -5.88 -3.55 9.37
CA PHE A 113 -4.87 -3.26 10.37
C PHE A 113 -5.42 -2.35 11.46
N ARG A 114 -6.10 -1.29 11.05
CA ARG A 114 -6.68 -0.34 11.99
C ARG A 114 -7.70 -1.04 12.90
N GLY A 115 -7.24 -1.47 14.07
CA GLY A 115 -8.12 -2.14 15.01
C GLY A 115 -8.55 -1.24 16.14
N THR A 116 -7.61 -0.92 17.04
CA THR A 116 -7.90 -0.06 18.17
C THR A 116 -7.87 1.41 17.77
N PRO A 117 -8.66 2.23 18.48
CA PRO A 117 -8.74 3.68 18.23
C PRO A 117 -7.46 4.40 18.61
N LEU A 118 -6.98 5.25 17.71
CA LEU A 118 -5.76 6.02 17.95
C LEU A 118 -6.07 7.44 18.39
N ARG A 119 -6.01 7.69 19.69
CA ARG A 119 -6.30 9.01 20.23
C ARG A 119 -5.19 10.00 19.89
N PRO A 120 -5.58 11.22 19.48
CA PRO A 120 -4.62 12.27 19.10
C PRO A 120 -3.87 12.82 20.31
N VAL A 121 -2.59 12.48 20.40
CA VAL A 121 -1.75 12.93 21.50
C VAL A 121 -0.77 14.00 21.04
N GLY A 1 -3.01 17.39 -12.39
CA GLY A 1 -2.60 18.68 -11.89
C GLY A 1 -3.46 19.15 -10.74
N SER A 2 -3.61 20.47 -10.61
CA SER A 2 -4.41 21.05 -9.54
C SER A 2 -5.89 20.84 -9.81
N SER A 3 -6.50 19.89 -9.09
CA SER A 3 -7.91 19.59 -9.25
C SER A 3 -8.47 18.93 -8.00
N GLY A 4 -9.78 18.68 -8.00
CA GLY A 4 -10.42 18.05 -6.86
C GLY A 4 -11.26 19.02 -6.05
N SER A 5 -11.68 18.58 -4.87
CA SER A 5 -12.50 19.43 -3.99
C SER A 5 -11.61 20.22 -3.04
N SER A 6 -11.95 21.51 -2.87
CA SER A 6 -11.19 22.37 -1.98
C SER A 6 -11.71 22.28 -0.56
N GLY A 7 -10.86 21.78 0.34
CA GLY A 7 -11.25 21.64 1.74
C GLY A 7 -10.77 20.34 2.34
N ASP A 8 -11.70 19.59 2.94
CA ASP A 8 -11.37 18.32 3.56
C ASP A 8 -10.96 17.29 2.51
N ILE A 9 -9.73 16.80 2.62
CA ILE A 9 -9.22 15.81 1.68
C ILE A 9 -9.54 14.39 2.14
N ARG A 10 -10.17 13.62 1.26
CA ARG A 10 -10.54 12.25 1.57
C ARG A 10 -9.30 11.35 1.61
N PRO A 11 -8.56 11.31 0.50
CA PRO A 11 -7.35 10.50 0.38
C PRO A 11 -6.20 11.04 1.23
N SER A 12 -6.51 12.01 2.07
CA SER A 12 -5.51 12.62 2.93
C SER A 12 -5.27 11.77 4.18
N LYS A 13 -6.35 11.41 4.85
CA LYS A 13 -6.27 10.59 6.05
C LYS A 13 -5.56 9.26 5.77
N LEU A 14 -6.02 8.57 4.73
CA LEU A 14 -5.44 7.29 4.34
C LEU A 14 -3.93 7.41 4.17
N LEU A 15 -3.51 8.36 3.34
CA LEU A 15 -2.09 8.58 3.10
C LEU A 15 -1.31 8.68 4.41
N THR A 16 -1.76 9.57 5.29
CA THR A 16 -1.12 9.76 6.58
C THR A 16 -0.81 8.41 7.24
N TRP A 17 -1.82 7.57 7.36
CA TRP A 17 -1.65 6.26 7.97
C TRP A 17 -0.49 5.50 7.34
N CYS A 18 -0.56 5.30 6.03
CA CYS A 18 0.48 4.60 5.30
C CYS A 18 1.85 5.22 5.58
N GLN A 19 1.91 6.54 5.53
CA GLN A 19 3.16 7.26 5.78
C GLN A 19 3.76 6.86 7.12
N GLN A 20 2.92 6.82 8.15
CA GLN A 20 3.37 6.46 9.49
C GLN A 20 3.91 5.03 9.52
N GLN A 21 3.15 4.12 8.96
CA GLN A 21 3.55 2.71 8.93
C GLN A 21 4.93 2.56 8.29
N THR A 22 5.13 3.23 7.16
CA THR A 22 6.41 3.18 6.45
C THR A 22 7.35 4.28 6.93
N GLU A 23 7.27 4.60 8.22
CA GLU A 23 8.12 5.65 8.79
C GLU A 23 9.46 5.07 9.21
N GLY A 24 10.54 5.67 8.69
CA GLY A 24 11.87 5.20 9.02
C GLY A 24 12.52 4.43 7.88
N TYR A 25 11.74 3.59 7.22
CA TYR A 25 12.24 2.79 6.11
C TYR A 25 13.23 3.59 5.26
N GLN A 26 14.14 2.89 4.60
CA GLN A 26 15.12 3.54 3.75
C GLN A 26 14.67 3.56 2.29
N HIS A 27 15.22 4.49 1.52
CA HIS A 27 14.86 4.63 0.11
C HIS A 27 13.35 4.49 -0.08
N VAL A 28 12.59 4.84 0.95
CA VAL A 28 11.13 4.76 0.89
C VAL A 28 10.50 6.10 1.24
N ASN A 29 10.22 6.90 0.22
CA ASN A 29 9.60 8.21 0.42
C ASN A 29 8.17 8.22 -0.09
N VAL A 30 7.22 7.97 0.80
CA VAL A 30 5.81 7.95 0.44
C VAL A 30 5.22 9.36 0.41
N THR A 31 5.01 9.88 -0.79
CA THR A 31 4.46 11.22 -0.95
C THR A 31 3.05 11.17 -1.55
N ASP A 32 2.85 10.26 -2.49
CA ASP A 32 1.55 10.10 -3.14
C ASP A 32 1.04 8.68 -2.99
N LEU A 33 -0.16 8.42 -3.52
CA LEU A 33 -0.76 7.10 -3.45
C LEU A 33 -0.87 6.48 -4.84
N THR A 34 0.00 6.89 -5.74
CA THR A 34 0.00 6.37 -7.10
C THR A 34 1.37 5.86 -7.49
N THR A 35 2.38 6.70 -7.34
CA THR A 35 3.75 6.33 -7.67
C THR A 35 4.41 5.56 -6.53
N SER A 36 4.19 6.03 -5.31
CA SER A 36 4.76 5.39 -4.12
C SER A 36 4.49 3.89 -4.14
N TRP A 37 3.36 3.50 -4.70
CA TRP A 37 2.99 2.10 -4.78
C TRP A 37 3.04 1.59 -6.22
N ARG A 38 4.00 2.09 -6.98
CA ARG A 38 4.17 1.69 -8.37
C ARG A 38 5.11 0.50 -8.49
N SER A 39 6.10 0.45 -7.61
CA SER A 39 7.07 -0.64 -7.61
C SER A 39 6.69 -1.72 -6.62
N GLY A 40 6.14 -1.32 -5.49
CA GLY A 40 5.73 -2.27 -4.47
C GLY A 40 6.33 -1.97 -3.11
N LEU A 41 7.57 -1.48 -3.10
CA LEU A 41 8.24 -1.15 -1.85
C LEU A 41 7.28 -0.52 -0.85
N ALA A 42 6.43 0.39 -1.35
CA ALA A 42 5.45 1.06 -0.50
C ALA A 42 4.66 0.05 0.32
N LEU A 43 3.90 -0.80 -0.37
CA LEU A 43 3.09 -1.82 0.30
C LEU A 43 3.96 -2.84 1.01
N CYS A 44 4.90 -3.43 0.27
CA CYS A 44 5.81 -4.42 0.83
C CYS A 44 6.32 -3.98 2.20
N ALA A 45 6.52 -2.68 2.36
CA ALA A 45 7.00 -2.13 3.62
C ALA A 45 6.04 -2.44 4.76
N ILE A 46 4.81 -1.96 4.64
CA ILE A 46 3.80 -2.19 5.66
C ILE A 46 3.83 -3.63 6.15
N ILE A 47 3.63 -4.57 5.23
CA ILE A 47 3.64 -5.99 5.56
C ILE A 47 4.95 -6.39 6.21
N HIS A 48 6.03 -6.35 5.43
CA HIS A 48 7.36 -6.71 5.92
C HIS A 48 7.59 -6.12 7.31
N ARG A 49 6.93 -5.00 7.60
CA ARG A 49 7.07 -4.35 8.89
C ARG A 49 6.54 -5.23 10.01
N PHE A 50 5.25 -5.56 9.95
CA PHE A 50 4.62 -6.40 10.96
C PHE A 50 5.13 -7.84 10.87
N ARG A 51 5.08 -8.40 9.66
CA ARG A 51 5.54 -9.76 9.44
C ARG A 51 6.57 -9.82 8.31
N PRO A 52 7.84 -9.67 8.68
CA PRO A 52 8.95 -9.70 7.71
C PRO A 52 9.18 -11.09 7.12
N GLU A 53 8.51 -12.09 7.71
CA GLU A 53 8.65 -13.46 7.25
C GLU A 53 7.87 -13.68 5.95
N LEU A 54 6.91 -12.80 5.69
CA LEU A 54 6.09 -12.88 4.49
C LEU A 54 6.76 -12.18 3.32
N ILE A 55 7.41 -11.06 3.61
CA ILE A 55 8.10 -10.29 2.57
C ILE A 55 9.49 -9.87 3.03
N ASN A 56 10.47 -10.00 2.14
CA ASN A 56 11.84 -9.62 2.46
C ASN A 56 12.25 -8.35 1.72
N PHE A 57 11.83 -7.21 2.23
CA PHE A 57 12.14 -5.93 1.62
C PHE A 57 13.62 -5.85 1.24
N ASP A 58 14.49 -6.03 2.23
CA ASP A 58 15.93 -5.99 2.00
C ASP A 58 16.28 -6.62 0.66
N SER A 59 15.54 -7.65 0.28
CA SER A 59 15.78 -8.35 -0.97
C SER A 59 15.12 -7.61 -2.14
N LEU A 60 13.86 -7.24 -1.96
CA LEU A 60 13.12 -6.53 -3.00
C LEU A 60 13.91 -5.32 -3.50
N ASN A 61 14.35 -5.38 -4.74
CA ASN A 61 15.11 -4.28 -5.34
C ASN A 61 14.29 -3.57 -6.41
N GLU A 62 14.49 -2.26 -6.51
CA GLU A 62 13.76 -1.46 -7.50
C GLU A 62 13.52 -2.25 -8.78
N ASP A 63 14.62 -2.71 -9.39
CA ASP A 63 14.53 -3.48 -10.63
C ASP A 63 13.42 -4.53 -10.53
N ASP A 64 13.33 -5.20 -9.38
CA ASP A 64 12.31 -6.22 -9.17
C ASP A 64 10.97 -5.59 -8.82
N ALA A 65 10.61 -4.55 -9.56
CA ALA A 65 9.35 -3.84 -9.33
C ALA A 65 8.17 -4.78 -9.58
N VAL A 66 8.06 -5.29 -10.79
CA VAL A 66 6.98 -6.19 -11.16
C VAL A 66 6.79 -7.28 -10.11
N GLU A 67 7.89 -7.89 -9.69
CA GLU A 67 7.85 -8.95 -8.69
C GLU A 67 7.41 -8.40 -7.34
N ASN A 68 7.99 -7.26 -6.95
CA ASN A 68 7.65 -6.64 -5.67
C ASN A 68 6.14 -6.46 -5.54
N ASN A 69 5.50 -6.03 -6.60
CA ASN A 69 4.06 -5.82 -6.61
C ASN A 69 3.32 -7.15 -6.51
N GLN A 70 3.53 -8.01 -7.50
CA GLN A 70 2.88 -9.31 -7.53
C GLN A 70 3.02 -10.02 -6.18
N LEU A 71 4.19 -9.90 -5.57
CA LEU A 71 4.46 -10.53 -4.28
C LEU A 71 3.45 -10.06 -3.24
N ALA A 72 3.51 -8.79 -2.87
CA ALA A 72 2.60 -8.23 -1.89
C ALA A 72 1.16 -8.70 -2.14
N PHE A 73 0.74 -8.61 -3.40
CA PHE A 73 -0.61 -9.01 -3.77
C PHE A 73 -0.87 -10.47 -3.40
N ASP A 74 0.05 -11.34 -3.79
CA ASP A 74 -0.07 -12.76 -3.49
C ASP A 74 -0.16 -13.00 -1.98
N VAL A 75 0.70 -12.32 -1.24
CA VAL A 75 0.73 -12.45 0.21
C VAL A 75 -0.56 -11.94 0.83
N ALA A 76 -1.09 -10.85 0.29
CA ALA A 76 -2.33 -10.26 0.80
C ALA A 76 -3.53 -11.14 0.43
N GLU A 77 -3.39 -11.93 -0.62
CA GLU A 77 -4.46 -12.81 -1.06
C GLU A 77 -4.30 -14.21 -0.46
N ARG A 78 -3.13 -14.48 0.09
CA ARG A 78 -2.85 -15.77 0.70
C ARG A 78 -2.97 -15.70 2.22
N GLU A 79 -2.71 -14.52 2.77
CA GLU A 79 -2.79 -14.32 4.22
C GLU A 79 -4.09 -13.61 4.59
N PHE A 80 -4.32 -12.45 3.98
CA PHE A 80 -5.51 -11.67 4.25
C PHE A 80 -6.68 -12.13 3.38
N GLY A 81 -6.36 -12.84 2.30
CA GLY A 81 -7.38 -13.34 1.40
C GLY A 81 -8.02 -12.23 0.60
N ILE A 82 -7.26 -11.17 0.32
CA ILE A 82 -7.77 -10.05 -0.44
C ILE A 82 -7.34 -10.13 -1.90
N PRO A 83 -8.32 -10.14 -2.81
CA PRO A 83 -8.07 -10.22 -4.25
C PRO A 83 -7.46 -8.93 -4.80
N PRO A 84 -6.38 -9.09 -5.59
CA PRO A 84 -5.67 -7.95 -6.19
C PRO A 84 -6.49 -7.27 -7.27
N VAL A 85 -6.36 -5.95 -7.37
CA VAL A 85 -7.09 -5.18 -8.38
C VAL A 85 -6.37 -5.21 -9.72
N THR A 86 -5.06 -5.02 -9.70
CA THR A 86 -4.26 -5.03 -10.91
C THR A 86 -3.08 -5.98 -10.79
N THR A 87 -2.43 -6.27 -11.91
CA THR A 87 -1.28 -7.17 -11.93
C THR A 87 0.03 -6.40 -11.80
N GLY A 88 0.95 -6.94 -11.02
CA GLY A 88 2.24 -6.29 -10.83
C GLY A 88 2.75 -5.64 -12.09
N LYS A 89 2.75 -6.41 -13.18
CA LYS A 89 3.23 -5.91 -14.47
C LYS A 89 2.59 -4.55 -14.80
N GLU A 90 1.27 -4.55 -14.95
CA GLU A 90 0.54 -3.33 -15.26
C GLU A 90 0.83 -2.24 -14.23
N MET A 91 0.81 -2.62 -12.96
CA MET A 91 1.06 -1.68 -11.87
C MET A 91 2.34 -0.88 -12.14
N ALA A 92 3.42 -1.58 -12.46
CA ALA A 92 4.69 -0.93 -12.74
C ALA A 92 4.67 -0.25 -14.11
N SER A 93 4.04 -0.90 -15.07
CA SER A 93 3.94 -0.36 -16.43
C SER A 93 3.24 1.00 -16.42
N ALA A 94 1.97 1.00 -16.04
CA ALA A 94 1.19 2.24 -15.99
C ALA A 94 1.94 3.32 -15.21
N GLN A 95 2.25 4.42 -15.89
CA GLN A 95 2.96 5.53 -15.26
C GLN A 95 2.11 6.16 -14.17
N GLU A 96 0.83 6.37 -14.46
CA GLU A 96 -0.09 6.98 -13.50
C GLU A 96 -1.38 6.18 -13.41
N PRO A 97 -1.45 5.28 -12.41
CA PRO A 97 -2.63 4.43 -12.19
C PRO A 97 -3.83 5.22 -11.70
N ASP A 98 -4.97 4.55 -11.57
CA ASP A 98 -6.19 5.21 -11.11
C ASP A 98 -6.16 5.41 -9.60
N LYS A 99 -5.92 6.65 -9.19
CA LYS A 99 -5.86 6.99 -7.77
C LYS A 99 -6.91 6.21 -6.98
N LEU A 100 -8.10 6.07 -7.55
CA LEU A 100 -9.17 5.34 -6.90
C LEU A 100 -8.80 3.88 -6.69
N SER A 101 -8.66 3.15 -7.80
CA SER A 101 -8.31 1.73 -7.73
C SER A 101 -7.30 1.47 -6.62
N MET A 102 -6.36 2.40 -6.46
CA MET A 102 -5.33 2.28 -5.43
C MET A 102 -5.92 2.52 -4.05
N VAL A 103 -6.72 3.57 -3.92
CA VAL A 103 -7.35 3.90 -2.64
C VAL A 103 -8.28 2.80 -2.18
N MET A 104 -9.24 2.45 -3.04
CA MET A 104 -10.21 1.41 -2.72
C MET A 104 -9.51 0.17 -2.17
N TYR A 105 -8.32 -0.12 -2.71
CA TYR A 105 -7.55 -1.28 -2.26
C TYR A 105 -6.87 -1.01 -0.93
N LEU A 106 -6.03 0.03 -0.90
CA LEU A 106 -5.32 0.39 0.31
C LEU A 106 -6.27 0.43 1.52
N SER A 107 -7.42 1.04 1.34
CA SER A 107 -8.41 1.15 2.41
C SER A 107 -8.55 -0.18 3.15
N LYS A 108 -8.70 -1.27 2.38
CA LYS A 108 -8.85 -2.60 2.95
C LYS A 108 -7.86 -2.81 4.09
N PHE A 109 -6.58 -2.55 3.81
CA PHE A 109 -5.54 -2.71 4.81
C PHE A 109 -5.74 -1.75 5.98
N TYR A 110 -5.98 -0.49 5.66
CA TYR A 110 -6.19 0.53 6.67
C TYR A 110 -7.09 0.02 7.79
N GLU A 111 -8.33 -0.32 7.43
CA GLU A 111 -9.29 -0.83 8.39
C GLU A 111 -8.78 -2.11 9.04
N LEU A 112 -8.44 -3.09 8.22
CA LEU A 112 -7.94 -4.37 8.70
C LEU A 112 -6.93 -4.17 9.83
N PHE A 113 -5.81 -3.53 9.49
CA PHE A 113 -4.76 -3.28 10.48
C PHE A 113 -5.29 -2.42 11.62
N ARG A 114 -5.92 -1.31 11.28
CA ARG A 114 -6.47 -0.40 12.28
C ARG A 114 -7.57 -1.09 13.09
N GLY A 115 -7.21 -1.58 14.27
CA GLY A 115 -8.17 -2.26 15.13
C GLY A 115 -9.16 -1.30 15.75
N THR A 116 -8.65 -0.19 16.30
CA THR A 116 -9.50 0.80 16.94
C THR A 116 -10.68 1.17 16.05
N PRO A 117 -11.84 1.43 16.67
CA PRO A 117 -13.06 1.80 15.95
C PRO A 117 -12.96 3.20 15.34
N LEU A 118 -13.03 3.26 14.01
CA LEU A 118 -12.95 4.53 13.31
C LEU A 118 -13.92 5.55 13.91
N ARG A 119 -13.57 6.83 13.79
CA ARG A 119 -14.41 7.90 14.32
C ARG A 119 -15.62 8.15 13.43
N PRO A 120 -16.82 7.99 14.01
CA PRO A 120 -18.08 8.20 13.28
C PRO A 120 -18.32 9.66 12.93
N VAL A 121 -18.91 9.89 11.76
CA VAL A 121 -19.20 11.25 11.30
C VAL A 121 -20.66 11.40 10.94
N GLY A 1 -14.07 17.85 -0.74
CA GLY A 1 -14.80 18.72 0.15
C GLY A 1 -14.98 20.12 -0.42
N SER A 2 -14.61 21.13 0.37
CA SER A 2 -14.74 22.52 -0.06
C SER A 2 -13.83 23.43 0.76
N SER A 3 -13.83 24.71 0.42
CA SER A 3 -13.00 25.69 1.13
C SER A 3 -13.10 25.49 2.63
N GLY A 4 -12.03 24.99 3.24
CA GLY A 4 -12.02 24.77 4.67
C GLY A 4 -11.66 23.34 5.03
N SER A 5 -10.42 23.13 5.48
CA SER A 5 -9.96 21.81 5.86
C SER A 5 -10.25 21.52 7.33
N SER A 6 -11.35 20.81 7.58
CA SER A 6 -11.74 20.48 8.95
C SER A 6 -12.57 19.20 8.98
N GLY A 7 -12.19 18.29 9.87
CA GLY A 7 -12.90 17.02 9.99
C GLY A 7 -12.03 15.83 9.66
N ASP A 8 -12.65 14.72 9.30
CA ASP A 8 -11.91 13.51 8.97
C ASP A 8 -11.96 13.24 7.46
N ILE A 9 -10.78 13.12 6.86
CA ILE A 9 -10.68 12.86 5.42
C ILE A 9 -10.48 11.38 5.14
N ARG A 10 -10.84 10.97 3.93
CA ARG A 10 -10.70 9.57 3.53
C ARG A 10 -9.30 9.30 2.98
N PRO A 11 -9.01 9.86 1.80
CA PRO A 11 -7.71 9.70 1.14
C PRO A 11 -6.59 10.42 1.87
N SER A 12 -6.80 11.70 2.15
CA SER A 12 -5.80 12.51 2.84
C SER A 12 -5.30 11.79 4.09
N LYS A 13 -6.23 11.49 4.99
CA LYS A 13 -5.88 10.80 6.24
C LYS A 13 -5.24 9.45 5.96
N LEU A 14 -5.90 8.65 5.12
CA LEU A 14 -5.39 7.33 4.77
C LEU A 14 -3.90 7.38 4.50
N LEU A 15 -3.47 8.38 3.72
CA LEU A 15 -2.06 8.54 3.38
C LEU A 15 -1.21 8.64 4.64
N THR A 16 -1.62 9.51 5.56
CA THR A 16 -0.89 9.69 6.81
C THR A 16 -0.55 8.35 7.46
N TRP A 17 -1.57 7.53 7.67
CA TRP A 17 -1.38 6.23 8.28
C TRP A 17 -0.28 5.44 7.57
N CYS A 18 -0.45 5.27 6.26
CA CYS A 18 0.53 4.54 5.46
C CYS A 18 1.93 5.10 5.67
N GLN A 19 2.06 6.41 5.57
CA GLN A 19 3.35 7.07 5.73
C GLN A 19 3.99 6.65 7.05
N GLN A 20 3.24 6.76 8.14
CA GLN A 20 3.74 6.39 9.46
C GLN A 20 4.36 5.01 9.44
N GLN A 21 3.58 4.03 8.98
CA GLN A 21 4.05 2.65 8.91
C GLN A 21 5.32 2.55 8.08
N THR A 22 5.36 3.30 6.98
CA THR A 22 6.52 3.29 6.10
C THR A 22 7.53 4.37 6.50
N GLU A 23 7.57 4.69 7.79
CA GLU A 23 8.49 5.71 8.29
C GLU A 23 9.84 5.10 8.64
N GLY A 24 10.90 5.64 8.04
CA GLY A 24 12.23 5.13 8.30
C GLY A 24 12.80 4.35 7.13
N TYR A 25 11.98 3.47 6.56
CA TYR A 25 12.40 2.65 5.44
C TYR A 25 13.35 3.42 4.53
N GLN A 26 14.27 2.71 3.89
CA GLN A 26 15.23 3.33 2.99
C GLN A 26 14.65 3.46 1.59
N HIS A 27 15.04 4.52 0.89
CA HIS A 27 14.57 4.76 -0.47
C HIS A 27 13.06 4.58 -0.56
N VAL A 28 12.37 4.85 0.55
CA VAL A 28 10.92 4.72 0.60
C VAL A 28 10.27 6.03 1.06
N ASN A 29 9.87 6.85 0.09
CA ASN A 29 9.23 8.13 0.39
C ASN A 29 7.79 8.14 -0.09
N VAL A 30 6.87 7.84 0.83
CA VAL A 30 5.45 7.83 0.50
C VAL A 30 4.85 9.23 0.55
N THR A 31 4.58 9.79 -0.63
CA THR A 31 4.02 11.13 -0.72
C THR A 31 2.63 11.09 -1.37
N ASP A 32 2.44 10.16 -2.29
CA ASP A 32 1.16 10.01 -2.99
C ASP A 32 0.68 8.57 -2.94
N LEU A 33 -0.47 8.32 -3.56
CA LEU A 33 -1.04 6.96 -3.59
C LEU A 33 -1.17 6.47 -5.02
N THR A 34 -0.28 6.92 -5.89
CA THR A 34 -0.28 6.51 -7.28
C THR A 34 1.08 5.99 -7.72
N THR A 35 2.12 6.77 -7.48
CA THR A 35 3.48 6.39 -7.83
C THR A 35 4.17 5.66 -6.69
N SER A 36 3.96 6.16 -5.47
CA SER A 36 4.56 5.56 -4.29
C SER A 36 4.33 4.06 -4.26
N TRP A 37 3.21 3.63 -4.82
CA TRP A 37 2.87 2.21 -4.85
C TRP A 37 2.89 1.68 -6.28
N ARG A 38 3.81 2.19 -7.08
CA ARG A 38 3.95 1.77 -8.47
C ARG A 38 4.84 0.54 -8.59
N SER A 39 5.85 0.46 -7.72
CA SER A 39 6.77 -0.66 -7.74
C SER A 39 6.31 -1.76 -6.78
N GLY A 40 5.96 -1.36 -5.56
CA GLY A 40 5.50 -2.31 -4.56
C GLY A 40 6.17 -2.11 -3.21
N LEU A 41 7.44 -1.75 -3.23
CA LEU A 41 8.19 -1.53 -2.00
C LEU A 41 7.32 -0.86 -0.95
N ALA A 42 6.61 0.19 -1.36
CA ALA A 42 5.73 0.93 -0.45
C ALA A 42 4.91 -0.03 0.41
N LEU A 43 4.03 -0.79 -0.24
CA LEU A 43 3.18 -1.74 0.47
C LEU A 43 4.02 -2.78 1.20
N CYS A 44 4.86 -3.50 0.45
CA CYS A 44 5.73 -4.52 1.03
C CYS A 44 6.24 -4.09 2.40
N ALA A 45 6.61 -2.80 2.52
CA ALA A 45 7.12 -2.27 3.76
C ALA A 45 6.10 -2.42 4.88
N ILE A 46 4.86 -2.01 4.61
CA ILE A 46 3.80 -2.10 5.60
C ILE A 46 3.64 -3.53 6.11
N ILE A 47 3.51 -4.48 5.19
CA ILE A 47 3.36 -5.88 5.55
C ILE A 47 4.57 -6.38 6.33
N HIS A 48 5.76 -6.13 5.79
CA HIS A 48 6.99 -6.56 6.45
C HIS A 48 7.06 -6.03 7.88
N ARG A 49 6.71 -4.75 8.05
CA ARG A 49 6.74 -4.13 9.37
C ARG A 49 6.16 -5.07 10.43
N PHE A 50 4.91 -5.46 10.25
CA PHE A 50 4.25 -6.35 11.18
C PHE A 50 4.78 -7.78 11.05
N ARG A 51 4.92 -8.22 9.80
CA ARG A 51 5.41 -9.57 9.53
C ARG A 51 6.52 -9.54 8.49
N PRO A 52 7.77 -9.40 8.96
CA PRO A 52 8.95 -9.35 8.08
C PRO A 52 9.24 -10.70 7.44
N GLU A 53 8.58 -11.75 7.93
CA GLU A 53 8.77 -13.09 7.39
C GLU A 53 8.03 -13.26 6.07
N LEU A 54 6.82 -12.72 6.00
CA LEU A 54 6.01 -12.82 4.80
C LEU A 54 6.72 -12.17 3.61
N ILE A 55 7.27 -10.99 3.84
CA ILE A 55 7.99 -10.27 2.78
C ILE A 55 9.43 -10.00 3.19
N ASN A 56 10.35 -10.25 2.26
CA ASN A 56 11.77 -10.03 2.53
C ASN A 56 12.30 -8.85 1.71
N PHE A 57 12.17 -7.66 2.26
CA PHE A 57 12.64 -6.44 1.59
C PHE A 57 14.09 -6.58 1.16
N ASP A 58 14.93 -7.02 2.09
CA ASP A 58 16.36 -7.21 1.81
C ASP A 58 16.56 -7.78 0.41
N SER A 59 15.68 -8.69 0.01
CA SER A 59 15.77 -9.32 -1.30
C SER A 59 15.16 -8.43 -2.38
N LEU A 60 14.00 -7.87 -2.09
CA LEU A 60 13.31 -6.99 -3.02
C LEU A 60 14.24 -5.86 -3.49
N ASN A 61 14.48 -5.82 -4.80
CA ASN A 61 15.34 -4.79 -5.38
C ASN A 61 14.52 -3.66 -5.98
N GLU A 62 15.18 -2.53 -6.25
CA GLU A 62 14.50 -1.38 -6.83
C GLU A 62 14.07 -1.66 -8.26
N ASP A 63 14.92 -2.37 -8.99
CA ASP A 63 14.63 -2.70 -10.39
C ASP A 63 13.79 -3.97 -10.47
N ASP A 64 13.23 -4.37 -9.34
CA ASP A 64 12.39 -5.56 -9.29
C ASP A 64 10.93 -5.20 -9.01
N ALA A 65 10.53 -4.02 -9.47
CA ALA A 65 9.16 -3.55 -9.28
C ALA A 65 8.15 -4.67 -9.50
N VAL A 66 8.15 -5.22 -10.71
CA VAL A 66 7.23 -6.30 -11.05
C VAL A 66 7.14 -7.32 -9.91
N GLU A 67 8.28 -7.82 -9.48
CA GLU A 67 8.34 -8.80 -8.40
C GLU A 67 7.75 -8.22 -7.11
N ASN A 68 8.21 -7.03 -6.73
CA ASN A 68 7.73 -6.38 -5.53
C ASN A 68 6.22 -6.43 -5.44
N ASN A 69 5.55 -5.84 -6.43
CA ASN A 69 4.09 -5.82 -6.48
C ASN A 69 3.52 -7.24 -6.40
N GLN A 70 3.78 -8.02 -7.44
CA GLN A 70 3.30 -9.40 -7.50
C GLN A 70 3.40 -10.06 -6.13
N LEU A 71 4.54 -9.89 -5.47
CA LEU A 71 4.76 -10.47 -4.15
C LEU A 71 3.72 -10.00 -3.16
N ALA A 72 3.69 -8.69 -2.92
CA ALA A 72 2.72 -8.11 -1.99
C ALA A 72 1.31 -8.65 -2.25
N PHE A 73 0.87 -8.57 -3.50
CA PHE A 73 -0.46 -9.05 -3.87
C PHE A 73 -0.65 -10.50 -3.45
N ASP A 74 0.33 -11.35 -3.77
CA ASP A 74 0.27 -12.76 -3.43
C ASP A 74 0.10 -12.94 -1.93
N VAL A 75 0.89 -12.20 -1.15
CA VAL A 75 0.82 -12.28 0.30
C VAL A 75 -0.54 -11.83 0.82
N ALA A 76 -1.06 -10.74 0.24
CA ALA A 76 -2.36 -10.22 0.65
C ALA A 76 -3.47 -11.22 0.36
N GLU A 77 -3.28 -12.03 -0.67
CA GLU A 77 -4.27 -13.04 -1.05
C GLU A 77 -3.95 -14.38 -0.40
N ARG A 78 -2.76 -14.50 0.14
CA ARG A 78 -2.33 -15.74 0.79
C ARG A 78 -2.61 -15.69 2.29
N GLU A 79 -2.51 -14.50 2.87
CA GLU A 79 -2.75 -14.32 4.29
C GLU A 79 -4.11 -13.68 4.54
N PHE A 80 -4.34 -12.53 3.92
CA PHE A 80 -5.60 -11.81 4.06
C PHE A 80 -6.65 -12.34 3.08
N GLY A 81 -6.18 -12.97 2.02
CA GLY A 81 -7.08 -13.52 1.02
C GLY A 81 -7.82 -12.44 0.26
N ILE A 82 -7.15 -11.32 0.03
CA ILE A 82 -7.75 -10.20 -0.70
C ILE A 82 -7.30 -10.18 -2.15
N PRO A 83 -8.26 -10.24 -3.08
CA PRO A 83 -7.98 -10.22 -4.51
C PRO A 83 -7.47 -8.86 -4.99
N PRO A 84 -6.28 -8.87 -5.64
CA PRO A 84 -5.66 -7.65 -6.15
C PRO A 84 -6.41 -7.06 -7.34
N VAL A 85 -6.52 -5.74 -7.38
CA VAL A 85 -7.21 -5.06 -8.46
C VAL A 85 -6.38 -5.04 -9.73
N THR A 86 -5.06 -5.01 -9.56
CA THR A 86 -4.14 -4.99 -10.70
C THR A 86 -2.95 -5.90 -10.45
N THR A 87 -2.27 -6.28 -11.53
CA THR A 87 -1.10 -7.15 -11.43
C THR A 87 0.19 -6.34 -11.40
N GLY A 88 1.24 -6.93 -10.83
CA GLY A 88 2.51 -6.25 -10.75
C GLY A 88 2.97 -5.71 -12.08
N LYS A 89 2.88 -6.53 -13.12
CA LYS A 89 3.29 -6.14 -14.45
C LYS A 89 2.58 -4.86 -14.89
N GLU A 90 1.26 -4.85 -14.75
CA GLU A 90 0.45 -3.70 -15.12
C GLU A 90 0.69 -2.53 -14.16
N MET A 91 1.00 -2.85 -12.91
CA MET A 91 1.26 -1.84 -11.90
C MET A 91 2.56 -1.10 -12.19
N ALA A 92 3.56 -1.83 -12.67
CA ALA A 92 4.84 -1.23 -13.00
C ALA A 92 4.79 -0.51 -14.34
N SER A 93 4.02 -1.06 -15.27
CA SER A 93 3.89 -0.47 -16.59
C SER A 93 3.08 0.83 -16.54
N ALA A 94 1.91 0.75 -15.93
CA ALA A 94 1.04 1.91 -15.80
C ALA A 94 1.79 3.11 -15.25
N GLN A 95 2.02 4.12 -16.10
CA GLN A 95 2.73 5.31 -15.69
C GLN A 95 1.99 6.04 -14.57
N GLU A 96 0.72 6.34 -14.82
CA GLU A 96 -0.10 7.04 -13.83
C GLU A 96 -1.43 6.32 -13.62
N PRO A 97 -1.49 5.49 -12.57
CA PRO A 97 -2.70 4.72 -12.24
C PRO A 97 -3.83 5.61 -11.73
N ASP A 98 -4.97 5.00 -11.44
CA ASP A 98 -6.11 5.74 -10.94
C ASP A 98 -6.06 5.86 -9.41
N LYS A 99 -6.17 7.09 -8.92
CA LYS A 99 -6.13 7.35 -7.49
C LYS A 99 -7.19 6.55 -6.77
N LEU A 100 -8.41 6.52 -7.33
CA LEU A 100 -9.51 5.78 -6.73
C LEU A 100 -9.15 4.31 -6.56
N SER A 101 -8.90 3.62 -7.67
CA SER A 101 -8.55 2.21 -7.64
C SER A 101 -7.51 1.93 -6.57
N MET A 102 -6.68 2.94 -6.28
CA MET A 102 -5.64 2.80 -5.26
C MET A 102 -6.22 2.96 -3.86
N VAL A 103 -7.08 3.96 -3.70
CA VAL A 103 -7.71 4.22 -2.40
C VAL A 103 -8.65 3.08 -2.01
N MET A 104 -9.53 2.71 -2.94
CA MET A 104 -10.49 1.64 -2.69
C MET A 104 -9.78 0.36 -2.24
N TYR A 105 -8.61 0.12 -2.81
CA TYR A 105 -7.83 -1.07 -2.48
C TYR A 105 -7.13 -0.90 -1.13
N LEU A 106 -6.18 0.04 -1.07
CA LEU A 106 -5.43 0.31 0.14
C LEU A 106 -6.36 0.32 1.36
N SER A 107 -7.54 0.94 1.19
CA SER A 107 -8.50 1.02 2.28
C SER A 107 -8.63 -0.32 3.00
N LYS A 108 -8.68 -1.40 2.22
CA LYS A 108 -8.80 -2.74 2.79
C LYS A 108 -7.77 -2.96 3.89
N PHE A 109 -6.51 -2.66 3.59
CA PHE A 109 -5.43 -2.82 4.56
C PHE A 109 -5.59 -1.84 5.72
N TYR A 110 -5.81 -0.58 5.39
CA TYR A 110 -5.98 0.46 6.41
C TYR A 110 -7.01 0.04 7.44
N GLU A 111 -8.23 -0.21 6.99
CA GLU A 111 -9.31 -0.63 7.88
C GLU A 111 -8.93 -1.89 8.66
N LEU A 112 -8.64 -2.96 7.91
CA LEU A 112 -8.26 -4.23 8.52
C LEU A 112 -7.26 -4.01 9.66
N PHE A 113 -6.09 -3.48 9.31
CA PHE A 113 -5.05 -3.22 10.30
C PHE A 113 -5.58 -2.34 11.43
N ARG A 114 -6.22 -1.24 11.06
CA ARG A 114 -6.78 -0.31 12.05
C ARG A 114 -7.51 -1.07 13.16
N GLY A 115 -6.98 -0.96 14.38
CA GLY A 115 -7.60 -1.64 15.51
C GLY A 115 -7.72 -0.75 16.73
N THR A 116 -6.59 -0.50 17.39
CA THR A 116 -6.57 0.35 18.57
C THR A 116 -5.91 1.69 18.29
N PRO A 117 -6.47 2.76 18.87
CA PRO A 117 -5.95 4.12 18.69
C PRO A 117 -4.62 4.32 19.39
N LEU A 118 -4.03 5.50 19.21
CA LEU A 118 -2.75 5.82 19.82
C LEU A 118 -2.83 5.72 21.34
N ARG A 119 -1.69 5.85 22.00
CA ARG A 119 -1.64 5.78 23.46
C ARG A 119 -2.42 6.93 24.09
N PRO A 120 -3.31 6.58 25.04
CA PRO A 120 -4.14 7.57 25.73
C PRO A 120 -3.33 8.45 26.67
N VAL A 121 -3.99 9.39 27.33
CA VAL A 121 -3.33 10.29 28.26
C VAL A 121 -3.85 10.09 29.69
N GLY A 1 -7.45 14.63 -4.04
CA GLY A 1 -8.69 15.00 -3.39
C GLY A 1 -8.77 16.48 -3.06
N SER A 2 -9.00 16.79 -1.79
CA SER A 2 -9.10 18.17 -1.36
C SER A 2 -7.76 18.66 -0.81
N SER A 3 -7.23 19.73 -1.40
CA SER A 3 -5.95 20.29 -0.97
C SER A 3 -6.15 21.21 0.23
N GLY A 4 -5.66 20.76 1.38
CA GLY A 4 -5.79 21.54 2.60
C GLY A 4 -7.07 21.23 3.36
N SER A 5 -7.17 20.01 3.87
CA SER A 5 -8.34 19.59 4.62
C SER A 5 -7.96 18.67 5.77
N SER A 6 -8.27 19.09 6.99
CA SER A 6 -7.95 18.30 8.18
C SER A 6 -9.22 17.87 8.90
N GLY A 7 -9.59 16.60 8.72
CA GLY A 7 -10.78 16.08 9.37
C GLY A 7 -11.09 14.66 8.93
N ASP A 8 -12.38 14.32 8.94
CA ASP A 8 -12.81 12.98 8.54
C ASP A 8 -12.71 12.80 7.03
N ILE A 9 -11.49 12.58 6.54
CA ILE A 9 -11.27 12.40 5.11
C ILE A 9 -10.95 10.93 4.79
N ARG A 10 -11.15 10.56 3.54
CA ARG A 10 -10.89 9.18 3.10
C ARG A 10 -9.44 9.04 2.64
N PRO A 11 -9.12 9.66 1.50
CA PRO A 11 -7.77 9.61 0.92
C PRO A 11 -6.76 10.39 1.74
N SER A 12 -7.08 11.65 2.03
CA SER A 12 -6.19 12.51 2.80
C SER A 12 -5.72 11.81 4.06
N LYS A 13 -6.67 11.30 4.86
CA LYS A 13 -6.35 10.61 6.09
C LYS A 13 -5.61 9.31 5.80
N LEU A 14 -6.20 8.47 4.95
CA LEU A 14 -5.59 7.19 4.59
C LEU A 14 -4.10 7.36 4.34
N LEU A 15 -3.74 8.34 3.53
CA LEU A 15 -2.35 8.61 3.21
C LEU A 15 -1.51 8.75 4.48
N THR A 16 -1.95 9.62 5.38
CA THR A 16 -1.24 9.84 6.63
C THR A 16 -0.82 8.53 7.27
N TRP A 17 -1.77 7.61 7.41
CA TRP A 17 -1.49 6.30 8.00
C TRP A 17 -0.34 5.61 7.28
N CYS A 18 -0.53 5.37 5.98
CA CYS A 18 0.48 4.70 5.17
C CYS A 18 1.84 5.36 5.37
N GLN A 19 1.91 6.67 5.15
CA GLN A 19 3.16 7.41 5.31
C GLN A 19 3.87 7.01 6.60
N GLN A 20 3.13 7.01 7.70
CA GLN A 20 3.68 6.66 9.00
C GLN A 20 4.23 5.22 8.98
N GLN A 21 3.38 4.29 8.58
CA GLN A 21 3.77 2.88 8.52
C GLN A 21 5.14 2.73 7.85
N THR A 22 5.32 3.40 6.72
CA THR A 22 6.58 3.33 5.99
C THR A 22 7.56 4.41 6.47
N GLU A 23 7.42 4.79 7.74
CA GLU A 23 8.29 5.81 8.32
C GLU A 23 9.66 5.24 8.68
N GLY A 24 10.72 5.92 8.25
CA GLY A 24 12.06 5.45 8.53
C GLY A 24 12.65 4.64 7.39
N TYR A 25 11.83 3.78 6.81
CA TYR A 25 12.28 2.95 5.70
C TYR A 25 13.24 3.71 4.78
N GLN A 26 14.23 3.01 4.26
CA GLN A 26 15.22 3.63 3.38
C GLN A 26 14.76 3.58 1.93
N HIS A 27 15.30 4.46 1.10
CA HIS A 27 14.94 4.52 -0.31
C HIS A 27 13.44 4.40 -0.49
N VAL A 28 12.69 4.77 0.54
CA VAL A 28 11.24 4.70 0.50
C VAL A 28 10.61 6.04 0.87
N ASN A 29 10.28 6.85 -0.13
CA ASN A 29 9.67 8.15 0.10
C ASN A 29 8.23 8.17 -0.38
N VAL A 30 7.29 8.11 0.58
CA VAL A 30 5.88 8.13 0.26
C VAL A 30 5.31 9.54 0.32
N THR A 31 4.84 10.03 -0.81
CA THR A 31 4.26 11.38 -0.89
C THR A 31 2.86 11.35 -1.50
N ASP A 32 2.64 10.39 -2.39
CA ASP A 32 1.34 10.26 -3.05
C ASP A 32 0.83 8.82 -2.94
N LEU A 33 -0.32 8.56 -3.58
CA LEU A 33 -0.91 7.23 -3.55
C LEU A 33 -1.06 6.67 -4.97
N THR A 34 -0.11 7.02 -5.83
CA THR A 34 -0.14 6.55 -7.21
C THR A 34 1.22 6.01 -7.63
N THR A 35 2.25 6.83 -7.51
CA THR A 35 3.60 6.43 -7.87
C THR A 35 4.28 5.68 -6.74
N SER A 36 4.04 6.14 -5.51
CA SER A 36 4.64 5.51 -4.33
C SER A 36 4.44 4.00 -4.36
N TRP A 37 3.29 3.58 -4.89
CA TRP A 37 2.96 2.16 -4.97
C TRP A 37 3.01 1.67 -6.41
N ARG A 38 3.96 2.21 -7.17
CA ARG A 38 4.10 1.83 -8.58
C ARG A 38 5.05 0.64 -8.72
N SER A 39 6.01 0.54 -7.81
CA SER A 39 6.98 -0.55 -7.84
C SER A 39 6.50 -1.72 -6.99
N GLY A 40 6.12 -1.42 -5.76
CA GLY A 40 5.65 -2.46 -4.85
C GLY A 40 6.24 -2.33 -3.46
N LEU A 41 7.50 -1.93 -3.39
CA LEU A 41 8.19 -1.78 -2.11
C LEU A 41 7.29 -1.05 -1.11
N ALA A 42 6.55 -0.06 -1.59
CA ALA A 42 5.66 0.71 -0.74
C ALA A 42 4.82 -0.20 0.14
N LEU A 43 3.97 -1.00 -0.48
CA LEU A 43 3.11 -1.93 0.26
C LEU A 43 3.94 -2.97 1.00
N CYS A 44 4.90 -3.56 0.30
CA CYS A 44 5.77 -4.57 0.89
C CYS A 44 6.34 -4.09 2.23
N ALA A 45 6.64 -2.80 2.30
CA ALA A 45 7.19 -2.21 3.52
C ALA A 45 6.21 -2.35 4.68
N ILE A 46 4.99 -1.86 4.48
CA ILE A 46 3.97 -1.92 5.51
C ILE A 46 3.84 -3.35 6.07
N ILE A 47 3.86 -4.33 5.18
CA ILE A 47 3.75 -5.72 5.59
C ILE A 47 5.00 -6.17 6.34
N HIS A 48 6.14 -6.16 5.66
CA HIS A 48 7.40 -6.56 6.27
C HIS A 48 7.55 -5.95 7.66
N ARG A 49 7.31 -4.65 7.75
CA ARG A 49 7.43 -3.94 9.02
C ARG A 49 6.85 -4.77 10.16
N PHE A 50 5.55 -5.09 10.06
CA PHE A 50 4.88 -5.87 11.08
C PHE A 50 5.34 -7.33 11.04
N ARG A 51 5.29 -7.92 9.86
CA ARG A 51 5.70 -9.31 9.69
C ARG A 51 6.76 -9.44 8.60
N PRO A 52 8.04 -9.32 9.01
CA PRO A 52 9.17 -9.41 8.09
C PRO A 52 9.37 -10.83 7.56
N GLU A 53 8.78 -11.80 8.24
CA GLU A 53 8.89 -13.20 7.84
C GLU A 53 8.23 -13.43 6.48
N LEU A 54 7.09 -12.78 6.27
CA LEU A 54 6.35 -12.90 5.02
C LEU A 54 7.05 -12.17 3.89
N ILE A 55 7.51 -10.95 4.19
CA ILE A 55 8.21 -10.13 3.20
C ILE A 55 9.49 -9.54 3.77
N ASN A 56 10.56 -9.60 2.99
CA ASN A 56 11.85 -9.07 3.42
C ASN A 56 12.33 -7.97 2.48
N PHE A 57 12.03 -6.73 2.82
CA PHE A 57 12.43 -5.59 2.00
C PHE A 57 13.88 -5.74 1.53
N ASP A 58 14.80 -5.81 2.49
CA ASP A 58 16.22 -5.95 2.18
C ASP A 58 16.42 -6.90 1.01
N SER A 59 15.59 -7.95 0.94
CA SER A 59 15.69 -8.94 -0.12
C SER A 59 14.96 -8.46 -1.37
N LEU A 60 13.82 -7.82 -1.17
CA LEU A 60 13.02 -7.31 -2.29
C LEU A 60 13.84 -6.36 -3.15
N ASN A 61 14.28 -6.84 -4.31
CA ASN A 61 15.07 -6.03 -5.23
C ASN A 61 14.29 -4.82 -5.69
N GLU A 62 14.68 -3.64 -5.22
CA GLU A 62 14.02 -2.40 -5.58
C GLU A 62 13.83 -2.31 -7.10
N ASP A 63 14.75 -2.92 -7.83
CA ASP A 63 14.71 -2.90 -9.29
C ASP A 63 13.62 -3.84 -9.80
N ASP A 64 13.37 -4.92 -9.06
CA ASP A 64 12.35 -5.89 -9.44
C ASP A 64 10.96 -5.40 -9.05
N ALA A 65 10.64 -4.18 -9.45
CA ALA A 65 9.34 -3.60 -9.15
C ALA A 65 8.20 -4.56 -9.49
N VAL A 66 8.12 -4.95 -10.76
CA VAL A 66 7.09 -5.87 -11.22
C VAL A 66 6.85 -6.98 -10.19
N GLU A 67 7.92 -7.69 -9.85
CA GLU A 67 7.82 -8.77 -8.88
C GLU A 67 7.32 -8.27 -7.54
N ASN A 68 7.95 -7.21 -7.03
CA ASN A 68 7.57 -6.63 -5.76
C ASN A 68 6.05 -6.55 -5.62
N ASN A 69 5.41 -5.92 -6.60
CA ASN A 69 3.96 -5.78 -6.58
C ASN A 69 3.28 -7.14 -6.54
N GLN A 70 3.43 -7.91 -7.61
CA GLN A 70 2.83 -9.23 -7.69
C GLN A 70 2.96 -9.97 -6.36
N LEU A 71 4.14 -9.87 -5.74
CA LEU A 71 4.40 -10.52 -4.47
C LEU A 71 3.39 -10.08 -3.42
N ALA A 72 3.43 -8.80 -3.05
CA ALA A 72 2.50 -8.26 -2.06
C ALA A 72 1.07 -8.69 -2.36
N PHE A 73 0.69 -8.64 -3.62
CA PHE A 73 -0.66 -9.01 -4.03
C PHE A 73 -0.93 -10.49 -3.74
N ASP A 74 -0.02 -11.35 -4.20
CA ASP A 74 -0.16 -12.78 -3.98
C ASP A 74 -0.24 -13.11 -2.48
N VAL A 75 0.66 -12.52 -1.71
CA VAL A 75 0.70 -12.74 -0.28
C VAL A 75 -0.60 -12.31 0.38
N ALA A 76 -1.11 -11.14 -0.01
CA ALA A 76 -2.35 -10.62 0.52
C ALA A 76 -3.55 -11.43 0.02
N GLU A 77 -3.44 -11.94 -1.19
CA GLU A 77 -4.52 -12.72 -1.79
C GLU A 77 -4.46 -14.18 -1.32
N ARG A 78 -3.34 -14.54 -0.69
CA ARG A 78 -3.16 -15.90 -0.20
C ARG A 78 -3.39 -15.96 1.31
N GLU A 79 -2.92 -14.94 2.02
CA GLU A 79 -3.07 -14.87 3.47
C GLU A 79 -4.38 -14.19 3.85
N PHE A 80 -4.57 -12.98 3.35
CA PHE A 80 -5.78 -12.20 3.64
C PHE A 80 -6.92 -12.63 2.71
N GLY A 81 -6.56 -13.14 1.55
CA GLY A 81 -7.57 -13.58 0.59
C GLY A 81 -8.19 -12.41 -0.15
N ILE A 82 -7.46 -11.31 -0.22
CA ILE A 82 -7.94 -10.12 -0.92
C ILE A 82 -7.47 -10.09 -2.37
N PRO A 83 -8.44 -10.05 -3.31
CA PRO A 83 -8.14 -10.02 -4.74
C PRO A 83 -7.52 -8.70 -5.18
N PRO A 84 -6.39 -8.78 -5.90
CA PRO A 84 -5.68 -7.60 -6.39
C PRO A 84 -6.43 -6.88 -7.49
N VAL A 85 -6.51 -5.56 -7.39
CA VAL A 85 -7.21 -4.76 -8.39
C VAL A 85 -6.45 -4.73 -9.71
N THR A 86 -5.12 -4.68 -9.62
CA THR A 86 -4.27 -4.65 -10.81
C THR A 86 -3.17 -5.70 -10.73
N THR A 87 -2.60 -6.04 -11.88
CA THR A 87 -1.54 -7.03 -11.94
C THR A 87 -0.16 -6.39 -11.75
N GLY A 88 0.68 -7.02 -10.94
CA GLY A 88 2.01 -6.49 -10.69
C GLY A 88 2.60 -5.81 -11.92
N LYS A 89 2.55 -6.50 -13.05
CA LYS A 89 3.08 -5.96 -14.30
C LYS A 89 2.48 -4.60 -14.60
N GLU A 90 1.16 -4.55 -14.68
CA GLU A 90 0.45 -3.31 -14.97
C GLU A 90 0.77 -2.25 -13.91
N MET A 91 0.78 -2.66 -12.65
CA MET A 91 1.07 -1.75 -11.55
C MET A 91 2.30 -0.89 -11.86
N ALA A 92 3.34 -1.54 -12.37
CA ALA A 92 4.58 -0.84 -12.71
C ALA A 92 4.50 -0.25 -14.12
N SER A 93 3.86 -0.98 -15.02
CA SER A 93 3.73 -0.52 -16.41
C SER A 93 2.99 0.80 -16.48
N ALA A 94 1.74 0.81 -16.00
CA ALA A 94 0.93 2.02 -16.01
C ALA A 94 1.68 3.19 -15.39
N GLN A 95 2.06 4.15 -16.23
CA GLN A 95 2.78 5.32 -15.75
C GLN A 95 2.02 6.03 -14.65
N GLU A 96 0.70 6.16 -14.83
CA GLU A 96 -0.14 6.83 -13.84
C GLU A 96 -1.40 6.01 -13.57
N PRO A 97 -1.36 5.20 -12.50
CA PRO A 97 -2.49 4.35 -12.10
C PRO A 97 -3.66 5.16 -11.57
N ASP A 98 -4.79 4.49 -11.34
CA ASP A 98 -5.98 5.14 -10.83
C ASP A 98 -5.85 5.42 -9.34
N LYS A 99 -6.11 6.67 -8.95
CA LYS A 99 -6.02 7.06 -7.54
C LYS A 99 -7.12 6.41 -6.72
N LEU A 100 -8.32 6.35 -7.29
CA LEU A 100 -9.47 5.75 -6.61
C LEU A 100 -9.21 4.27 -6.31
N SER A 101 -8.97 3.49 -7.35
CA SER A 101 -8.71 2.07 -7.21
C SER A 101 -7.62 1.82 -6.16
N MET A 102 -6.62 2.69 -6.16
CA MET A 102 -5.51 2.57 -5.21
C MET A 102 -6.00 2.77 -3.78
N VAL A 103 -6.78 3.84 -3.57
CA VAL A 103 -7.31 4.15 -2.25
C VAL A 103 -8.23 3.04 -1.75
N MET A 104 -9.29 2.76 -2.51
CA MET A 104 -10.24 1.72 -2.14
C MET A 104 -9.52 0.44 -1.75
N TYR A 105 -8.49 0.09 -2.51
CA TYR A 105 -7.72 -1.12 -2.24
C TYR A 105 -6.99 -1.01 -0.90
N LEU A 106 -6.06 -0.07 -0.81
CA LEU A 106 -5.29 0.13 0.41
C LEU A 106 -6.21 0.16 1.63
N SER A 107 -7.31 0.89 1.51
CA SER A 107 -8.27 1.01 2.61
C SER A 107 -8.47 -0.33 3.30
N LYS A 108 -8.56 -1.39 2.50
CA LYS A 108 -8.76 -2.73 3.04
C LYS A 108 -7.73 -3.03 4.14
N PHE A 109 -6.46 -2.83 3.83
CA PHE A 109 -5.40 -3.07 4.79
C PHE A 109 -5.48 -2.11 5.96
N TYR A 110 -5.59 -0.82 5.64
CA TYR A 110 -5.68 0.22 6.68
C TYR A 110 -6.59 -0.23 7.82
N GLU A 111 -7.78 -0.69 7.46
CA GLU A 111 -8.76 -1.15 8.46
C GLU A 111 -8.28 -2.43 9.13
N LEU A 112 -7.80 -3.38 8.33
CA LEU A 112 -7.31 -4.65 8.85
C LEU A 112 -6.31 -4.42 9.97
N PHE A 113 -5.29 -3.62 9.70
CA PHE A 113 -4.25 -3.33 10.68
C PHE A 113 -4.79 -2.39 11.76
N ARG A 114 -5.38 -1.27 11.33
CA ARG A 114 -5.94 -0.30 12.26
C ARG A 114 -7.34 -0.70 12.71
N GLY A 115 -7.43 -1.29 13.89
CA GLY A 115 -8.72 -1.71 14.41
C GLY A 115 -8.59 -2.46 15.72
N THR A 116 -8.27 -3.75 15.64
CA THR A 116 -8.13 -4.58 16.83
C THR A 116 -7.00 -5.59 16.66
N PRO A 117 -6.24 -5.81 17.74
CA PRO A 117 -5.12 -6.76 17.74
C PRO A 117 -5.60 -8.21 17.65
N LEU A 118 -4.91 -9.00 16.82
CA LEU A 118 -5.25 -10.40 16.64
C LEU A 118 -4.31 -11.30 17.45
N ARG A 119 -4.89 -12.28 18.13
CA ARG A 119 -4.11 -13.21 18.95
C ARG A 119 -4.68 -14.62 18.86
N PRO A 120 -3.78 -15.63 18.84
CA PRO A 120 -4.18 -17.03 18.76
C PRO A 120 -4.84 -17.52 20.05
N VAL A 121 -6.06 -18.05 19.91
CA VAL A 121 -6.80 -18.56 21.06
C VAL A 121 -6.29 -19.93 21.48
N GLY A 1 -23.96 16.45 -3.09
CA GLY A 1 -25.19 17.16 -2.81
C GLY A 1 -24.97 18.41 -2.00
N SER A 2 -25.86 18.67 -1.04
CA SER A 2 -25.75 19.86 -0.20
C SER A 2 -24.31 20.06 0.27
N SER A 3 -23.77 21.24 -0.01
CA SER A 3 -22.41 21.56 0.37
C SER A 3 -22.36 22.17 1.77
N GLY A 4 -21.29 21.90 2.50
CA GLY A 4 -21.15 22.43 3.84
C GLY A 4 -19.71 22.46 4.31
N SER A 5 -19.51 22.75 5.59
CA SER A 5 -18.16 22.82 6.16
C SER A 5 -17.47 21.46 6.08
N SER A 6 -16.47 21.36 5.23
CA SER A 6 -15.73 20.12 5.06
C SER A 6 -14.92 19.79 6.30
N GLY A 7 -14.89 18.52 6.68
CA GLY A 7 -14.15 18.10 7.85
C GLY A 7 -12.92 17.29 7.50
N ASP A 8 -12.93 16.01 7.85
CA ASP A 8 -11.81 15.13 7.57
C ASP A 8 -11.79 14.71 6.10
N ILE A 9 -10.71 14.08 5.68
CA ILE A 9 -10.57 13.64 4.30
C ILE A 9 -10.49 12.11 4.21
N ARG A 10 -10.85 11.57 3.06
CA ARG A 10 -10.83 10.13 2.85
C ARG A 10 -9.43 9.67 2.43
N PRO A 11 -9.02 10.06 1.21
CA PRO A 11 -7.70 9.70 0.67
C PRO A 11 -6.56 10.40 1.39
N SER A 12 -6.67 11.72 1.52
CA SER A 12 -5.64 12.52 2.18
C SER A 12 -5.39 12.00 3.60
N LYS A 13 -6.47 11.75 4.33
CA LYS A 13 -6.36 11.25 5.70
C LYS A 13 -5.74 9.85 5.72
N LEU A 14 -6.24 8.98 4.84
CA LEU A 14 -5.73 7.62 4.77
C LEU A 14 -4.22 7.60 4.59
N LEU A 15 -3.73 8.41 3.64
CA LEU A 15 -2.30 8.49 3.36
C LEU A 15 -1.50 8.52 4.66
N THR A 16 -1.93 9.36 5.60
CA THR A 16 -1.26 9.50 6.88
C THR A 16 -0.91 8.14 7.46
N TRP A 17 -1.92 7.29 7.62
CA TRP A 17 -1.73 5.94 8.16
C TRP A 17 -0.56 5.25 7.47
N CYS A 18 -0.64 5.15 6.14
CA CYS A 18 0.41 4.50 5.36
C CYS A 18 1.77 5.10 5.68
N GLN A 19 1.87 6.43 5.58
CA GLN A 19 3.13 7.13 5.86
C GLN A 19 3.73 6.65 7.17
N GLN A 20 2.90 6.59 8.21
CA GLN A 20 3.36 6.15 9.53
C GLN A 20 3.98 4.75 9.46
N GLN A 21 3.23 3.81 8.90
CA GLN A 21 3.71 2.43 8.76
C GLN A 21 5.04 2.39 8.02
N THR A 22 5.17 3.23 7.00
CA THR A 22 6.40 3.29 6.22
C THR A 22 7.36 4.34 6.75
N GLU A 23 7.35 4.51 8.07
CA GLU A 23 8.22 5.49 8.71
C GLU A 23 9.56 4.86 9.09
N GLY A 24 10.64 5.47 8.63
CA GLY A 24 11.97 4.95 8.94
C GLY A 24 12.60 4.23 7.75
N TYR A 25 11.79 3.43 7.06
CA TYR A 25 12.28 2.67 5.91
C TYR A 25 13.27 3.50 5.10
N GLN A 26 14.20 2.82 4.44
CA GLN A 26 15.21 3.49 3.63
C GLN A 26 14.79 3.53 2.16
N HIS A 27 15.11 4.64 1.50
CA HIS A 27 14.76 4.80 0.09
C HIS A 27 13.25 4.66 -0.12
N VAL A 28 12.49 5.01 0.91
CA VAL A 28 11.03 4.93 0.83
C VAL A 28 10.38 6.27 1.16
N ASN A 29 10.12 7.07 0.14
CA ASN A 29 9.51 8.38 0.32
C ASN A 29 8.06 8.37 -0.17
N VAL A 30 7.13 8.17 0.75
CA VAL A 30 5.72 8.15 0.42
C VAL A 30 5.13 9.55 0.41
N THR A 31 4.82 10.06 -0.79
CA THR A 31 4.25 11.39 -0.94
C THR A 31 2.90 11.33 -1.63
N ASP A 32 2.70 10.32 -2.46
CA ASP A 32 1.44 10.15 -3.18
C ASP A 32 0.94 8.72 -3.06
N LEU A 33 -0.21 8.45 -3.67
CA LEU A 33 -0.81 7.12 -3.63
C LEU A 33 -0.88 6.51 -5.03
N THR A 34 0.01 6.96 -5.90
CA THR A 34 0.05 6.46 -7.28
C THR A 34 1.47 6.06 -7.68
N THR A 35 2.44 6.92 -7.34
CA THR A 35 3.83 6.66 -7.67
C THR A 35 4.54 5.94 -6.52
N SER A 36 4.18 6.31 -5.29
CA SER A 36 4.79 5.71 -4.11
C SER A 36 4.47 4.22 -4.04
N TRP A 37 3.40 3.82 -4.70
CA TRP A 37 2.99 2.41 -4.72
C TRP A 37 3.03 1.84 -6.13
N ARG A 38 3.98 2.34 -6.94
CA ARG A 38 4.12 1.88 -8.31
C ARG A 38 4.98 0.61 -8.37
N SER A 39 6.07 0.60 -7.61
CA SER A 39 6.96 -0.54 -7.58
C SER A 39 6.46 -1.61 -6.61
N GLY A 40 5.95 -1.17 -5.47
CA GLY A 40 5.45 -2.09 -4.47
C GLY A 40 6.09 -1.90 -3.11
N LEU A 41 7.37 -1.51 -3.11
CA LEU A 41 8.09 -1.29 -1.87
C LEU A 41 7.20 -0.66 -0.82
N ALA A 42 6.45 0.37 -1.21
CA ALA A 42 5.54 1.06 -0.30
C ALA A 42 4.72 0.06 0.51
N LEU A 43 3.93 -0.74 -0.20
CA LEU A 43 3.07 -1.73 0.44
C LEU A 43 3.91 -2.77 1.18
N CYS A 44 4.79 -3.45 0.44
CA CYS A 44 5.65 -4.47 1.02
C CYS A 44 6.13 -4.05 2.39
N ALA A 45 6.30 -2.75 2.59
CA ALA A 45 6.76 -2.22 3.86
C ALA A 45 5.73 -2.47 4.96
N ILE A 46 4.49 -2.07 4.70
CA ILE A 46 3.41 -2.25 5.67
C ILE A 46 3.31 -3.70 6.12
N ILE A 47 3.44 -4.62 5.17
CA ILE A 47 3.37 -6.04 5.47
C ILE A 47 4.61 -6.51 6.22
N HIS A 48 5.76 -6.42 5.55
CA HIS A 48 7.02 -6.84 6.15
C HIS A 48 7.11 -6.37 7.60
N ARG A 49 6.75 -5.11 7.83
CA ARG A 49 6.79 -4.55 9.18
C ARG A 49 6.30 -5.54 10.21
N PHE A 50 5.04 -5.95 10.08
CA PHE A 50 4.45 -6.90 11.01
C PHE A 50 5.06 -8.29 10.82
N ARG A 51 5.14 -8.72 9.56
CA ARG A 51 5.70 -10.04 9.25
C ARG A 51 6.77 -9.92 8.17
N PRO A 52 8.02 -9.72 8.60
CA PRO A 52 9.16 -9.59 7.68
C PRO A 52 9.51 -10.91 7.00
N GLU A 53 8.95 -12.00 7.51
CA GLU A 53 9.21 -13.32 6.95
C GLU A 53 8.53 -13.47 5.59
N LEU A 54 7.31 -12.94 5.49
CA LEU A 54 6.55 -13.01 4.24
C LEU A 54 7.23 -12.23 3.13
N ILE A 55 7.65 -11.01 3.45
CA ILE A 55 8.33 -10.15 2.49
C ILE A 55 9.68 -9.69 3.02
N ASN A 56 10.71 -9.86 2.19
CA ASN A 56 12.06 -9.45 2.57
C ASN A 56 12.50 -8.23 1.78
N PHE A 57 12.12 -7.05 2.26
CA PHE A 57 12.48 -5.80 1.60
C PHE A 57 13.93 -5.84 1.12
N ASP A 58 14.83 -6.27 1.99
CA ASP A 58 16.25 -6.36 1.64
C ASP A 58 16.43 -6.84 0.21
N SER A 59 15.67 -7.85 -0.18
CA SER A 59 15.75 -8.39 -1.53
C SER A 59 14.98 -7.52 -2.52
N LEU A 60 13.76 -7.14 -2.14
CA LEU A 60 12.93 -6.31 -2.99
C LEU A 60 13.69 -5.08 -3.47
N ASN A 61 14.08 -5.10 -4.74
CA ASN A 61 14.82 -3.97 -5.32
C ASN A 61 13.96 -3.22 -6.33
N GLU A 62 14.17 -1.92 -6.42
CA GLU A 62 13.41 -1.08 -7.34
C GLU A 62 13.22 -1.79 -8.68
N ASP A 63 14.32 -2.16 -9.30
CA ASP A 63 14.28 -2.86 -10.59
C ASP A 63 13.30 -4.03 -10.55
N ASP A 64 13.19 -4.66 -9.39
CA ASP A 64 12.30 -5.79 -9.21
C ASP A 64 10.89 -5.32 -8.89
N ALA A 65 10.41 -4.33 -9.64
CA ALA A 65 9.08 -3.79 -9.44
C ALA A 65 8.00 -4.85 -9.68
N VAL A 66 7.91 -5.33 -10.92
CA VAL A 66 6.94 -6.35 -11.27
C VAL A 66 6.81 -7.39 -10.17
N GLU A 67 7.94 -7.94 -9.74
CA GLU A 67 7.95 -8.95 -8.70
C GLU A 67 7.45 -8.37 -7.37
N ASN A 68 7.95 -7.19 -7.03
CA ASN A 68 7.57 -6.51 -5.79
C ASN A 68 6.05 -6.43 -5.68
N ASN A 69 5.42 -5.81 -6.67
CA ASN A 69 3.97 -5.66 -6.68
C ASN A 69 3.28 -7.02 -6.56
N GLN A 70 3.52 -7.89 -7.54
CA GLN A 70 2.93 -9.22 -7.55
C GLN A 70 3.06 -9.88 -6.18
N LEU A 71 4.23 -9.76 -5.58
CA LEU A 71 4.50 -10.35 -4.28
C LEU A 71 3.47 -9.88 -3.25
N ALA A 72 3.49 -8.59 -2.94
CA ALA A 72 2.56 -8.02 -1.98
C ALA A 72 1.14 -8.50 -2.24
N PHE A 73 0.72 -8.42 -3.50
CA PHE A 73 -0.62 -8.85 -3.89
C PHE A 73 -0.86 -10.31 -3.52
N ASP A 74 0.12 -11.15 -3.84
CA ASP A 74 0.02 -12.58 -3.53
C ASP A 74 -0.05 -12.81 -2.03
N VAL A 75 0.96 -12.35 -1.30
CA VAL A 75 1.00 -12.51 0.14
C VAL A 75 -0.28 -11.98 0.79
N ALA A 76 -0.84 -10.93 0.21
CA ALA A 76 -2.06 -10.33 0.73
C ALA A 76 -3.28 -11.19 0.39
N GLU A 77 -3.26 -11.79 -0.79
CA GLU A 77 -4.37 -12.63 -1.24
C GLU A 77 -4.26 -14.02 -0.61
N ARG A 78 -3.11 -14.32 -0.03
CA ARG A 78 -2.89 -15.62 0.60
C ARG A 78 -3.06 -15.53 2.12
N GLU A 79 -2.40 -14.53 2.71
CA GLU A 79 -2.47 -14.32 4.16
C GLU A 79 -3.75 -13.60 4.54
N PHE A 80 -3.97 -12.43 3.94
CA PHE A 80 -5.16 -11.63 4.23
C PHE A 80 -6.36 -12.12 3.41
N GLY A 81 -6.06 -12.84 2.33
CA GLY A 81 -7.12 -13.35 1.47
C GLY A 81 -7.85 -12.25 0.73
N ILE A 82 -7.12 -11.21 0.34
CA ILE A 82 -7.71 -10.09 -0.39
C ILE A 82 -7.29 -10.09 -1.85
N PRO A 83 -8.28 -10.10 -2.75
CA PRO A 83 -8.03 -10.10 -4.20
C PRO A 83 -7.46 -8.78 -4.69
N PRO A 84 -6.32 -8.85 -5.39
CA PRO A 84 -5.64 -7.66 -5.93
C PRO A 84 -6.42 -7.03 -7.08
N VAL A 85 -6.58 -5.71 -7.02
CA VAL A 85 -7.29 -4.98 -8.06
C VAL A 85 -6.51 -4.98 -9.37
N THR A 86 -5.20 -5.07 -9.28
CA THR A 86 -4.34 -5.08 -10.45
C THR A 86 -3.23 -6.12 -10.32
N THR A 87 -2.64 -6.51 -11.44
CA THR A 87 -1.58 -7.49 -11.45
C THR A 87 -0.21 -6.82 -11.41
N GLY A 88 0.71 -7.41 -10.65
CA GLY A 88 2.04 -6.84 -10.54
C GLY A 88 2.52 -6.23 -11.85
N LYS A 89 2.42 -7.00 -12.93
CA LYS A 89 2.84 -6.53 -14.24
C LYS A 89 2.18 -5.19 -14.58
N GLU A 90 0.86 -5.21 -14.73
CA GLU A 90 0.11 -4.01 -15.05
C GLU A 90 0.48 -2.86 -14.12
N MET A 91 0.55 -3.17 -12.82
CA MET A 91 0.89 -2.17 -11.82
C MET A 91 2.14 -1.40 -12.22
N ALA A 92 3.14 -2.13 -12.70
CA ALA A 92 4.40 -1.52 -13.13
C ALA A 92 4.27 -0.91 -14.53
N SER A 93 3.52 -1.59 -15.39
CA SER A 93 3.33 -1.13 -16.76
C SER A 93 2.97 0.35 -16.78
N ALA A 94 1.81 0.68 -16.24
CA ALA A 94 1.35 2.07 -16.19
C ALA A 94 2.09 2.86 -15.11
N GLN A 95 2.96 3.76 -15.54
CA GLN A 95 3.74 4.58 -14.62
C GLN A 95 2.85 5.10 -13.49
N GLU A 96 1.79 5.82 -13.86
CA GLU A 96 0.87 6.38 -12.89
C GLU A 96 -0.46 5.62 -12.89
N PRO A 97 -0.71 4.86 -11.83
CA PRO A 97 -1.94 4.06 -11.69
C PRO A 97 -3.16 4.95 -11.46
N ASP A 98 -4.27 4.32 -11.09
CA ASP A 98 -5.51 5.05 -10.85
C ASP A 98 -5.61 5.47 -9.38
N LYS A 99 -5.29 6.72 -9.11
CA LYS A 99 -5.36 7.26 -7.75
C LYS A 99 -6.50 6.62 -6.96
N LEU A 100 -7.65 6.47 -7.62
CA LEU A 100 -8.82 5.88 -6.98
C LEU A 100 -8.59 4.40 -6.70
N SER A 101 -8.27 3.65 -7.74
CA SER A 101 -8.04 2.21 -7.62
C SER A 101 -7.07 1.93 -6.47
N MET A 102 -6.07 2.79 -6.32
CA MET A 102 -5.08 2.63 -5.25
C MET A 102 -5.71 2.88 -3.89
N VAL A 103 -6.39 4.02 -3.76
CA VAL A 103 -7.04 4.37 -2.50
C VAL A 103 -8.05 3.31 -2.08
N MET A 104 -8.98 3.00 -2.98
CA MET A 104 -10.01 2.01 -2.71
C MET A 104 -9.38 0.70 -2.22
N TYR A 105 -8.27 0.32 -2.84
CA TYR A 105 -7.57 -0.91 -2.47
C TYR A 105 -6.96 -0.79 -1.08
N LEU A 106 -6.24 0.30 -0.85
CA LEU A 106 -5.60 0.54 0.43
C LEU A 106 -6.60 0.44 1.57
N SER A 107 -7.78 1.03 1.37
CA SER A 107 -8.82 1.01 2.39
C SER A 107 -8.91 -0.36 3.05
N LYS A 108 -8.99 -1.40 2.24
CA LYS A 108 -9.08 -2.77 2.74
C LYS A 108 -8.00 -3.03 3.79
N PHE A 109 -6.76 -2.68 3.46
CA PHE A 109 -5.65 -2.89 4.38
C PHE A 109 -5.76 -1.96 5.59
N TYR A 110 -5.92 -0.66 5.31
CA TYR A 110 -6.04 0.33 6.36
C TYR A 110 -7.03 -0.13 7.44
N GLU A 111 -8.25 -0.47 7.01
CA GLU A 111 -9.27 -0.92 7.93
C GLU A 111 -8.89 -2.24 8.58
N LEU A 112 -8.38 -3.17 7.76
CA LEU A 112 -7.98 -4.48 8.26
C LEU A 112 -7.18 -4.35 9.55
N PHE A 113 -6.07 -3.62 9.48
CA PHE A 113 -5.22 -3.42 10.64
C PHE A 113 -5.94 -2.62 11.72
N ARG A 114 -6.53 -1.50 11.32
CA ARG A 114 -7.26 -0.64 12.24
C ARG A 114 -8.12 -1.48 13.19
N GLY A 115 -8.89 -2.39 12.62
CA GLY A 115 -9.75 -3.24 13.43
C GLY A 115 -10.91 -3.81 12.63
N THR A 116 -11.22 -5.08 12.89
CA THR A 116 -12.32 -5.74 12.18
C THR A 116 -13.67 -5.14 12.57
N PRO A 117 -14.59 -5.07 11.59
CA PRO A 117 -15.92 -4.51 11.80
C PRO A 117 -16.78 -5.41 12.68
N LEU A 118 -18.01 -4.96 12.96
CA LEU A 118 -18.93 -5.72 13.79
C LEU A 118 -18.93 -7.20 13.40
N ARG A 119 -19.14 -8.07 14.38
CA ARG A 119 -19.16 -9.50 14.13
C ARG A 119 -20.14 -10.20 15.08
N PRO A 120 -21.00 -11.04 14.52
CA PRO A 120 -22.00 -11.80 15.30
C PRO A 120 -21.36 -12.87 16.17
N VAL A 121 -22.20 -13.60 16.91
CA VAL A 121 -21.72 -14.67 17.77
C VAL A 121 -22.24 -16.03 17.32
N GLY A 1 0.43 30.11 -0.29
CA GLY A 1 -0.24 31.39 -0.42
C GLY A 1 -1.75 31.24 -0.51
N SER A 2 -2.35 30.70 0.55
CA SER A 2 -3.79 30.49 0.59
C SER A 2 -4.28 30.38 2.03
N SER A 3 -5.60 30.28 2.20
CA SER A 3 -6.19 30.16 3.52
C SER A 3 -6.53 28.71 3.84
N GLY A 4 -7.16 28.04 2.88
CA GLY A 4 -7.53 26.65 3.08
C GLY A 4 -8.99 26.49 3.47
N SER A 5 -9.72 25.69 2.70
CA SER A 5 -11.14 25.46 2.97
C SER A 5 -11.35 24.09 3.62
N SER A 6 -10.76 23.07 3.03
CA SER A 6 -10.88 21.70 3.54
C SER A 6 -9.56 21.21 4.12
N GLY A 7 -9.60 20.72 5.35
CA GLY A 7 -8.40 20.22 5.99
C GLY A 7 -7.93 18.90 5.42
N ASP A 8 -8.12 17.82 6.17
CA ASP A 8 -7.71 16.50 5.73
C ASP A 8 -8.65 15.98 4.64
N ILE A 9 -8.07 15.54 3.53
CA ILE A 9 -8.84 15.02 2.42
C ILE A 9 -9.13 13.53 2.60
N ARG A 10 -10.28 13.09 2.09
CA ARG A 10 -10.67 11.69 2.19
C ARG A 10 -9.45 10.78 2.10
N PRO A 11 -8.73 10.85 0.97
CA PRO A 11 -7.54 10.04 0.73
C PRO A 11 -6.37 10.47 1.62
N SER A 12 -6.10 11.76 1.65
CA SER A 12 -5.00 12.29 2.45
C SER A 12 -4.83 11.49 3.74
N LYS A 13 -5.92 11.40 4.51
CA LYS A 13 -5.89 10.67 5.78
C LYS A 13 -5.15 9.34 5.62
N LEU A 14 -5.66 8.49 4.73
CA LEU A 14 -5.04 7.19 4.49
C LEU A 14 -3.53 7.32 4.36
N LEU A 15 -3.09 8.26 3.53
CA LEU A 15 -1.67 8.49 3.32
C LEU A 15 -0.93 8.65 4.64
N THR A 16 -1.42 9.57 5.47
CA THR A 16 -0.81 9.82 6.77
C THR A 16 -0.44 8.52 7.46
N TRP A 17 -1.43 7.64 7.63
CA TRP A 17 -1.19 6.35 8.28
C TRP A 17 -0.05 5.60 7.62
N CYS A 18 -0.16 5.38 6.32
CA CYS A 18 0.87 4.68 5.57
C CYS A 18 2.25 5.29 5.82
N GLN A 19 2.32 6.61 5.78
CA GLN A 19 3.57 7.32 6.00
C GLN A 19 4.19 6.92 7.34
N GLN A 20 3.41 7.03 8.40
CA GLN A 20 3.87 6.68 9.74
C GLN A 20 4.44 5.27 9.76
N GLN A 21 3.64 4.30 9.34
CA GLN A 21 4.06 2.91 9.31
C GLN A 21 5.39 2.75 8.58
N THR A 22 5.46 3.30 7.37
CA THR A 22 6.66 3.23 6.56
C THR A 22 7.40 4.56 6.56
N GLU A 23 7.54 5.15 7.74
CA GLU A 23 8.23 6.43 7.88
C GLU A 23 9.72 6.21 8.19
N GLY A 24 10.05 5.01 8.66
CA GLY A 24 11.43 4.71 9.00
C GLY A 24 12.03 3.69 8.06
N TYR A 25 11.52 3.64 6.83
CA TYR A 25 12.01 2.70 5.83
C TYR A 25 13.00 3.38 4.89
N GLN A 26 14.07 2.67 4.54
CA GLN A 26 15.08 3.21 3.65
C GLN A 26 14.60 3.19 2.20
N HIS A 27 14.88 4.27 1.47
CA HIS A 27 14.48 4.37 0.08
C HIS A 27 12.96 4.28 -0.07
N VAL A 28 12.26 4.74 0.97
CA VAL A 28 10.79 4.71 0.95
C VAL A 28 10.21 6.08 1.31
N ASN A 29 9.88 6.85 0.28
CA ASN A 29 9.32 8.18 0.47
C ASN A 29 7.88 8.24 -0.02
N VAL A 30 6.94 7.92 0.88
CA VAL A 30 5.52 7.94 0.53
C VAL A 30 5.00 9.37 0.40
N THR A 31 4.87 9.83 -0.84
CA THR A 31 4.38 11.18 -1.10
C THR A 31 2.98 11.15 -1.70
N ASP A 32 2.73 10.19 -2.57
CA ASP A 32 1.43 10.05 -3.21
C ASP A 32 0.95 8.60 -3.18
N LEU A 33 -0.29 8.37 -3.62
CA LEU A 33 -0.86 7.04 -3.62
C LEU A 33 -0.97 6.50 -5.05
N THR A 34 -0.02 6.89 -5.89
CA THR A 34 -0.01 6.46 -7.29
C THR A 34 1.38 5.97 -7.69
N THR A 35 2.37 6.84 -7.54
CA THR A 35 3.74 6.50 -7.90
C THR A 35 4.44 5.75 -6.76
N SER A 36 4.16 6.17 -5.53
CA SER A 36 4.75 5.54 -4.36
C SER A 36 4.39 4.06 -4.29
N TRP A 37 3.25 3.71 -4.86
CA TRP A 37 2.80 2.33 -4.86
C TRP A 37 2.85 1.74 -6.27
N ARG A 38 3.76 2.26 -7.09
CA ARG A 38 3.91 1.79 -8.46
C ARG A 38 4.81 0.56 -8.51
N SER A 39 5.85 0.55 -7.68
CA SER A 39 6.78 -0.57 -7.63
C SER A 39 6.31 -1.63 -6.64
N GLY A 40 5.90 -1.19 -5.46
CA GLY A 40 5.43 -2.11 -4.44
C GLY A 40 6.11 -1.89 -3.10
N LEU A 41 7.37 -1.46 -3.14
CA LEU A 41 8.12 -1.21 -1.92
C LEU A 41 7.24 -0.57 -0.86
N ALA A 42 6.40 0.36 -1.28
CA ALA A 42 5.50 1.05 -0.36
C ALA A 42 4.69 0.06 0.47
N LEU A 43 3.84 -0.72 -0.19
CA LEU A 43 3.01 -1.71 0.48
C LEU A 43 3.87 -2.75 1.17
N CYS A 44 4.76 -3.37 0.41
CA CYS A 44 5.65 -4.40 0.96
C CYS A 44 6.18 -3.99 2.33
N ALA A 45 6.52 -2.71 2.47
CA ALA A 45 7.04 -2.19 3.73
C ALA A 45 6.03 -2.41 4.86
N ILE A 46 4.80 -1.99 4.64
CA ILE A 46 3.75 -2.14 5.64
C ILE A 46 3.65 -3.59 6.11
N ILE A 47 3.49 -4.50 5.16
CA ILE A 47 3.38 -5.92 5.48
C ILE A 47 4.57 -6.40 6.29
N HIS A 48 5.76 -6.24 5.73
CA HIS A 48 6.99 -6.65 6.40
C HIS A 48 7.00 -6.17 7.84
N ARG A 49 6.63 -4.91 8.06
CA ARG A 49 6.61 -4.33 9.39
C ARG A 49 6.01 -5.31 10.40
N PHE A 50 4.74 -5.64 10.22
CA PHE A 50 4.04 -6.56 11.10
C PHE A 50 4.67 -7.95 11.03
N ARG A 51 4.85 -8.45 9.81
CA ARG A 51 5.44 -9.77 9.61
C ARG A 51 6.53 -9.72 8.55
N PRO A 52 7.77 -9.48 8.99
CA PRO A 52 8.93 -9.40 8.09
C PRO A 52 9.30 -10.75 7.51
N GLU A 53 8.66 -11.81 8.00
CA GLU A 53 8.93 -13.16 7.53
C GLU A 53 8.29 -13.39 6.16
N LEU A 54 7.12 -12.78 5.94
CA LEU A 54 6.41 -12.92 4.68
C LEU A 54 7.13 -12.17 3.57
N ILE A 55 7.50 -10.92 3.83
CA ILE A 55 8.20 -10.11 2.85
C ILE A 55 9.53 -9.60 3.40
N ASN A 56 10.56 -9.60 2.57
CA ASN A 56 11.88 -9.13 2.97
C ASN A 56 12.32 -7.93 2.13
N PHE A 57 12.07 -6.73 2.65
CA PHE A 57 12.44 -5.50 1.95
C PHE A 57 13.88 -5.58 1.45
N ASP A 58 14.77 -6.06 2.31
CA ASP A 58 16.18 -6.18 1.97
C ASP A 58 16.35 -6.87 0.61
N SER A 59 15.50 -7.86 0.34
CA SER A 59 15.55 -8.61 -0.90
C SER A 59 14.83 -7.85 -2.02
N LEU A 60 13.70 -7.25 -1.68
CA LEU A 60 12.92 -6.49 -2.65
C LEU A 60 13.79 -5.46 -3.36
N ASN A 61 13.90 -5.59 -4.68
CA ASN A 61 14.69 -4.67 -5.48
C ASN A 61 13.80 -3.66 -6.20
N GLU A 62 13.97 -2.38 -5.89
CA GLU A 62 13.18 -1.33 -6.50
C GLU A 62 12.99 -1.59 -8.00
N ASP A 63 14.08 -1.90 -8.69
CA ASP A 63 14.03 -2.19 -10.11
C ASP A 63 13.11 -3.37 -10.40
N ASP A 64 13.10 -4.33 -9.48
CA ASP A 64 12.27 -5.53 -9.64
C ASP A 64 10.84 -5.25 -9.19
N ALA A 65 10.27 -4.17 -9.70
CA ALA A 65 8.90 -3.79 -9.35
C ALA A 65 7.93 -4.92 -9.66
N VAL A 66 7.84 -5.28 -10.95
CA VAL A 66 6.95 -6.34 -11.39
C VAL A 66 6.87 -7.45 -10.34
N GLU A 67 8.03 -7.89 -9.86
CA GLU A 67 8.08 -8.94 -8.86
C GLU A 67 7.64 -8.43 -7.49
N ASN A 68 8.15 -7.26 -7.11
CA ASN A 68 7.80 -6.67 -5.83
C ASN A 68 6.30 -6.64 -5.62
N ASN A 69 5.59 -5.99 -6.54
CA ASN A 69 4.13 -5.91 -6.46
C ASN A 69 3.50 -7.29 -6.41
N GLN A 70 3.57 -8.01 -7.52
CA GLN A 70 3.01 -9.35 -7.60
C GLN A 70 3.19 -10.10 -6.29
N LEU A 71 4.37 -9.96 -5.69
CA LEU A 71 4.68 -10.62 -4.44
C LEU A 71 3.71 -10.17 -3.34
N ALA A 72 3.69 -8.87 -3.08
CA ALA A 72 2.81 -8.32 -2.05
C ALA A 72 1.37 -8.74 -2.28
N PHE A 73 0.93 -8.68 -3.53
CA PHE A 73 -0.45 -9.06 -3.88
C PHE A 73 -0.70 -10.52 -3.53
N ASP A 74 0.18 -11.40 -3.99
CA ASP A 74 0.05 -12.83 -3.73
C ASP A 74 0.06 -13.11 -2.24
N VAL A 75 0.98 -12.46 -1.52
CA VAL A 75 1.09 -12.64 -0.08
C VAL A 75 -0.18 -12.22 0.64
N ALA A 76 -0.82 -11.17 0.12
CA ALA A 76 -2.06 -10.68 0.71
C ALA A 76 -3.25 -11.52 0.28
N GLU A 77 -3.23 -12.00 -0.96
CA GLU A 77 -4.31 -12.82 -1.48
C GLU A 77 -4.20 -14.26 -0.97
N ARG A 78 -3.04 -14.60 -0.45
CA ARG A 78 -2.79 -15.94 0.07
C ARG A 78 -2.96 -15.96 1.59
N GLU A 79 -2.52 -14.89 2.24
CA GLU A 79 -2.62 -14.80 3.70
C GLU A 79 -3.90 -14.10 4.11
N PHE A 80 -4.10 -12.88 3.59
CA PHE A 80 -5.29 -12.11 3.91
C PHE A 80 -6.47 -12.53 3.03
N GLY A 81 -6.16 -13.13 1.89
CA GLY A 81 -7.21 -13.57 0.98
C GLY A 81 -7.92 -12.41 0.31
N ILE A 82 -7.18 -11.34 0.03
CA ILE A 82 -7.75 -10.17 -0.62
C ILE A 82 -7.31 -10.08 -2.08
N PRO A 83 -8.30 -10.13 -2.99
CA PRO A 83 -8.05 -10.05 -4.43
C PRO A 83 -7.56 -8.67 -4.87
N PRO A 84 -6.38 -8.63 -5.50
CA PRO A 84 -5.79 -7.37 -5.98
C PRO A 84 -6.56 -6.78 -7.16
N VAL A 85 -6.77 -5.47 -7.13
CA VAL A 85 -7.50 -4.79 -8.20
C VAL A 85 -6.68 -4.78 -9.48
N THR A 86 -5.36 -4.79 -9.35
CA THR A 86 -4.46 -4.78 -10.50
C THR A 86 -3.34 -5.80 -10.33
N THR A 87 -2.71 -6.17 -11.44
CA THR A 87 -1.62 -7.14 -11.42
C THR A 87 -0.27 -6.43 -11.41
N GLY A 88 0.63 -6.88 -10.54
CA GLY A 88 1.94 -6.28 -10.45
C GLY A 88 2.48 -5.85 -11.80
N LYS A 89 2.39 -6.75 -12.78
CA LYS A 89 2.87 -6.46 -14.12
C LYS A 89 2.36 -5.11 -14.60
N GLU A 90 1.04 -4.92 -14.55
CA GLU A 90 0.44 -3.67 -14.98
C GLU A 90 0.73 -2.55 -13.99
N MET A 91 0.57 -2.84 -12.71
CA MET A 91 0.81 -1.86 -11.66
C MET A 91 2.09 -1.05 -11.96
N ALA A 92 3.12 -1.74 -12.39
CA ALA A 92 4.39 -1.10 -12.72
C ALA A 92 4.39 -0.57 -14.15
N SER A 93 3.78 -1.33 -15.06
CA SER A 93 3.71 -0.94 -16.46
C SER A 93 3.06 0.42 -16.62
N ALA A 94 1.82 0.54 -16.14
CA ALA A 94 1.09 1.80 -16.23
C ALA A 94 1.88 2.94 -15.60
N GLN A 95 2.30 3.88 -16.43
CA GLN A 95 3.08 5.02 -15.96
C GLN A 95 2.38 5.71 -14.79
N GLU A 96 1.16 6.18 -15.03
CA GLU A 96 0.38 6.85 -13.99
C GLU A 96 -0.95 6.15 -13.77
N PRO A 97 -0.98 5.27 -12.75
CA PRO A 97 -2.18 4.51 -12.39
C PRO A 97 -3.27 5.39 -11.80
N ASP A 98 -4.47 4.84 -11.66
CA ASP A 98 -5.60 5.58 -11.11
C ASP A 98 -5.53 5.62 -9.59
N LYS A 99 -5.72 6.80 -9.03
CA LYS A 99 -5.68 6.98 -7.59
C LYS A 99 -6.87 6.31 -6.91
N LEU A 100 -8.05 6.52 -7.47
CA LEU A 100 -9.27 5.93 -6.93
C LEU A 100 -9.11 4.42 -6.73
N SER A 101 -8.87 3.71 -7.82
CA SER A 101 -8.69 2.26 -7.76
C SER A 101 -7.65 1.88 -6.71
N MET A 102 -6.65 2.73 -6.56
CA MET A 102 -5.58 2.49 -5.59
C MET A 102 -6.11 2.62 -4.17
N VAL A 103 -6.79 3.72 -3.89
CA VAL A 103 -7.35 3.97 -2.57
C VAL A 103 -8.32 2.87 -2.16
N MET A 104 -9.41 2.75 -2.92
CA MET A 104 -10.42 1.74 -2.64
C MET A 104 -9.77 0.44 -2.17
N TYR A 105 -8.64 0.10 -2.77
CA TYR A 105 -7.92 -1.12 -2.42
C TYR A 105 -7.17 -0.94 -1.11
N LEU A 106 -6.24 0.00 -1.09
CA LEU A 106 -5.44 0.27 0.11
C LEU A 106 -6.29 0.17 1.37
N SER A 107 -7.48 0.79 1.33
CA SER A 107 -8.39 0.76 2.46
C SER A 107 -8.46 -0.63 3.07
N LYS A 108 -8.63 -1.64 2.22
CA LYS A 108 -8.71 -3.02 2.67
C LYS A 108 -7.75 -3.27 3.83
N PHE A 109 -6.49 -2.89 3.64
CA PHE A 109 -5.48 -3.07 4.67
C PHE A 109 -5.62 -2.03 5.77
N TYR A 110 -5.68 -0.77 5.38
CA TYR A 110 -5.81 0.33 6.33
C TYR A 110 -6.79 -0.04 7.45
N GLU A 111 -7.93 -0.59 7.07
CA GLU A 111 -8.95 -0.99 8.04
C GLU A 111 -8.52 -2.25 8.79
N LEU A 112 -8.00 -3.22 8.06
CA LEU A 112 -7.54 -4.47 8.65
C LEU A 112 -6.63 -4.21 9.85
N PHE A 113 -5.55 -3.48 9.62
CA PHE A 113 -4.60 -3.15 10.68
C PHE A 113 -5.23 -2.19 11.68
N ARG A 114 -5.86 -1.14 11.18
CA ARG A 114 -6.49 -0.15 12.04
C ARG A 114 -7.58 -0.79 12.90
N GLY A 115 -7.25 -1.03 14.17
CA GLY A 115 -8.20 -1.64 15.08
C GLY A 115 -9.13 -0.61 15.71
N THR A 116 -8.98 -0.41 17.02
CA THR A 116 -9.81 0.54 17.75
C THR A 116 -9.35 1.97 17.50
N PRO A 117 -10.32 2.89 17.37
CA PRO A 117 -10.04 4.30 17.12
C PRO A 117 -9.43 4.99 18.34
N LEU A 118 -8.83 6.15 18.12
CA LEU A 118 -8.20 6.91 19.20
C LEU A 118 -9.24 7.34 20.23
N ARG A 119 -8.75 7.84 21.37
CA ARG A 119 -9.64 8.29 22.44
C ARG A 119 -9.03 9.47 23.19
N PRO A 120 -9.67 10.65 23.08
CA PRO A 120 -9.21 11.86 23.74
C PRO A 120 -9.37 11.81 25.25
N VAL A 121 -8.35 11.32 25.94
CA VAL A 121 -8.37 11.21 27.39
C VAL A 121 -8.30 12.59 28.05
N GLY A 1 -22.42 36.36 -2.48
CA GLY A 1 -21.49 35.66 -1.62
C GLY A 1 -20.56 34.74 -2.40
N SER A 2 -19.42 34.41 -1.81
CA SER A 2 -18.45 33.54 -2.46
C SER A 2 -18.54 32.12 -1.90
N SER A 3 -18.47 31.14 -2.78
CA SER A 3 -18.54 29.73 -2.39
C SER A 3 -17.15 29.18 -2.11
N GLY A 4 -16.89 28.84 -0.85
CA GLY A 4 -15.60 28.30 -0.47
C GLY A 4 -15.61 26.79 -0.34
N SER A 5 -14.53 26.23 0.18
CA SER A 5 -14.42 24.79 0.34
C SER A 5 -14.99 24.35 1.69
N SER A 6 -15.55 23.15 1.72
CA SER A 6 -16.13 22.62 2.95
C SER A 6 -16.11 21.09 2.94
N GLY A 7 -15.22 20.51 3.74
CA GLY A 7 -15.12 19.06 3.81
C GLY A 7 -13.69 18.58 3.78
N ASP A 8 -13.34 17.71 4.72
CA ASP A 8 -11.98 17.17 4.80
C ASP A 8 -11.65 16.35 3.56
N ILE A 9 -10.38 15.96 3.45
CA ILE A 9 -9.94 15.16 2.31
C ILE A 9 -10.12 13.68 2.57
N ARG A 10 -10.30 12.91 1.50
CA ARG A 10 -10.49 11.47 1.61
C ARG A 10 -9.15 10.74 1.69
N PRO A 11 -8.39 10.79 0.59
CA PRO A 11 -7.08 10.14 0.51
C PRO A 11 -6.03 10.84 1.38
N SER A 12 -6.50 11.69 2.29
CA SER A 12 -5.61 12.42 3.18
C SER A 12 -5.33 11.63 4.45
N LYS A 13 -6.40 11.28 5.16
CA LYS A 13 -6.27 10.51 6.41
C LYS A 13 -5.59 9.18 6.15
N LEU A 14 -5.97 8.52 5.05
CA LEU A 14 -5.39 7.23 4.69
C LEU A 14 -3.88 7.35 4.47
N LEU A 15 -3.50 8.21 3.53
CA LEU A 15 -2.08 8.42 3.23
C LEU A 15 -1.26 8.57 4.50
N THR A 16 -1.75 9.41 5.41
CA THR A 16 -1.06 9.65 6.68
C THR A 16 -0.63 8.34 7.32
N TRP A 17 -1.59 7.48 7.61
CA TRP A 17 -1.30 6.19 8.23
C TRP A 17 -0.15 5.49 7.52
N CYS A 18 -0.26 5.37 6.19
CA CYS A 18 0.77 4.72 5.40
C CYS A 18 2.12 5.42 5.58
N GLN A 19 2.10 6.75 5.56
CA GLN A 19 3.31 7.54 5.71
C GLN A 19 3.99 7.23 7.04
N GLN A 20 3.19 7.01 8.07
CA GLN A 20 3.71 6.71 9.40
C GLN A 20 4.38 5.35 9.42
N GLN A 21 3.69 4.35 8.87
CA GLN A 21 4.23 2.99 8.83
C GLN A 21 5.54 2.95 8.05
N THR A 22 5.52 3.53 6.86
CA THR A 22 6.71 3.55 6.00
C THR A 22 7.82 4.38 6.64
N GLU A 23 7.46 5.51 7.24
CA GLU A 23 8.43 6.38 7.88
C GLU A 23 9.54 5.56 8.54
N GLY A 24 10.79 5.93 8.25
CA GLY A 24 11.92 5.23 8.82
C GLY A 24 12.68 4.43 7.78
N TYR A 25 11.95 3.71 6.92
CA TYR A 25 12.57 2.90 5.89
C TYR A 25 13.55 3.72 5.06
N GLN A 26 14.29 3.05 4.19
CA GLN A 26 15.26 3.72 3.33
C GLN A 26 14.78 3.73 1.89
N HIS A 27 15.24 4.73 1.13
CA HIS A 27 14.87 4.85 -0.28
C HIS A 27 13.36 4.70 -0.45
N VAL A 28 12.62 5.03 0.61
CA VAL A 28 11.16 4.93 0.58
C VAL A 28 10.51 6.26 0.94
N ASN A 29 10.16 7.05 -0.08
CA ASN A 29 9.53 8.34 0.14
C ASN A 29 8.09 8.33 -0.33
N VAL A 30 7.16 8.23 0.61
CA VAL A 30 5.73 8.22 0.29
C VAL A 30 5.16 9.63 0.27
N THR A 31 4.79 10.10 -0.92
CA THR A 31 4.23 11.43 -1.08
C THR A 31 2.83 11.37 -1.68
N ASP A 32 2.62 10.42 -2.58
CA ASP A 32 1.33 10.25 -3.23
C ASP A 32 0.82 8.82 -3.07
N LEU A 33 -0.36 8.55 -3.64
CA LEU A 33 -0.96 7.22 -3.54
C LEU A 33 -1.13 6.62 -4.93
N THR A 34 -0.30 7.05 -5.88
CA THR A 34 -0.36 6.55 -7.24
C THR A 34 1.01 6.13 -7.74
N THR A 35 2.04 6.90 -7.37
CA THR A 35 3.40 6.59 -7.77
C THR A 35 4.16 5.89 -6.66
N SER A 36 3.91 6.30 -5.42
CA SER A 36 4.58 5.71 -4.26
C SER A 36 4.36 4.20 -4.22
N TRP A 37 3.19 3.77 -4.69
CA TRP A 37 2.85 2.35 -4.71
C TRP A 37 2.90 1.80 -6.13
N ARG A 38 3.81 2.34 -6.94
CA ARG A 38 3.96 1.90 -8.33
C ARG A 38 4.90 0.70 -8.41
N SER A 39 5.94 0.71 -7.59
CA SER A 39 6.91 -0.38 -7.58
C SER A 39 6.49 -1.48 -6.60
N GLY A 40 6.00 -1.06 -5.44
CA GLY A 40 5.58 -2.01 -4.43
C GLY A 40 6.21 -1.74 -3.07
N LEU A 41 7.47 -1.31 -3.08
CA LEU A 41 8.18 -1.03 -1.85
C LEU A 41 7.24 -0.43 -0.80
N ALA A 42 6.53 0.62 -1.18
CA ALA A 42 5.59 1.28 -0.28
C ALA A 42 4.76 0.26 0.49
N LEU A 43 4.01 -0.55 -0.23
CA LEU A 43 3.17 -1.56 0.39
C LEU A 43 4.02 -2.60 1.12
N CYS A 44 4.89 -3.26 0.38
CA CYS A 44 5.77 -4.28 0.96
C CYS A 44 6.33 -3.81 2.30
N ALA A 45 6.61 -2.52 2.39
CA ALA A 45 7.15 -1.95 3.63
C ALA A 45 6.18 -2.12 4.79
N ILE A 46 4.89 -1.92 4.51
CA ILE A 46 3.86 -2.05 5.54
C ILE A 46 3.83 -3.45 6.11
N ILE A 47 3.69 -4.44 5.24
CA ILE A 47 3.65 -5.84 5.66
C ILE A 47 4.98 -6.27 6.27
N HIS A 48 6.05 -6.11 5.51
CA HIS A 48 7.38 -6.46 5.99
C HIS A 48 7.60 -6.00 7.42
N ARG A 49 7.03 -4.85 7.76
CA ARG A 49 7.16 -4.30 9.10
C ARG A 49 6.49 -5.21 10.13
N PHE A 50 5.18 -5.35 10.02
CA PHE A 50 4.42 -6.21 10.93
C PHE A 50 4.88 -7.65 10.83
N ARG A 51 4.85 -8.20 9.63
CA ARG A 51 5.26 -9.58 9.41
C ARG A 51 6.33 -9.66 8.32
N PRO A 52 7.60 -9.57 8.76
CA PRO A 52 8.75 -9.63 7.85
C PRO A 52 8.94 -11.01 7.25
N GLU A 53 8.44 -12.03 7.95
CA GLU A 53 8.57 -13.41 7.48
C GLU A 53 7.87 -13.60 6.14
N LEU A 54 6.80 -12.85 5.93
CA LEU A 54 6.05 -12.94 4.68
C LEU A 54 6.78 -12.20 3.56
N ILE A 55 7.20 -10.98 3.84
CA ILE A 55 7.91 -10.17 2.85
C ILE A 55 9.28 -9.73 3.38
N ASN A 56 10.32 -10.04 2.62
CA ASN A 56 11.68 -9.68 3.00
C ASN A 56 12.24 -8.61 2.08
N PHE A 57 11.98 -7.35 2.41
CA PHE A 57 12.46 -6.23 1.61
C PHE A 57 13.86 -6.50 1.07
N ASP A 58 14.71 -7.05 1.93
CA ASP A 58 16.09 -7.36 1.54
C ASP A 58 16.14 -7.83 0.09
N SER A 59 15.22 -8.72 -0.28
CA SER A 59 15.16 -9.25 -1.63
C SER A 59 14.53 -8.25 -2.59
N LEU A 60 13.44 -7.63 -2.15
CA LEU A 60 12.73 -6.65 -2.96
C LEU A 60 13.69 -5.59 -3.50
N ASN A 61 14.06 -5.72 -4.76
CA ASN A 61 14.98 -4.78 -5.39
C ASN A 61 14.20 -3.69 -6.14
N GLU A 62 14.69 -2.46 -6.03
CA GLU A 62 14.04 -1.33 -6.69
C GLU A 62 13.53 -1.72 -8.07
N ASP A 63 14.45 -2.19 -8.93
CA ASP A 63 14.10 -2.60 -10.28
C ASP A 63 13.15 -3.80 -10.25
N ASP A 64 13.22 -4.58 -9.17
CA ASP A 64 12.37 -5.75 -9.01
C ASP A 64 10.96 -5.36 -8.60
N ALA A 65 10.42 -4.33 -9.25
CA ALA A 65 9.07 -3.86 -8.94
C ALA A 65 8.03 -4.93 -9.23
N VAL A 66 8.02 -5.43 -10.45
CA VAL A 66 7.06 -6.46 -10.86
C VAL A 66 7.04 -7.60 -9.83
N GLU A 67 8.23 -8.07 -9.45
CA GLU A 67 8.34 -9.15 -8.49
C GLU A 67 7.80 -8.72 -7.12
N ASN A 68 8.21 -7.55 -6.68
CA ASN A 68 7.77 -7.03 -5.39
C ASN A 68 6.25 -6.93 -5.33
N ASN A 69 5.68 -6.15 -6.24
CA ASN A 69 4.23 -5.97 -6.30
C ASN A 69 3.52 -7.32 -6.25
N GLN A 70 3.81 -8.17 -7.24
CA GLN A 70 3.19 -9.49 -7.31
C GLN A 70 3.20 -10.17 -5.95
N LEU A 71 4.33 -10.10 -5.26
CA LEU A 71 4.47 -10.71 -3.95
C LEU A 71 3.44 -10.15 -2.98
N ALA A 72 3.59 -8.87 -2.63
CA ALA A 72 2.67 -8.21 -1.71
C ALA A 72 1.24 -8.62 -1.98
N PHE A 73 0.91 -8.80 -3.26
CA PHE A 73 -0.45 -9.19 -3.65
C PHE A 73 -0.71 -10.64 -3.29
N ASP A 74 0.16 -11.53 -3.75
CA ASP A 74 0.02 -12.96 -3.46
C ASP A 74 -0.18 -13.20 -1.97
N VAL A 75 0.63 -12.54 -1.16
CA VAL A 75 0.54 -12.69 0.29
C VAL A 75 -0.80 -12.17 0.81
N ALA A 76 -1.32 -11.13 0.18
CA ALA A 76 -2.59 -10.55 0.58
C ALA A 76 -3.73 -11.53 0.35
N GLU A 77 -3.62 -12.33 -0.70
CA GLU A 77 -4.65 -13.30 -1.04
C GLU A 77 -4.37 -14.64 -0.35
N ARG A 78 -3.16 -14.78 0.20
CA ARG A 78 -2.78 -16.01 0.88
C ARG A 78 -3.03 -15.90 2.38
N GLU A 79 -2.83 -14.71 2.93
CA GLU A 79 -3.03 -14.47 4.35
C GLU A 79 -4.37 -13.77 4.60
N PHE A 80 -4.57 -12.64 3.94
CA PHE A 80 -5.80 -11.87 4.10
C PHE A 80 -6.88 -12.40 3.15
N GLY A 81 -6.46 -13.05 2.09
CA GLY A 81 -7.40 -13.59 1.12
C GLY A 81 -8.11 -12.52 0.34
N ILE A 82 -7.41 -11.42 0.05
CA ILE A 82 -7.98 -10.32 -0.70
C ILE A 82 -7.51 -10.32 -2.15
N PRO A 83 -8.47 -10.31 -3.09
CA PRO A 83 -8.17 -10.31 -4.51
C PRO A 83 -7.56 -9.00 -4.99
N PRO A 84 -6.48 -9.10 -5.78
CA PRO A 84 -5.78 -7.94 -6.31
C PRO A 84 -6.60 -7.19 -7.36
N VAL A 85 -6.30 -5.91 -7.54
CA VAL A 85 -7.01 -5.08 -8.51
C VAL A 85 -6.23 -4.96 -9.81
N THR A 86 -4.90 -4.96 -9.70
CA THR A 86 -4.03 -4.86 -10.86
C THR A 86 -2.88 -5.86 -10.79
N THR A 87 -2.26 -6.12 -11.94
CA THR A 87 -1.15 -7.06 -12.00
C THR A 87 0.19 -6.34 -11.82
N GLY A 88 1.06 -6.94 -11.02
CA GLY A 88 2.37 -6.36 -10.78
C GLY A 88 2.96 -5.71 -12.02
N LYS A 89 2.93 -6.44 -13.14
CA LYS A 89 3.46 -5.93 -14.39
C LYS A 89 2.85 -4.57 -14.73
N GLU A 90 1.53 -4.53 -14.84
CA GLU A 90 0.82 -3.30 -15.17
C GLU A 90 1.10 -2.23 -14.12
N MET A 91 1.08 -2.62 -12.85
CA MET A 91 1.33 -1.69 -11.76
C MET A 91 2.56 -0.84 -12.04
N ALA A 92 3.63 -1.47 -12.51
CA ALA A 92 4.86 -0.77 -12.83
C ALA A 92 4.79 -0.13 -14.21
N SER A 93 4.16 -0.83 -15.15
CA SER A 93 4.04 -0.33 -16.52
C SER A 93 3.25 0.98 -16.54
N ALA A 94 2.00 0.93 -16.12
CA ALA A 94 1.15 2.11 -16.09
C ALA A 94 1.83 3.26 -15.37
N GLN A 95 2.14 4.32 -16.11
CA GLN A 95 2.81 5.49 -15.54
C GLN A 95 1.93 6.14 -14.47
N GLU A 96 0.65 6.29 -14.77
CA GLU A 96 -0.29 6.90 -13.82
C GLU A 96 -1.52 6.01 -13.63
N PRO A 97 -1.49 5.21 -12.56
CA PRO A 97 -2.59 4.29 -12.23
C PRO A 97 -3.84 5.02 -11.77
N ASP A 98 -4.90 4.27 -11.51
CA ASP A 98 -6.16 4.85 -11.07
C ASP A 98 -6.10 5.20 -9.57
N LYS A 99 -6.02 6.50 -9.29
CA LYS A 99 -5.95 6.97 -7.90
C LYS A 99 -7.02 6.31 -7.06
N LEU A 100 -8.28 6.42 -7.48
CA LEU A 100 -9.39 5.82 -6.76
C LEU A 100 -9.14 4.34 -6.48
N SER A 101 -8.93 3.58 -7.55
CA SER A 101 -8.68 2.15 -7.43
C SER A 101 -7.60 1.87 -6.37
N MET A 102 -6.65 2.78 -6.27
CA MET A 102 -5.57 2.64 -5.30
C MET A 102 -6.06 2.94 -3.88
N VAL A 103 -6.75 4.06 -3.73
CA VAL A 103 -7.27 4.47 -2.43
C VAL A 103 -8.24 3.42 -1.89
N MET A 104 -9.07 2.87 -2.77
CA MET A 104 -10.04 1.86 -2.38
C MET A 104 -9.35 0.55 -2.03
N TYR A 105 -8.39 0.15 -2.85
CA TYR A 105 -7.65 -1.09 -2.63
C TYR A 105 -6.89 -1.04 -1.32
N LEU A 106 -6.23 0.08 -1.07
CA LEU A 106 -5.45 0.26 0.16
C LEU A 106 -6.36 0.18 1.39
N SER A 107 -7.49 0.87 1.32
CA SER A 107 -8.44 0.89 2.43
C SER A 107 -8.56 -0.50 3.06
N LYS A 108 -8.61 -1.52 2.21
CA LYS A 108 -8.73 -2.90 2.68
C LYS A 108 -7.66 -3.20 3.73
N PHE A 109 -6.42 -2.87 3.42
CA PHE A 109 -5.31 -3.10 4.35
C PHE A 109 -5.37 -2.15 5.53
N TYR A 110 -5.64 -0.88 5.26
CA TYR A 110 -5.73 0.14 6.29
C TYR A 110 -6.69 -0.30 7.39
N GLU A 111 -7.94 -0.57 7.01
CA GLU A 111 -8.95 -0.99 7.96
C GLU A 111 -8.54 -2.30 8.65
N LEU A 112 -8.29 -3.32 7.85
CA LEU A 112 -7.88 -4.62 8.39
C LEU A 112 -6.80 -4.47 9.45
N PHE A 113 -5.72 -3.78 9.09
CA PHE A 113 -4.62 -3.56 10.02
C PHE A 113 -5.08 -2.73 11.22
N ARG A 114 -5.72 -1.61 10.95
CA ARG A 114 -6.20 -0.73 12.01
C ARG A 114 -7.02 -1.51 13.04
N GLY A 115 -8.12 -2.10 12.58
CA GLY A 115 -8.97 -2.87 13.47
C GLY A 115 -10.22 -3.39 12.79
N THR A 116 -11.38 -2.92 13.24
CA THR A 116 -12.65 -3.34 12.66
C THR A 116 -13.15 -2.32 11.65
N PRO A 117 -13.73 -2.82 10.54
CA PRO A 117 -14.27 -1.98 9.47
C PRO A 117 -15.51 -1.22 9.89
N LEU A 118 -15.91 -0.23 9.10
CA LEU A 118 -17.10 0.57 9.39
C LEU A 118 -18.34 -0.06 8.78
N ARG A 119 -19.47 0.15 9.45
CA ARG A 119 -20.75 -0.40 8.97
C ARG A 119 -21.03 0.06 7.54
N PRO A 120 -21.70 -0.80 6.76
CA PRO A 120 -22.05 -0.52 5.37
C PRO A 120 -23.12 0.57 5.26
N VAL A 121 -22.71 1.77 4.89
CA VAL A 121 -23.64 2.88 4.74
C VAL A 121 -24.70 2.58 3.69
N GLY A 1 -24.98 7.18 -1.04
CA GLY A 1 -24.40 7.61 -2.29
C GLY A 1 -23.76 8.98 -2.20
N SER A 2 -23.36 9.53 -3.34
CA SER A 2 -22.72 10.84 -3.39
C SER A 2 -23.38 11.73 -4.43
N SER A 3 -23.78 12.93 -4.00
CA SER A 3 -24.44 13.88 -4.89
C SER A 3 -23.54 14.20 -6.09
N GLY A 4 -22.30 14.58 -5.81
CA GLY A 4 -21.38 14.91 -6.87
C GLY A 4 -20.70 16.25 -6.65
N SER A 5 -19.64 16.26 -5.85
CA SER A 5 -18.90 17.49 -5.56
C SER A 5 -17.47 17.17 -5.13
N SER A 6 -16.65 18.21 -5.04
CA SER A 6 -15.26 18.05 -4.65
C SER A 6 -14.97 18.80 -3.35
N GLY A 7 -14.90 18.06 -2.25
CA GLY A 7 -14.63 18.67 -0.97
C GLY A 7 -13.16 18.61 -0.59
N ASP A 8 -12.88 18.16 0.63
CA ASP A 8 -11.50 18.06 1.10
C ASP A 8 -10.88 16.72 0.70
N ILE A 9 -9.56 16.65 0.75
CA ILE A 9 -8.85 15.43 0.40
C ILE A 9 -9.42 14.23 1.14
N ARG A 10 -9.93 13.27 0.38
CA ARG A 10 -10.50 12.06 0.96
C ARG A 10 -9.41 11.16 1.53
N PRO A 11 -8.48 10.73 0.66
CA PRO A 11 -7.37 9.86 1.06
C PRO A 11 -6.35 10.58 1.94
N SER A 12 -6.67 11.82 2.30
CA SER A 12 -5.78 12.61 3.14
C SER A 12 -5.27 11.79 4.32
N LYS A 13 -6.18 11.38 5.20
CA LYS A 13 -5.82 10.58 6.36
C LYS A 13 -5.11 9.30 5.95
N LEU A 14 -5.68 8.60 4.98
CA LEU A 14 -5.11 7.36 4.49
C LEU A 14 -3.61 7.51 4.22
N LEU A 15 -3.27 8.47 3.36
CA LEU A 15 -1.88 8.73 3.02
C LEU A 15 -1.02 8.83 4.27
N THR A 16 -1.29 9.83 5.10
CA THR A 16 -0.54 10.04 6.34
C THR A 16 -0.23 8.71 7.01
N TRP A 17 -1.27 7.95 7.32
CA TRP A 17 -1.11 6.66 7.97
C TRP A 17 0.00 5.84 7.30
N CYS A 18 -0.16 5.62 6.01
CA CYS A 18 0.82 4.86 5.24
C CYS A 18 2.22 5.48 5.38
N GLN A 19 2.30 6.78 5.16
CA GLN A 19 3.57 7.49 5.26
C GLN A 19 4.28 7.16 6.57
N GLN A 20 3.58 7.32 7.68
CA GLN A 20 4.14 7.04 8.99
C GLN A 20 4.64 5.60 9.07
N GLN A 21 3.75 4.65 8.83
CA GLN A 21 4.12 3.24 8.88
C GLN A 21 5.32 2.96 7.98
N THR A 22 5.38 3.65 6.85
CA THR A 22 6.48 3.48 5.91
C THR A 22 7.39 4.69 5.88
N GLU A 23 7.65 5.26 7.06
CA GLU A 23 8.50 6.44 7.17
C GLU A 23 9.89 6.06 7.65
N GLY A 24 10.00 4.90 8.28
CA GLY A 24 11.28 4.43 8.79
C GLY A 24 12.09 3.71 7.74
N TYR A 25 11.40 3.09 6.79
CA TYR A 25 12.08 2.35 5.72
C TYR A 25 13.10 3.24 5.02
N GLN A 26 13.99 2.60 4.26
CA GLN A 26 15.03 3.33 3.53
C GLN A 26 14.64 3.53 2.07
N HIS A 27 14.92 4.71 1.54
CA HIS A 27 14.59 5.01 0.15
C HIS A 27 13.09 4.88 -0.10
N VAL A 28 12.30 5.21 0.91
CA VAL A 28 10.85 5.13 0.80
C VAL A 28 10.20 6.49 1.05
N ASN A 29 9.89 7.21 -0.02
CA ASN A 29 9.27 8.52 0.08
C ASN A 29 7.82 8.47 -0.38
N VAL A 30 6.92 8.14 0.55
CA VAL A 30 5.50 8.07 0.25
C VAL A 30 4.85 9.44 0.31
N THR A 31 4.42 9.95 -0.85
CA THR A 31 3.78 11.25 -0.93
C THR A 31 2.38 11.14 -1.53
N ASP A 32 2.21 10.20 -2.45
CA ASP A 32 0.93 9.99 -3.10
C ASP A 32 0.52 8.52 -3.04
N LEU A 33 -0.65 8.21 -3.60
CA LEU A 33 -1.16 6.85 -3.61
C LEU A 33 -1.28 6.31 -5.04
N THR A 34 -0.37 6.76 -5.91
CA THR A 34 -0.38 6.33 -7.30
C THR A 34 1.01 5.92 -7.76
N THR A 35 1.95 6.86 -7.71
CA THR A 35 3.32 6.58 -8.12
C THR A 35 4.13 6.00 -6.97
N SER A 36 3.87 6.48 -5.76
CA SER A 36 4.58 6.01 -4.57
C SER A 36 4.44 4.49 -4.43
N TRP A 37 3.30 3.97 -4.86
CA TRP A 37 3.05 2.53 -4.78
C TRP A 37 3.08 1.89 -6.16
N ARG A 38 3.88 2.47 -7.05
CA ARG A 38 4.01 1.96 -8.41
C ARG A 38 4.99 0.80 -8.47
N SER A 39 6.06 0.89 -7.69
CA SER A 39 7.08 -0.15 -7.66
C SER A 39 6.64 -1.31 -6.77
N GLY A 40 6.14 -0.98 -5.58
CA GLY A 40 5.70 -2.01 -4.65
C GLY A 40 6.34 -1.87 -3.29
N LEU A 41 7.65 -1.63 -3.28
CA LEU A 41 8.39 -1.48 -2.02
C LEU A 41 7.53 -0.80 -0.96
N ALA A 42 6.79 0.21 -1.38
CA ALA A 42 5.92 0.95 -0.46
C ALA A 42 5.08 0.00 0.38
N LEU A 43 4.14 -0.68 -0.26
CA LEU A 43 3.27 -1.62 0.43
C LEU A 43 4.08 -2.73 1.10
N CYS A 44 4.95 -3.37 0.32
CA CYS A 44 5.79 -4.45 0.83
C CYS A 44 6.33 -4.10 2.22
N ALA A 45 6.60 -2.82 2.44
CA ALA A 45 7.12 -2.37 3.73
C ALA A 45 6.08 -2.55 4.83
N ILE A 46 4.93 -1.90 4.67
CA ILE A 46 3.85 -1.99 5.65
C ILE A 46 3.68 -3.43 6.14
N ILE A 47 3.45 -4.34 5.20
CA ILE A 47 3.26 -5.75 5.53
C ILE A 47 4.45 -6.29 6.32
N HIS A 48 5.62 -6.30 5.67
CA HIS A 48 6.83 -6.80 6.31
C HIS A 48 6.89 -6.37 7.77
N ARG A 49 6.60 -5.11 8.03
CA ARG A 49 6.61 -4.58 9.39
C ARG A 49 6.03 -5.59 10.37
N PHE A 50 4.77 -5.96 10.16
CA PHE A 50 4.10 -6.91 11.02
C PHE A 50 4.65 -8.32 10.82
N ARG A 51 4.73 -8.74 9.56
CA ARG A 51 5.24 -10.06 9.22
C ARG A 51 6.38 -9.97 8.20
N PRO A 52 7.62 -9.84 8.71
CA PRO A 52 8.81 -9.73 7.86
C PRO A 52 9.13 -11.04 7.16
N GLU A 53 8.49 -12.11 7.59
CA GLU A 53 8.71 -13.43 6.99
C GLU A 53 7.98 -13.54 5.65
N LEU A 54 6.78 -12.99 5.60
CA LEU A 54 5.98 -13.03 4.37
C LEU A 54 6.66 -12.27 3.25
N ILE A 55 7.24 -11.12 3.59
CA ILE A 55 7.93 -10.29 2.60
C ILE A 55 9.31 -9.87 3.11
N ASN A 56 10.29 -9.90 2.22
CA ASN A 56 11.65 -9.52 2.56
C ASN A 56 12.08 -8.27 1.80
N PHE A 57 11.66 -7.12 2.29
CA PHE A 57 12.00 -5.85 1.65
C PHE A 57 13.46 -5.84 1.22
N ASP A 58 14.37 -5.93 2.18
CA ASP A 58 15.80 -5.93 1.89
C ASP A 58 16.10 -6.75 0.64
N SER A 59 15.40 -7.86 0.49
CA SER A 59 15.59 -8.74 -0.67
C SER A 59 14.91 -8.17 -1.90
N LEU A 60 13.75 -7.55 -1.70
CA LEU A 60 13.00 -6.97 -2.81
C LEU A 60 13.87 -5.99 -3.60
N ASN A 61 14.34 -6.45 -4.76
CA ASN A 61 15.18 -5.62 -5.62
C ASN A 61 14.42 -4.38 -6.09
N GLU A 62 14.96 -3.20 -5.75
CA GLU A 62 14.34 -1.95 -6.14
C GLU A 62 13.95 -1.97 -7.61
N ASP A 63 14.76 -2.62 -8.43
CA ASP A 63 14.50 -2.72 -9.86
C ASP A 63 13.42 -3.75 -10.15
N ASP A 64 13.40 -4.81 -9.36
CA ASP A 64 12.41 -5.88 -9.54
C ASP A 64 11.07 -5.46 -8.94
N ALA A 65 10.61 -4.28 -9.30
CA ALA A 65 9.33 -3.77 -8.81
C ALA A 65 8.19 -4.72 -9.13
N VAL A 66 8.08 -5.09 -10.41
CA VAL A 66 7.02 -6.00 -10.85
C VAL A 66 6.91 -7.20 -9.91
N GLU A 67 8.01 -7.92 -9.75
CA GLU A 67 8.04 -9.10 -8.88
C GLU A 67 7.61 -8.73 -7.46
N ASN A 68 8.23 -7.70 -6.91
CA ASN A 68 7.91 -7.26 -5.56
C ASN A 68 6.41 -7.03 -5.40
N ASN A 69 5.81 -6.36 -6.37
CA ASN A 69 4.38 -6.08 -6.35
C ASN A 69 3.57 -7.36 -6.26
N GLN A 70 3.69 -8.20 -7.30
CA GLN A 70 2.97 -9.46 -7.33
C GLN A 70 3.07 -10.19 -5.99
N LEU A 71 4.25 -10.18 -5.41
CA LEU A 71 4.48 -10.83 -4.12
C LEU A 71 3.48 -10.34 -3.08
N ALA A 72 3.55 -9.04 -2.76
CA ALA A 72 2.65 -8.45 -1.78
C ALA A 72 1.19 -8.80 -2.09
N PHE A 73 0.82 -8.67 -3.36
CA PHE A 73 -0.55 -8.97 -3.79
C PHE A 73 -0.90 -10.43 -3.52
N ASP A 74 0.05 -11.32 -3.80
CA ASP A 74 -0.16 -12.75 -3.59
C ASP A 74 -0.36 -13.05 -2.10
N VAL A 75 0.61 -12.66 -1.29
CA VAL A 75 0.55 -12.89 0.14
C VAL A 75 -0.78 -12.41 0.72
N ALA A 76 -1.15 -11.17 0.39
CA ALA A 76 -2.39 -10.59 0.87
C ALA A 76 -3.58 -11.48 0.55
N GLU A 77 -3.49 -12.19 -0.58
CA GLU A 77 -4.56 -13.08 -0.99
C GLU A 77 -4.38 -14.48 -0.38
N ARG A 78 -3.20 -14.71 0.18
CA ARG A 78 -2.91 -16.00 0.80
C ARG A 78 -3.22 -15.97 2.29
N GLU A 79 -3.06 -14.81 2.91
CA GLU A 79 -3.34 -14.65 4.33
C GLU A 79 -4.65 -13.91 4.56
N PHE A 80 -4.77 -12.74 3.95
CA PHE A 80 -5.98 -11.93 4.09
C PHE A 80 -7.05 -12.36 3.07
N GLY A 81 -6.60 -12.99 1.99
CA GLY A 81 -7.51 -13.44 0.97
C GLY A 81 -8.11 -12.30 0.18
N ILE A 82 -7.33 -11.24 -0.02
CA ILE A 82 -7.80 -10.07 -0.76
C ILE A 82 -7.27 -10.09 -2.19
N PRO A 83 -8.19 -10.16 -3.16
CA PRO A 83 -7.84 -10.16 -4.59
C PRO A 83 -7.30 -8.82 -5.06
N PRO A 84 -6.17 -8.86 -5.78
CA PRO A 84 -5.52 -7.66 -6.31
C PRO A 84 -6.33 -7.02 -7.43
N VAL A 85 -6.36 -5.69 -7.44
CA VAL A 85 -7.09 -4.94 -8.47
C VAL A 85 -6.30 -4.87 -9.77
N THR A 86 -4.97 -4.86 -9.64
CA THR A 86 -4.10 -4.77 -10.80
C THR A 86 -2.91 -5.72 -10.67
N THR A 87 -2.28 -6.04 -11.79
CA THR A 87 -1.14 -6.94 -11.80
C THR A 87 0.17 -6.17 -11.61
N GLY A 88 1.02 -6.68 -10.72
CA GLY A 88 2.30 -6.03 -10.47
C GLY A 88 2.90 -5.42 -11.72
N LYS A 89 3.10 -6.24 -12.73
CA LYS A 89 3.68 -5.78 -13.99
C LYS A 89 3.02 -4.48 -14.44
N GLU A 90 1.69 -4.50 -14.55
CA GLU A 90 0.95 -3.32 -14.98
C GLU A 90 1.15 -2.17 -14.00
N MET A 91 1.20 -2.50 -12.71
CA MET A 91 1.40 -1.49 -11.68
C MET A 91 2.60 -0.61 -11.98
N ALA A 92 3.65 -1.22 -12.51
CA ALA A 92 4.87 -0.50 -12.86
C ALA A 92 4.77 0.13 -14.24
N SER A 93 4.11 -0.57 -15.16
CA SER A 93 3.93 -0.08 -16.52
C SER A 93 3.17 1.24 -16.53
N ALA A 94 1.90 1.18 -16.13
CA ALA A 94 1.06 2.37 -16.09
C ALA A 94 1.74 3.51 -15.34
N GLN A 95 1.92 4.63 -16.03
CA GLN A 95 2.57 5.79 -15.43
C GLN A 95 1.76 6.32 -14.25
N GLU A 96 0.45 6.46 -14.46
CA GLU A 96 -0.44 6.96 -13.41
C GLU A 96 -1.70 6.11 -13.33
N PRO A 97 -1.78 5.25 -12.31
CA PRO A 97 -2.93 4.37 -12.09
C PRO A 97 -4.17 5.14 -11.65
N ASP A 98 -5.27 4.42 -11.44
CA ASP A 98 -6.52 5.03 -11.01
C ASP A 98 -6.52 5.28 -9.51
N LYS A 99 -6.30 6.53 -9.12
CA LYS A 99 -6.27 6.89 -7.71
C LYS A 99 -7.28 6.07 -6.91
N LEU A 100 -8.49 5.95 -7.45
CA LEU A 100 -9.54 5.18 -6.79
C LEU A 100 -9.14 3.72 -6.64
N SER A 101 -9.04 3.02 -7.77
CA SER A 101 -8.68 1.61 -7.77
C SER A 101 -7.59 1.34 -6.74
N MET A 102 -6.65 2.26 -6.62
CA MET A 102 -5.56 2.12 -5.66
C MET A 102 -6.06 2.28 -4.23
N VAL A 103 -6.67 3.42 -3.94
CA VAL A 103 -7.20 3.69 -2.61
C VAL A 103 -8.14 2.58 -2.15
N MET A 104 -9.17 2.32 -2.95
CA MET A 104 -10.13 1.28 -2.63
C MET A 104 -9.43 -0.01 -2.21
N TYR A 105 -8.25 -0.25 -2.77
CA TYR A 105 -7.48 -1.44 -2.46
C TYR A 105 -6.67 -1.25 -1.17
N LEU A 106 -6.02 -0.09 -1.07
CA LEU A 106 -5.21 0.23 0.11
C LEU A 106 -6.06 0.22 1.37
N SER A 107 -7.16 0.96 1.34
CA SER A 107 -8.06 1.04 2.49
C SER A 107 -8.21 -0.31 3.16
N LYS A 108 -8.51 -1.34 2.36
CA LYS A 108 -8.67 -2.69 2.88
C LYS A 108 -7.65 -2.99 3.97
N PHE A 109 -6.40 -2.65 3.71
CA PHE A 109 -5.32 -2.87 4.67
C PHE A 109 -5.42 -1.88 5.83
N TYR A 110 -5.57 -0.60 5.51
CA TYR A 110 -5.66 0.44 6.52
C TYR A 110 -6.53 -0.02 7.69
N GLU A 111 -7.78 -0.35 7.40
CA GLU A 111 -8.71 -0.80 8.43
C GLU A 111 -8.21 -2.07 9.10
N LEU A 112 -7.82 -3.06 8.28
CA LEU A 112 -7.31 -4.32 8.79
C LEU A 112 -6.30 -4.10 9.90
N PHE A 113 -5.24 -3.36 9.58
CA PHE A 113 -4.19 -3.06 10.55
C PHE A 113 -4.72 -2.15 11.67
N ARG A 114 -5.34 -1.05 11.28
CA ARG A 114 -5.88 -0.10 12.25
C ARG A 114 -6.42 -0.82 13.46
N GLY A 115 -7.25 -1.83 13.24
CA GLY A 115 -7.83 -2.59 14.33
C GLY A 115 -9.22 -3.08 14.02
N THR A 116 -9.32 -4.15 13.23
CA THR A 116 -10.59 -4.72 12.86
C THR A 116 -11.48 -4.92 14.08
N PRO A 117 -12.79 -4.64 13.91
CA PRO A 117 -13.77 -4.78 14.99
C PRO A 117 -14.03 -6.24 15.36
N LEU A 118 -14.77 -6.45 16.44
CA LEU A 118 -15.10 -7.80 16.90
C LEU A 118 -16.08 -8.48 15.95
N ARG A 119 -15.98 -9.80 15.85
CA ARG A 119 -16.86 -10.57 14.98
C ARG A 119 -18.31 -10.11 15.12
N PRO A 120 -19.10 -10.32 14.06
CA PRO A 120 -20.51 -9.93 14.05
C PRO A 120 -21.37 -10.78 14.99
N VAL A 121 -22.45 -10.20 15.49
CA VAL A 121 -23.34 -10.92 16.40
C VAL A 121 -24.79 -10.83 15.92
N GLY A 1 -25.77 6.80 14.07
CA GLY A 1 -24.72 6.23 14.89
C GLY A 1 -24.57 6.98 16.22
N SER A 2 -23.40 7.59 16.41
CA SER A 2 -23.13 8.32 17.64
C SER A 2 -22.99 9.81 17.36
N SER A 3 -22.16 10.15 16.38
CA SER A 3 -21.94 11.54 16.01
C SER A 3 -22.07 11.74 14.52
N GLY A 4 -22.97 12.62 14.12
CA GLY A 4 -23.18 12.88 12.70
C GLY A 4 -22.06 13.68 12.08
N SER A 5 -22.05 14.99 12.32
CA SER A 5 -21.03 15.87 11.79
C SER A 5 -19.65 15.24 11.95
N SER A 6 -19.32 14.86 13.18
CA SER A 6 -18.03 14.24 13.48
C SER A 6 -17.63 13.25 12.40
N GLY A 7 -16.58 13.58 11.64
CA GLY A 7 -16.13 12.71 10.59
C GLY A 7 -14.69 12.99 10.18
N ASP A 8 -14.07 12.02 9.51
CA ASP A 8 -12.68 12.18 9.06
C ASP A 8 -12.57 11.95 7.56
N ILE A 9 -11.41 12.26 7.01
CA ILE A 9 -11.16 12.08 5.58
C ILE A 9 -10.84 10.63 5.25
N ARG A 10 -11.21 10.20 4.05
CA ARG A 10 -10.96 8.83 3.61
C ARG A 10 -9.53 8.69 3.10
N PRO A 11 -9.24 9.34 1.96
CA PRO A 11 -7.91 9.30 1.33
C PRO A 11 -6.87 10.06 2.14
N SER A 12 -7.12 11.34 2.36
CA SER A 12 -6.19 12.18 3.11
C SER A 12 -5.61 11.41 4.30
N LYS A 13 -6.49 10.89 5.14
CA LYS A 13 -6.08 10.13 6.32
C LYS A 13 -5.24 8.92 5.92
N LEU A 14 -5.77 8.13 4.98
CA LEU A 14 -5.07 6.95 4.50
C LEU A 14 -3.61 7.26 4.20
N LEU A 15 -3.38 8.32 3.43
CA LEU A 15 -2.03 8.73 3.08
C LEU A 15 -1.15 8.89 4.31
N THR A 16 -1.68 9.60 5.31
CA THR A 16 -0.95 9.83 6.55
C THR A 16 -0.52 8.51 7.19
N TRP A 17 -1.49 7.68 7.52
CA TRP A 17 -1.21 6.40 8.14
C TRP A 17 -0.18 5.62 7.34
N CYS A 18 -0.29 5.67 6.01
CA CYS A 18 0.64 4.97 5.13
C CYS A 18 2.03 5.55 5.26
N GLN A 19 2.12 6.88 5.29
CA GLN A 19 3.41 7.56 5.39
C GLN A 19 4.15 7.13 6.67
N GLN A 20 3.40 7.08 7.78
CA GLN A 20 3.98 6.70 9.06
C GLN A 20 4.56 5.29 8.99
N GLN A 21 3.72 4.32 8.69
CA GLN A 21 4.14 2.93 8.60
C GLN A 21 5.42 2.81 7.77
N THR A 22 5.38 3.34 6.55
CA THR A 22 6.54 3.29 5.66
C THR A 22 7.71 4.08 6.24
N GLU A 23 7.39 5.19 6.91
CA GLU A 23 8.42 6.04 7.50
C GLU A 23 9.53 5.19 8.13
N GLY A 24 10.77 5.65 7.99
CA GLY A 24 11.89 4.93 8.55
C GLY A 24 12.60 4.07 7.52
N TYR A 25 11.83 3.40 6.67
CA TYR A 25 12.39 2.55 5.64
C TYR A 25 13.41 3.30 4.80
N GLN A 26 14.25 2.56 4.08
CA GLN A 26 15.27 3.15 3.24
C GLN A 26 14.81 3.25 1.79
N HIS A 27 15.22 4.30 1.11
CA HIS A 27 14.85 4.51 -0.29
C HIS A 27 13.33 4.38 -0.47
N VAL A 28 12.59 4.85 0.52
CA VAL A 28 11.13 4.79 0.48
C VAL A 28 10.52 6.16 0.75
N ASN A 29 10.18 6.87 -0.33
CA ASN A 29 9.59 8.19 -0.21
C ASN A 29 8.13 8.17 -0.66
N VAL A 30 7.22 8.22 0.30
CA VAL A 30 5.79 8.21 0.00
C VAL A 30 5.22 9.63 -0.02
N THR A 31 4.86 10.09 -1.22
CA THR A 31 4.31 11.43 -1.38
C THR A 31 2.91 11.37 -1.97
N ASP A 32 2.68 10.43 -2.87
CA ASP A 32 1.38 10.27 -3.52
C ASP A 32 0.83 8.86 -3.28
N LEU A 33 -0.33 8.58 -3.87
CA LEU A 33 -0.97 7.28 -3.72
C LEU A 33 -1.08 6.57 -5.07
N THR A 34 -0.35 7.08 -6.06
CA THR A 34 -0.36 6.49 -7.39
C THR A 34 1.02 5.98 -7.78
N THR A 35 2.05 6.75 -7.45
CA THR A 35 3.42 6.38 -7.76
C THR A 35 4.12 5.75 -6.56
N SER A 36 3.83 6.29 -5.37
CA SER A 36 4.43 5.79 -4.14
C SER A 36 4.26 4.28 -4.03
N TRP A 37 3.15 3.77 -4.56
CA TRP A 37 2.87 2.34 -4.53
C TRP A 37 3.01 1.72 -5.91
N ARG A 38 3.92 2.28 -6.72
CA ARG A 38 4.15 1.77 -8.06
C ARG A 38 5.15 0.63 -8.05
N SER A 39 6.17 0.75 -7.19
CA SER A 39 7.21 -0.27 -7.09
C SER A 39 6.75 -1.41 -6.18
N GLY A 40 6.21 -1.06 -5.02
CA GLY A 40 5.76 -2.07 -4.08
C GLY A 40 6.29 -1.85 -2.68
N LEU A 41 7.56 -1.50 -2.59
CA LEU A 41 8.21 -1.26 -1.30
C LEU A 41 7.23 -0.65 -0.31
N ALA A 42 6.45 0.32 -0.78
CA ALA A 42 5.47 0.99 0.06
C ALA A 42 4.58 -0.02 0.78
N LEU A 43 3.85 -0.82 0.00
CA LEU A 43 2.96 -1.84 0.56
C LEU A 43 3.75 -2.86 1.36
N CYS A 44 4.68 -3.55 0.71
CA CYS A 44 5.49 -4.56 1.37
C CYS A 44 5.96 -4.07 2.74
N ALA A 45 6.42 -2.82 2.79
CA ALA A 45 6.90 -2.25 4.05
C ALA A 45 5.86 -2.40 5.15
N ILE A 46 4.62 -2.02 4.85
CA ILE A 46 3.54 -2.13 5.82
C ILE A 46 3.37 -3.56 6.32
N ILE A 47 3.36 -4.50 5.38
CA ILE A 47 3.21 -5.91 5.73
C ILE A 47 4.39 -6.41 6.54
N HIS A 48 5.59 -6.37 5.95
CA HIS A 48 6.80 -6.81 6.63
C HIS A 48 6.86 -6.25 8.04
N ARG A 49 6.53 -4.98 8.19
CA ARG A 49 6.55 -4.32 9.49
C ARG A 49 6.01 -5.25 10.57
N PHE A 50 4.73 -5.62 10.44
CA PHE A 50 4.09 -6.50 11.40
C PHE A 50 4.58 -7.94 11.24
N ARG A 51 4.59 -8.41 10.00
CA ARG A 51 5.04 -9.78 9.72
C ARG A 51 6.19 -9.77 8.71
N PRO A 52 7.43 -9.68 9.23
CA PRO A 52 8.64 -9.66 8.39
C PRO A 52 8.90 -11.01 7.73
N GLU A 53 8.30 -12.06 8.27
CA GLU A 53 8.47 -13.40 7.72
C GLU A 53 7.78 -13.53 6.37
N LEU A 54 6.58 -12.97 6.26
CA LEU A 54 5.82 -13.03 5.02
C LEU A 54 6.60 -12.36 3.88
N ILE A 55 7.11 -11.17 4.13
CA ILE A 55 7.88 -10.43 3.13
C ILE A 55 9.24 -10.03 3.67
N ASN A 56 10.27 -10.15 2.82
CA ASN A 56 11.62 -9.80 3.21
C ASN A 56 12.16 -8.65 2.35
N PHE A 57 12.04 -7.43 2.86
CA PHE A 57 12.50 -6.26 2.14
C PHE A 57 13.90 -6.49 1.56
N ASP A 58 14.82 -6.92 2.41
CA ASP A 58 16.19 -7.19 1.98
C ASP A 58 16.22 -7.82 0.60
N SER A 59 15.16 -8.57 0.28
CA SER A 59 15.06 -9.24 -1.01
C SER A 59 14.48 -8.30 -2.07
N LEU A 60 13.41 -7.60 -1.70
CA LEU A 60 12.76 -6.67 -2.62
C LEU A 60 13.78 -5.71 -3.24
N ASN A 61 13.91 -5.77 -4.57
CA ASN A 61 14.85 -4.90 -5.27
C ASN A 61 14.11 -3.81 -6.03
N GLU A 62 14.39 -2.55 -5.68
CA GLU A 62 13.76 -1.42 -6.33
C GLU A 62 13.56 -1.68 -7.82
N ASP A 63 14.62 -2.09 -8.49
CA ASP A 63 14.57 -2.38 -9.91
C ASP A 63 13.56 -3.48 -10.22
N ASP A 64 13.49 -4.46 -9.33
CA ASP A 64 12.57 -5.58 -9.49
C ASP A 64 11.16 -5.19 -9.06
N ALA A 65 10.69 -4.05 -9.56
CA ALA A 65 9.36 -3.56 -9.24
C ALA A 65 8.30 -4.63 -9.48
N VAL A 66 8.17 -5.06 -10.74
CA VAL A 66 7.21 -6.08 -11.11
C VAL A 66 7.09 -7.14 -10.02
N GLU A 67 8.20 -7.80 -9.73
CA GLU A 67 8.22 -8.84 -8.71
C GLU A 67 7.76 -8.30 -7.36
N ASN A 68 8.36 -7.19 -6.94
CA ASN A 68 8.01 -6.57 -5.66
C ASN A 68 6.49 -6.52 -5.49
N ASN A 69 5.81 -5.88 -6.44
CA ASN A 69 4.36 -5.76 -6.40
C ASN A 69 3.70 -7.13 -6.34
N GLN A 70 3.94 -7.94 -7.36
CA GLN A 70 3.37 -9.29 -7.43
C GLN A 70 3.43 -9.97 -6.06
N LEU A 71 4.55 -9.82 -5.38
CA LEU A 71 4.72 -10.42 -4.06
C LEU A 71 3.65 -9.94 -3.09
N ALA A 72 3.62 -8.63 -2.85
CA ALA A 72 2.64 -8.04 -1.94
C ALA A 72 1.23 -8.52 -2.29
N PHE A 73 0.89 -8.49 -3.57
CA PHE A 73 -0.42 -8.91 -4.03
C PHE A 73 -0.67 -10.38 -3.69
N ASP A 74 0.31 -11.23 -4.00
CA ASP A 74 0.21 -12.66 -3.73
C ASP A 74 -0.01 -12.92 -2.24
N VAL A 75 0.79 -12.26 -1.41
CA VAL A 75 0.69 -12.41 0.04
C VAL A 75 -0.67 -11.94 0.54
N ALA A 76 -1.19 -10.89 -0.08
CA ALA A 76 -2.48 -10.34 0.32
C ALA A 76 -3.61 -11.33 0.04
N GLU A 77 -3.48 -12.07 -1.05
CA GLU A 77 -4.49 -13.07 -1.42
C GLU A 77 -4.15 -14.44 -0.85
N ARG A 78 -2.92 -14.57 -0.36
CA ARG A 78 -2.46 -15.83 0.22
C ARG A 78 -2.71 -15.87 1.73
N GLU A 79 -2.58 -14.72 2.37
CA GLU A 79 -2.78 -14.61 3.80
C GLU A 79 -4.14 -13.98 4.12
N PHE A 80 -4.38 -12.80 3.56
CA PHE A 80 -5.64 -12.10 3.78
C PHE A 80 -6.70 -12.56 2.78
N GLY A 81 -6.25 -13.06 1.65
CA GLY A 81 -7.17 -13.53 0.62
C GLY A 81 -7.86 -12.38 -0.11
N ILE A 82 -7.15 -11.27 -0.25
CA ILE A 82 -7.70 -10.10 -0.93
C ILE A 82 -7.26 -10.06 -2.39
N PRO A 83 -8.24 -10.01 -3.30
CA PRO A 83 -7.99 -9.97 -4.75
C PRO A 83 -7.39 -8.64 -5.18
N PRO A 84 -6.19 -8.69 -5.78
CA PRO A 84 -5.50 -7.50 -6.26
C PRO A 84 -6.18 -6.88 -7.47
N VAL A 85 -6.38 -5.55 -7.43
CA VAL A 85 -7.01 -4.84 -8.52
C VAL A 85 -6.17 -4.89 -9.78
N THR A 86 -4.85 -4.86 -9.60
CA THR A 86 -3.92 -4.90 -10.73
C THR A 86 -2.75 -5.82 -10.44
N THR A 87 -2.09 -6.29 -11.50
CA THR A 87 -0.95 -7.18 -11.36
C THR A 87 0.36 -6.40 -11.41
N GLY A 88 1.34 -6.82 -10.61
CA GLY A 88 2.63 -6.15 -10.58
C GLY A 88 3.03 -5.62 -11.94
N LYS A 89 2.88 -6.47 -12.97
CA LYS A 89 3.24 -6.08 -14.33
C LYS A 89 2.47 -4.84 -14.77
N GLU A 90 1.15 -4.98 -14.87
CA GLU A 90 0.30 -3.86 -15.26
C GLU A 90 0.56 -2.64 -14.41
N MET A 91 0.84 -2.87 -13.12
CA MET A 91 1.10 -1.78 -12.20
C MET A 91 2.24 -0.89 -12.70
N ALA A 92 3.40 -1.50 -12.91
CA ALA A 92 4.56 -0.77 -13.40
C ALA A 92 4.32 -0.22 -14.80
N SER A 93 3.63 -1.00 -15.63
CA SER A 93 3.33 -0.59 -17.00
C SER A 93 2.52 0.70 -17.01
N ALA A 94 1.34 0.66 -16.39
CA ALA A 94 0.47 1.83 -16.34
C ALA A 94 1.24 3.05 -15.84
N GLN A 95 1.41 4.04 -16.73
CA GLN A 95 2.12 5.25 -16.38
C GLN A 95 1.46 5.95 -15.20
N GLU A 96 0.17 6.27 -15.34
CA GLU A 96 -0.57 6.94 -14.28
C GLU A 96 -1.79 6.12 -13.87
N PRO A 97 -1.66 5.35 -12.79
CA PRO A 97 -2.74 4.51 -12.28
C PRO A 97 -3.88 5.33 -11.67
N ASP A 98 -5.02 4.68 -11.45
CA ASP A 98 -6.18 5.35 -10.87
C ASP A 98 -5.98 5.57 -9.38
N LYS A 99 -6.47 6.71 -8.90
CA LYS A 99 -6.35 7.04 -7.47
C LYS A 99 -7.46 6.40 -6.67
N LEU A 100 -8.66 6.36 -7.24
CA LEU A 100 -9.82 5.77 -6.58
C LEU A 100 -9.58 4.28 -6.30
N SER A 101 -9.15 3.56 -7.33
CA SER A 101 -8.89 2.14 -7.20
C SER A 101 -7.77 1.87 -6.20
N MET A 102 -6.72 2.69 -6.26
CA MET A 102 -5.59 2.55 -5.35
C MET A 102 -6.01 2.79 -3.90
N VAL A 103 -6.76 3.87 -3.68
CA VAL A 103 -7.23 4.21 -2.34
C VAL A 103 -8.18 3.13 -1.80
N MET A 104 -9.26 2.89 -2.53
CA MET A 104 -10.24 1.88 -2.13
C MET A 104 -9.56 0.55 -1.83
N TYR A 105 -8.56 0.21 -2.65
CA TYR A 105 -7.83 -1.05 -2.46
C TYR A 105 -6.94 -0.99 -1.23
N LEU A 106 -6.16 0.07 -1.12
CA LEU A 106 -5.26 0.25 0.02
C LEU A 106 -6.04 0.23 1.33
N SER A 107 -7.15 0.94 1.36
CA SER A 107 -7.99 1.01 2.55
C SER A 107 -8.08 -0.36 3.22
N LYS A 108 -8.35 -1.39 2.42
CA LYS A 108 -8.46 -2.74 2.93
C LYS A 108 -7.36 -3.05 3.94
N PHE A 109 -6.12 -2.81 3.54
CA PHE A 109 -4.97 -3.06 4.41
C PHE A 109 -4.97 -2.09 5.59
N TYR A 110 -5.08 -0.81 5.30
CA TYR A 110 -5.09 0.22 6.33
C TYR A 110 -6.00 -0.19 7.49
N GLU A 111 -7.26 -0.45 7.19
CA GLU A 111 -8.23 -0.85 8.20
C GLU A 111 -7.86 -2.20 8.81
N LEU A 112 -7.56 -3.17 7.94
CA LEU A 112 -7.19 -4.51 8.39
C LEU A 112 -6.17 -4.43 9.51
N PHE A 113 -5.14 -3.63 9.32
CA PHE A 113 -4.08 -3.48 10.33
C PHE A 113 -4.55 -2.57 11.46
N ARG A 114 -5.17 -1.46 11.10
CA ARG A 114 -5.67 -0.50 12.08
C ARG A 114 -6.31 -1.22 13.27
N GLY A 115 -7.16 -2.21 12.96
CA GLY A 115 -7.83 -2.96 14.01
C GLY A 115 -9.26 -3.29 13.65
N THR A 116 -9.50 -4.52 13.22
CA THR A 116 -10.83 -4.96 12.84
C THR A 116 -11.61 -5.46 14.05
N PRO A 117 -12.91 -5.14 14.08
CA PRO A 117 -13.80 -5.54 15.19
C PRO A 117 -14.05 -7.04 15.21
N LEU A 118 -14.72 -7.50 16.25
CA LEU A 118 -15.03 -8.93 16.39
C LEU A 118 -16.38 -9.26 15.75
N ARG A 119 -16.37 -10.22 14.85
CA ARG A 119 -17.59 -10.63 14.16
C ARG A 119 -18.49 -11.45 15.08
N PRO A 120 -19.81 -11.18 15.01
CA PRO A 120 -20.79 -11.89 15.84
C PRO A 120 -20.97 -13.34 15.43
N VAL A 121 -20.45 -14.25 16.25
CA VAL A 121 -20.55 -15.68 15.97
C VAL A 121 -21.47 -16.37 16.96
N GLY A 1 -10.75 16.05 -3.30
CA GLY A 1 -9.76 15.79 -2.28
C GLY A 1 -8.62 16.80 -2.29
N SER A 2 -8.57 17.65 -1.26
CA SER A 2 -7.53 18.66 -1.16
C SER A 2 -6.48 18.27 -0.14
N SER A 3 -5.27 17.99 -0.62
CA SER A 3 -4.17 17.59 0.25
C SER A 3 -3.60 18.80 0.98
N GLY A 4 -2.94 18.54 2.10
CA GLY A 4 -2.34 19.62 2.88
C GLY A 4 -2.74 19.55 4.35
N SER A 5 -4.04 19.43 4.60
CA SER A 5 -4.54 19.36 5.98
C SER A 5 -5.48 18.17 6.14
N SER A 6 -5.29 17.43 7.22
CA SER A 6 -6.12 16.26 7.51
C SER A 6 -7.09 16.54 8.64
N GLY A 7 -7.85 15.52 9.04
CA GLY A 7 -8.82 15.68 10.12
C GLY A 7 -10.23 15.33 9.69
N ASP A 8 -10.66 15.91 8.57
CA ASP A 8 -12.00 15.67 8.06
C ASP A 8 -11.95 15.23 6.59
N ILE A 9 -10.85 14.60 6.20
CA ILE A 9 -10.68 14.14 4.84
C ILE A 9 -10.77 12.62 4.75
N ARG A 10 -10.90 12.10 3.53
CA ARG A 10 -11.01 10.66 3.32
C ARG A 10 -9.65 10.06 3.01
N PRO A 11 -9.12 10.37 1.81
CA PRO A 11 -7.82 9.87 1.37
C PRO A 11 -6.66 10.48 2.14
N SER A 12 -6.61 11.81 2.17
CA SER A 12 -5.56 12.52 2.88
C SER A 12 -5.20 11.82 4.19
N LYS A 13 -6.23 11.47 4.95
CA LYS A 13 -6.04 10.79 6.23
C LYS A 13 -5.28 9.48 6.04
N LEU A 14 -5.82 8.61 5.19
CA LEU A 14 -5.20 7.32 4.92
C LEU A 14 -3.71 7.48 4.62
N LEU A 15 -3.39 8.45 3.77
CA LEU A 15 -2.01 8.71 3.39
C LEU A 15 -1.12 8.82 4.63
N THR A 16 -1.59 9.56 5.63
CA THR A 16 -0.84 9.75 6.87
C THR A 16 -0.45 8.41 7.47
N TRP A 17 -1.44 7.55 7.70
CA TRP A 17 -1.18 6.23 8.27
C TRP A 17 -0.07 5.50 7.52
N CYS A 18 -0.20 5.44 6.20
CA CYS A 18 0.80 4.77 5.37
C CYS A 18 2.17 5.42 5.55
N GLN A 19 2.21 6.75 5.43
CA GLN A 19 3.45 7.49 5.58
C GLN A 19 4.10 7.20 6.93
N GLN A 20 3.27 7.00 7.95
CA GLN A 20 3.76 6.73 9.29
C GLN A 20 4.45 5.37 9.35
N GLN A 21 3.77 4.34 8.86
CA GLN A 21 4.32 2.99 8.86
C GLN A 21 5.64 2.94 8.11
N THR A 22 5.64 3.47 6.89
CA THR A 22 6.85 3.49 6.07
C THR A 22 7.92 4.36 6.69
N GLU A 23 7.51 5.45 7.33
CA GLU A 23 8.44 6.37 7.96
C GLU A 23 9.59 5.61 8.62
N GLY A 24 10.82 5.98 8.28
CA GLY A 24 11.98 5.33 8.84
C GLY A 24 12.69 4.44 7.84
N TYR A 25 11.93 3.74 7.01
CA TYR A 25 12.49 2.86 6.00
C TYR A 25 13.50 3.61 5.12
N GLN A 26 14.25 2.86 4.32
CA GLN A 26 15.24 3.45 3.43
C GLN A 26 14.72 3.51 2.00
N HIS A 27 15.17 4.52 1.26
CA HIS A 27 14.76 4.70 -0.13
C HIS A 27 13.25 4.52 -0.26
N VAL A 28 12.50 4.94 0.76
CA VAL A 28 11.05 4.82 0.75
C VAL A 28 10.39 6.17 1.02
N ASN A 29 9.99 6.84 -0.05
CA ASN A 29 9.34 8.15 0.07
C ASN A 29 7.90 8.08 -0.44
N VAL A 30 6.95 8.14 0.50
CA VAL A 30 5.53 8.10 0.14
C VAL A 30 4.93 9.50 0.11
N THR A 31 4.59 9.97 -1.09
CA THR A 31 4.00 11.29 -1.25
C THR A 31 2.64 11.21 -1.93
N ASP A 32 2.52 10.29 -2.90
CA ASP A 32 1.26 10.12 -3.61
C ASP A 32 0.83 8.66 -3.59
N LEU A 33 -0.47 8.44 -3.44
CA LEU A 33 -1.02 7.08 -3.39
C LEU A 33 -1.26 6.55 -4.79
N THR A 34 -0.35 6.88 -5.71
CA THR A 34 -0.45 6.43 -7.09
C THR A 34 0.88 5.90 -7.60
N THR A 35 1.95 6.67 -7.36
CA THR A 35 3.27 6.28 -7.80
C THR A 35 4.09 5.71 -6.64
N SER A 36 3.70 6.04 -5.42
CA SER A 36 4.39 5.57 -4.24
C SER A 36 4.21 4.06 -4.08
N TRP A 37 3.26 3.50 -4.81
CA TRP A 37 2.99 2.07 -4.75
C TRP A 37 3.28 1.40 -6.08
N ARG A 38 3.83 2.17 -7.02
CA ARG A 38 4.16 1.65 -8.34
C ARG A 38 5.25 0.60 -8.26
N SER A 39 6.25 0.86 -7.41
CA SER A 39 7.36 -0.07 -7.24
C SER A 39 6.94 -1.27 -6.38
N GLY A 40 6.16 -0.99 -5.34
CA GLY A 40 5.71 -2.05 -4.45
C GLY A 40 6.27 -1.92 -3.06
N LEU A 41 7.55 -1.54 -2.97
CA LEU A 41 8.21 -1.38 -1.69
C LEU A 41 7.26 -0.77 -0.65
N ALA A 42 6.49 0.21 -1.09
CA ALA A 42 5.54 0.88 -0.21
C ALA A 42 4.70 -0.13 0.56
N LEU A 43 3.93 -0.93 -0.18
CA LEU A 43 3.08 -1.94 0.44
C LEU A 43 3.90 -2.97 1.19
N CYS A 44 4.94 -3.49 0.53
CA CYS A 44 5.81 -4.48 1.14
C CYS A 44 6.28 -4.03 2.53
N ALA A 45 6.60 -2.74 2.64
CA ALA A 45 7.05 -2.18 3.90
C ALA A 45 6.00 -2.34 4.99
N ILE A 46 4.76 -2.00 4.66
CA ILE A 46 3.66 -2.12 5.61
C ILE A 46 3.48 -3.55 6.08
N ILE A 47 3.46 -4.48 5.13
CA ILE A 47 3.31 -5.89 5.45
C ILE A 47 4.50 -6.42 6.25
N HIS A 48 5.67 -6.38 5.62
CA HIS A 48 6.90 -6.83 6.27
C HIS A 48 7.01 -6.27 7.69
N ARG A 49 6.73 -4.99 7.83
CA ARG A 49 6.80 -4.33 9.13
C ARG A 49 6.24 -5.23 10.23
N PHE A 50 4.94 -5.53 10.13
CA PHE A 50 4.29 -6.38 11.11
C PHE A 50 4.77 -7.82 11.01
N ARG A 51 4.84 -8.32 9.78
CA ARG A 51 5.28 -9.69 9.53
C ARG A 51 6.38 -9.72 8.48
N PRO A 52 7.65 -9.61 8.94
CA PRO A 52 8.81 -9.62 8.06
C PRO A 52 9.05 -11.00 7.43
N GLU A 53 8.30 -11.99 7.90
CA GLU A 53 8.44 -13.35 7.40
C GLU A 53 7.77 -13.49 6.03
N LEU A 54 6.62 -12.86 5.88
CA LEU A 54 5.88 -12.92 4.62
C LEU A 54 6.67 -12.27 3.49
N ILE A 55 7.23 -11.09 3.76
CA ILE A 55 8.02 -10.37 2.77
C ILE A 55 9.38 -9.99 3.33
N ASN A 56 10.40 -10.04 2.47
CA ASN A 56 11.76 -9.70 2.88
C ASN A 56 12.28 -8.51 2.08
N PHE A 57 12.11 -7.31 2.64
CA PHE A 57 12.57 -6.10 1.98
C PHE A 57 14.00 -6.26 1.47
N ASP A 58 14.91 -6.56 2.39
CA ASP A 58 16.32 -6.74 2.04
C ASP A 58 16.45 -7.49 0.71
N SER A 59 15.50 -8.38 0.44
CA SER A 59 15.53 -9.16 -0.79
C SER A 59 14.85 -8.41 -1.93
N LEU A 60 13.75 -7.73 -1.62
CA LEU A 60 13.01 -6.96 -2.62
C LEU A 60 13.93 -5.98 -3.33
N ASN A 61 14.13 -6.21 -4.62
CA ASN A 61 14.99 -5.34 -5.42
C ASN A 61 14.16 -4.28 -6.15
N GLU A 62 14.46 -3.01 -5.89
CA GLU A 62 13.75 -1.91 -6.52
C GLU A 62 13.60 -2.15 -8.03
N ASP A 63 14.70 -2.53 -8.67
CA ASP A 63 14.69 -2.78 -10.11
C ASP A 63 13.68 -3.88 -10.46
N ASP A 64 13.45 -4.77 -9.50
CA ASP A 64 12.50 -5.87 -9.71
C ASP A 64 11.10 -5.47 -9.28
N ALA A 65 10.68 -4.26 -9.65
CA ALA A 65 9.36 -3.76 -9.30
C ALA A 65 8.29 -4.80 -9.61
N VAL A 66 8.30 -5.32 -10.83
CA VAL A 66 7.32 -6.32 -11.24
C VAL A 66 7.15 -7.38 -10.17
N GLU A 67 8.25 -8.00 -9.76
CA GLU A 67 8.22 -9.05 -8.75
C GLU A 67 7.77 -8.48 -7.40
N ASN A 68 8.39 -7.38 -6.99
CA ASN A 68 8.06 -6.75 -5.73
C ASN A 68 6.55 -6.60 -5.57
N ASN A 69 5.90 -6.02 -6.57
CA ASN A 69 4.46 -5.82 -6.56
C ASN A 69 3.73 -7.16 -6.46
N GLN A 70 3.92 -8.00 -7.49
CA GLN A 70 3.28 -9.31 -7.51
C GLN A 70 3.31 -9.96 -6.14
N LEU A 71 4.47 -9.96 -5.51
CA LEU A 71 4.64 -10.56 -4.18
C LEU A 71 3.61 -10.00 -3.20
N ALA A 72 3.68 -8.69 -2.95
CA ALA A 72 2.76 -8.04 -2.04
C ALA A 72 1.32 -8.45 -2.33
N PHE A 73 0.92 -8.36 -3.59
CA PHE A 73 -0.43 -8.73 -3.99
C PHE A 73 -0.76 -10.15 -3.56
N ASP A 74 0.11 -11.10 -3.90
CA ASP A 74 -0.10 -12.49 -3.54
C ASP A 74 -0.26 -12.65 -2.04
N VAL A 75 0.71 -12.13 -1.28
CA VAL A 75 0.67 -12.21 0.17
C VAL A 75 -0.66 -11.73 0.72
N ALA A 76 -1.21 -10.70 0.08
CA ALA A 76 -2.50 -10.15 0.51
C ALA A 76 -3.63 -11.15 0.29
N GLU A 77 -3.53 -11.93 -0.78
CA GLU A 77 -4.54 -12.94 -1.09
C GLU A 77 -4.17 -14.29 -0.48
N ARG A 78 -2.94 -14.40 -0.02
CA ARG A 78 -2.46 -15.64 0.57
C ARG A 78 -2.65 -15.62 2.09
N GLU A 79 -2.49 -14.44 2.69
CA GLU A 79 -2.64 -14.29 4.13
C GLU A 79 -3.99 -13.67 4.47
N PHE A 80 -4.27 -12.51 3.89
CA PHE A 80 -5.53 -11.81 4.13
C PHE A 80 -6.62 -12.33 3.21
N GLY A 81 -6.22 -12.89 2.07
CA GLY A 81 -7.18 -13.41 1.11
C GLY A 81 -7.88 -12.32 0.34
N ILE A 82 -7.24 -11.16 0.24
CA ILE A 82 -7.80 -10.02 -0.48
C ILE A 82 -7.43 -10.08 -1.96
N PRO A 83 -8.44 -10.04 -2.82
CA PRO A 83 -8.24 -10.09 -4.28
C PRO A 83 -7.62 -8.80 -4.81
N PRO A 84 -6.53 -8.95 -5.58
CA PRO A 84 -5.81 -7.82 -6.17
C PRO A 84 -6.62 -7.13 -7.26
N VAL A 85 -6.31 -5.86 -7.53
CA VAL A 85 -7.00 -5.09 -8.56
C VAL A 85 -6.19 -5.06 -9.85
N THR A 86 -4.86 -5.03 -9.71
CA THR A 86 -3.98 -4.99 -10.88
C THR A 86 -2.81 -5.95 -10.71
N THR A 87 -2.09 -6.19 -11.79
CA THR A 87 -0.94 -7.08 -11.77
C THR A 87 0.37 -6.30 -11.78
N GLY A 88 1.34 -6.75 -10.98
CA GLY A 88 2.62 -6.08 -10.92
C GLY A 88 3.06 -5.55 -12.26
N LYS A 89 3.01 -6.41 -13.28
CA LYS A 89 3.41 -6.02 -14.62
C LYS A 89 2.62 -4.81 -15.10
N GLU A 90 1.31 -4.96 -15.18
CA GLU A 90 0.44 -3.86 -15.62
C GLU A 90 0.68 -2.61 -14.78
N MET A 91 1.02 -2.81 -13.52
CA MET A 91 1.28 -1.69 -12.61
C MET A 91 2.55 -0.94 -13.02
N ALA A 92 3.64 -1.69 -13.20
CA ALA A 92 4.91 -1.09 -13.58
C ALA A 92 4.83 -0.48 -14.98
N SER A 93 3.69 -0.68 -15.65
CA SER A 93 3.49 -0.15 -16.99
C SER A 93 2.77 1.19 -16.94
N ALA A 94 1.67 1.23 -16.18
CA ALA A 94 0.89 2.46 -16.04
C ALA A 94 1.64 3.50 -15.24
N GLN A 95 1.95 4.63 -15.88
CA GLN A 95 2.68 5.71 -15.23
C GLN A 95 1.85 6.30 -14.09
N GLU A 96 0.54 6.40 -14.29
CA GLU A 96 -0.36 6.95 -13.28
C GLU A 96 -1.62 6.11 -13.17
N PRO A 97 -1.71 5.32 -12.09
CA PRO A 97 -2.87 4.45 -11.83
C PRO A 97 -4.12 5.24 -11.48
N ASP A 98 -5.23 4.54 -11.31
CA ASP A 98 -6.50 5.18 -10.95
C ASP A 98 -6.54 5.51 -9.47
N LYS A 99 -6.36 6.79 -9.15
CA LYS A 99 -6.38 7.24 -7.76
C LYS A 99 -7.37 6.42 -6.94
N LEU A 100 -8.54 6.16 -7.52
CA LEU A 100 -9.58 5.38 -6.84
C LEU A 100 -9.13 3.94 -6.64
N SER A 101 -8.96 3.21 -7.74
CA SER A 101 -8.55 1.82 -7.68
C SER A 101 -7.53 1.61 -6.56
N MET A 102 -6.56 2.50 -6.47
CA MET A 102 -5.52 2.41 -5.44
C MET A 102 -6.14 2.52 -4.05
N VAL A 103 -6.86 3.61 -3.81
CA VAL A 103 -7.50 3.83 -2.52
C VAL A 103 -8.39 2.65 -2.13
N MET A 104 -9.42 2.41 -2.94
CA MET A 104 -10.34 1.30 -2.68
C MET A 104 -9.59 0.06 -2.23
N TYR A 105 -8.35 -0.06 -2.68
CA TYR A 105 -7.52 -1.22 -2.32
C TYR A 105 -6.89 -1.03 -0.95
N LEU A 106 -6.15 0.06 -0.78
CA LEU A 106 -5.49 0.36 0.49
C LEU A 106 -6.49 0.33 1.64
N SER A 107 -7.65 0.93 1.43
CA SER A 107 -8.69 0.97 2.44
C SER A 107 -8.77 -0.36 3.18
N LYS A 108 -8.86 -1.45 2.42
CA LYS A 108 -8.95 -2.79 3.00
C LYS A 108 -7.84 -3.00 4.04
N PHE A 109 -6.62 -2.64 3.68
CA PHE A 109 -5.48 -2.81 4.57
C PHE A 109 -5.58 -1.85 5.76
N TYR A 110 -5.71 -0.55 5.46
CA TYR A 110 -5.81 0.47 6.50
C TYR A 110 -6.74 0.01 7.62
N GLU A 111 -7.96 -0.34 7.26
CA GLU A 111 -8.95 -0.80 8.23
C GLU A 111 -8.55 -2.16 8.81
N LEU A 112 -8.15 -3.08 7.94
CA LEU A 112 -7.75 -4.41 8.37
C LEU A 112 -6.80 -4.33 9.56
N PHE A 113 -5.71 -3.60 9.40
CA PHE A 113 -4.73 -3.44 10.47
C PHE A 113 -5.19 -2.40 11.48
N ARG A 114 -5.58 -1.23 10.99
CA ARG A 114 -6.04 -0.14 11.85
C ARG A 114 -7.52 -0.29 12.16
N GLY A 115 -7.85 -0.46 13.44
CA GLY A 115 -9.23 -0.61 13.84
C GLY A 115 -9.86 0.70 14.25
N THR A 116 -10.05 1.59 13.28
CA THR A 116 -10.65 2.90 13.55
C THR A 116 -11.84 2.77 14.49
N PRO A 117 -11.94 3.71 15.45
CA PRO A 117 -13.03 3.72 16.44
C PRO A 117 -14.37 4.09 15.81
N LEU A 118 -15.39 4.23 16.64
CA LEU A 118 -16.73 4.58 16.17
C LEU A 118 -16.66 5.62 15.06
N ARG A 119 -17.25 5.30 13.92
CA ARG A 119 -17.26 6.20 12.77
C ARG A 119 -18.68 6.57 12.38
N PRO A 120 -19.17 7.70 12.91
CA PRO A 120 -20.52 8.20 12.63
C PRO A 120 -20.67 8.68 11.19
N VAL A 121 -21.01 7.76 10.29
CA VAL A 121 -21.19 8.10 8.88
C VAL A 121 -22.42 8.98 8.67
N GLY A 1 -11.09 18.99 -2.66
CA GLY A 1 -10.20 20.08 -2.32
C GLY A 1 -9.85 20.11 -0.84
N SER A 2 -8.67 20.62 -0.52
CA SER A 2 -8.22 20.70 0.87
C SER A 2 -8.67 22.00 1.52
N SER A 3 -9.91 22.39 1.25
CA SER A 3 -10.46 23.62 1.80
C SER A 3 -11.35 23.33 3.01
N GLY A 4 -11.07 23.99 4.12
CA GLY A 4 -11.85 23.79 5.33
C GLY A 4 -11.12 22.93 6.35
N SER A 5 -11.16 23.35 7.61
CA SER A 5 -10.49 22.62 8.68
C SER A 5 -11.51 21.87 9.53
N SER A 6 -12.49 21.28 8.88
CA SER A 6 -13.54 20.53 9.58
C SER A 6 -13.97 19.31 8.76
N GLY A 7 -13.97 18.15 9.41
CA GLY A 7 -14.36 16.93 8.74
C GLY A 7 -13.18 16.07 8.36
N ASP A 8 -13.15 14.83 8.85
CA ASP A 8 -12.06 13.92 8.56
C ASP A 8 -11.97 13.65 7.05
N ILE A 9 -10.76 13.41 6.58
CA ILE A 9 -10.53 13.14 5.16
C ILE A 9 -10.49 11.64 4.89
N ARG A 10 -10.78 11.26 3.65
CA ARG A 10 -10.77 9.86 3.25
C ARG A 10 -9.38 9.42 2.81
N PRO A 11 -8.93 9.95 1.66
CA PRO A 11 -7.61 9.63 1.10
C PRO A 11 -6.48 10.22 1.93
N SER A 12 -6.54 11.53 2.15
CA SER A 12 -5.51 12.22 2.92
C SER A 12 -5.13 11.41 4.15
N LYS A 13 -6.12 11.06 4.95
CA LYS A 13 -5.89 10.28 6.17
C LYS A 13 -5.08 9.02 5.86
N LEU A 14 -5.55 8.26 4.89
CA LEU A 14 -4.87 7.02 4.50
C LEU A 14 -3.38 7.26 4.28
N LEU A 15 -3.04 8.26 3.47
CA LEU A 15 -1.66 8.59 3.18
C LEU A 15 -0.88 8.83 4.47
N THR A 16 -1.51 9.54 5.41
CA THR A 16 -0.87 9.83 6.69
C THR A 16 -0.52 8.55 7.44
N TRP A 17 -1.49 7.64 7.55
CA TRP A 17 -1.28 6.38 8.23
C TRP A 17 -0.14 5.59 7.59
N CYS A 18 -0.12 5.55 6.28
CA CYS A 18 0.92 4.83 5.54
C CYS A 18 2.28 5.49 5.74
N GLN A 19 2.32 6.81 5.59
CA GLN A 19 3.56 7.56 5.76
C GLN A 19 4.22 7.23 7.09
N GLN A 20 3.41 7.11 8.14
CA GLN A 20 3.91 6.80 9.47
C GLN A 20 4.57 5.42 9.48
N GLN A 21 3.83 4.41 9.03
CA GLN A 21 4.35 3.04 9.00
C GLN A 21 5.61 2.95 8.15
N THR A 22 5.56 3.53 6.96
CA THR A 22 6.70 3.53 6.05
C THR A 22 7.84 4.36 6.59
N GLU A 23 7.50 5.41 7.33
CA GLU A 23 8.51 6.30 7.91
C GLU A 23 9.65 5.49 8.54
N GLY A 24 10.88 5.92 8.29
CA GLY A 24 12.03 5.23 8.83
C GLY A 24 12.75 4.39 7.80
N TYR A 25 11.98 3.71 6.95
CA TYR A 25 12.55 2.86 5.92
C TYR A 25 13.47 3.66 5.00
N GLN A 26 14.42 2.98 4.37
CA GLN A 26 15.36 3.63 3.47
C GLN A 26 14.87 3.54 2.03
N HIS A 27 15.14 4.61 1.26
CA HIS A 27 14.73 4.66 -0.13
C HIS A 27 13.22 4.45 -0.27
N VAL A 28 12.48 4.93 0.73
CA VAL A 28 11.03 4.80 0.72
C VAL A 28 10.35 6.14 0.98
N ASN A 29 9.96 6.82 -0.11
CA ASN A 29 9.30 8.11 0.00
C ASN A 29 7.84 8.01 -0.40
N VAL A 30 6.95 8.06 0.58
CA VAL A 30 5.52 7.97 0.33
C VAL A 30 4.86 9.35 0.41
N THR A 31 4.53 9.91 -0.76
CA THR A 31 3.90 11.22 -0.82
C THR A 31 2.53 11.14 -1.47
N ASP A 32 2.39 10.26 -2.45
CA ASP A 32 1.13 10.08 -3.15
C ASP A 32 0.64 8.64 -3.04
N LEU A 33 -0.52 8.37 -3.62
CA LEU A 33 -1.10 7.02 -3.59
C LEU A 33 -1.24 6.46 -4.99
N THR A 34 -0.31 6.81 -5.86
CA THR A 34 -0.33 6.33 -7.24
C THR A 34 1.05 5.87 -7.68
N THR A 35 2.04 6.74 -7.55
CA THR A 35 3.41 6.42 -7.94
C THR A 35 4.15 5.74 -6.79
N SER A 36 3.92 6.21 -5.58
CA SER A 36 4.57 5.64 -4.40
C SER A 36 4.31 4.14 -4.30
N TRP A 37 3.17 3.71 -4.84
CA TRP A 37 2.80 2.30 -4.81
C TRP A 37 2.87 1.69 -6.20
N ARG A 38 3.72 2.25 -7.05
CA ARG A 38 3.87 1.77 -8.42
C ARG A 38 4.82 0.57 -8.46
N SER A 39 5.85 0.59 -7.63
CA SER A 39 6.82 -0.49 -7.58
C SER A 39 6.36 -1.58 -6.62
N GLY A 40 5.90 -1.17 -5.44
CA GLY A 40 5.44 -2.13 -4.45
C GLY A 40 6.08 -1.92 -3.10
N LEU A 41 7.35 -1.54 -3.09
CA LEU A 41 8.08 -1.30 -1.85
C LEU A 41 7.17 -0.67 -0.80
N ALA A 42 6.49 0.40 -1.18
CA ALA A 42 5.59 1.09 -0.27
C ALA A 42 4.73 0.10 0.52
N LEU A 43 3.87 -0.63 -0.19
CA LEU A 43 3.01 -1.61 0.44
C LEU A 43 3.82 -2.67 1.17
N CYS A 44 4.71 -3.33 0.43
CA CYS A 44 5.55 -4.37 1.02
C CYS A 44 6.04 -3.97 2.40
N ALA A 45 6.42 -2.70 2.54
CA ALA A 45 6.91 -2.20 3.82
C ALA A 45 5.87 -2.36 4.92
N ILE A 46 4.62 -2.05 4.58
CA ILE A 46 3.53 -2.18 5.54
C ILE A 46 3.38 -3.61 6.03
N ILE A 47 3.36 -4.56 5.10
CA ILE A 47 3.23 -5.97 5.45
C ILE A 47 4.43 -6.45 6.24
N HIS A 48 5.61 -6.40 5.61
CA HIS A 48 6.84 -6.83 6.26
C HIS A 48 6.88 -6.36 7.71
N ARG A 49 6.55 -5.10 7.94
CA ARG A 49 6.55 -4.52 9.27
C ARG A 49 5.98 -5.51 10.28
N PHE A 50 4.70 -5.84 10.12
CA PHE A 50 4.03 -6.78 11.02
C PHE A 50 4.68 -8.16 10.95
N ARG A 51 4.80 -8.68 9.73
CA ARG A 51 5.39 -10.00 9.52
C ARG A 51 6.46 -9.94 8.44
N PRO A 52 7.72 -9.72 8.85
CA PRO A 52 8.86 -9.65 7.93
C PRO A 52 9.19 -11.00 7.30
N GLU A 53 8.54 -12.05 7.80
CA GLU A 53 8.78 -13.39 7.29
C GLU A 53 8.19 -13.56 5.90
N LEU A 54 7.01 -12.99 5.68
CA LEU A 54 6.33 -13.07 4.40
C LEU A 54 7.12 -12.31 3.33
N ILE A 55 7.33 -11.03 3.56
CA ILE A 55 8.07 -10.19 2.62
C ILE A 55 9.40 -9.73 3.21
N ASN A 56 10.44 -9.76 2.40
CA ASN A 56 11.77 -9.34 2.85
C ASN A 56 12.26 -8.15 2.05
N PHE A 57 11.85 -6.96 2.48
CA PHE A 57 12.25 -5.73 1.80
C PHE A 57 13.72 -5.77 1.41
N ASP A 58 14.58 -6.06 2.39
CA ASP A 58 16.01 -6.14 2.14
C ASP A 58 16.31 -6.75 0.78
N SER A 59 15.55 -7.79 0.43
CA SER A 59 15.74 -8.46 -0.85
C SER A 59 15.04 -7.71 -1.97
N LEU A 60 13.82 -7.26 -1.72
CA LEU A 60 13.05 -6.52 -2.71
C LEU A 60 13.87 -5.37 -3.27
N ASN A 61 14.12 -5.41 -4.58
CA ASN A 61 14.89 -4.36 -5.24
C ASN A 61 14.01 -3.55 -6.18
N GLU A 62 14.23 -2.25 -6.23
CA GLU A 62 13.46 -1.37 -7.09
C GLU A 62 13.25 -2.00 -8.46
N ASP A 63 14.34 -2.37 -9.12
CA ASP A 63 14.26 -2.99 -10.43
C ASP A 63 13.24 -4.12 -10.45
N ASP A 64 13.10 -4.80 -9.31
CA ASP A 64 12.15 -5.91 -9.20
C ASP A 64 10.76 -5.39 -8.83
N ALA A 65 10.35 -4.30 -9.45
CA ALA A 65 9.04 -3.71 -9.18
C ALA A 65 7.93 -4.69 -9.54
N VAL A 66 7.99 -5.25 -10.73
CA VAL A 66 6.98 -6.20 -11.19
C VAL A 66 6.81 -7.34 -10.20
N GLU A 67 7.94 -7.96 -9.82
CA GLU A 67 7.92 -9.07 -8.89
C GLU A 67 7.45 -8.61 -7.51
N ASN A 68 8.03 -7.52 -7.03
CA ASN A 68 7.67 -6.97 -5.72
C ASN A 68 6.16 -6.86 -5.57
N ASN A 69 5.54 -6.10 -6.47
CA ASN A 69 4.09 -5.91 -6.45
C ASN A 69 3.37 -7.25 -6.37
N GLN A 70 3.57 -8.08 -7.40
CA GLN A 70 2.93 -9.39 -7.45
C GLN A 70 3.02 -10.10 -6.11
N LEU A 71 4.23 -10.11 -5.54
CA LEU A 71 4.45 -10.75 -4.25
C LEU A 71 3.48 -10.23 -3.20
N ALA A 72 3.59 -8.95 -2.89
CA ALA A 72 2.71 -8.33 -1.90
C ALA A 72 1.25 -8.72 -2.14
N PHE A 73 0.81 -8.61 -3.38
CA PHE A 73 -0.57 -8.95 -3.73
C PHE A 73 -0.87 -10.41 -3.40
N ASP A 74 0.01 -11.30 -3.84
CA ASP A 74 -0.16 -12.72 -3.59
C ASP A 74 -0.23 -13.01 -2.09
N VAL A 75 0.80 -12.58 -1.37
CA VAL A 75 0.86 -12.79 0.08
C VAL A 75 -0.43 -12.32 0.75
N ALA A 76 -0.95 -11.19 0.29
CA ALA A 76 -2.18 -10.63 0.84
C ALA A 76 -3.38 -11.50 0.49
N GLU A 77 -3.33 -12.14 -0.67
CA GLU A 77 -4.41 -13.00 -1.13
C GLU A 77 -4.29 -14.40 -0.52
N ARG A 78 -3.13 -14.68 0.06
CA ARG A 78 -2.88 -15.98 0.68
C ARG A 78 -3.07 -15.90 2.20
N GLU A 79 -2.72 -14.76 2.77
CA GLU A 79 -2.84 -14.56 4.20
C GLU A 79 -4.10 -13.76 4.54
N PHE A 80 -4.23 -12.59 3.93
CA PHE A 80 -5.38 -11.74 4.17
C PHE A 80 -6.55 -12.13 3.28
N GLY A 81 -6.24 -12.83 2.18
CA GLY A 81 -7.27 -13.27 1.26
C GLY A 81 -7.90 -12.11 0.50
N ILE A 82 -7.09 -11.09 0.20
CA ILE A 82 -7.58 -9.93 -0.52
C ILE A 82 -7.16 -9.97 -1.98
N PRO A 83 -8.14 -10.04 -2.88
CA PRO A 83 -7.90 -10.09 -4.33
C PRO A 83 -7.37 -8.76 -4.87
N PRO A 84 -6.20 -8.83 -5.54
CA PRO A 84 -5.56 -7.65 -6.12
C PRO A 84 -6.34 -7.10 -7.32
N VAL A 85 -6.45 -5.77 -7.38
CA VAL A 85 -7.16 -5.12 -8.48
C VAL A 85 -6.28 -5.02 -9.73
N THR A 86 -4.97 -4.96 -9.51
CA THR A 86 -4.02 -4.85 -10.60
C THR A 86 -2.84 -5.80 -10.41
N THR A 87 -2.21 -6.20 -11.52
CA THR A 87 -1.07 -7.11 -11.45
C THR A 87 0.24 -6.34 -11.49
N GLY A 88 1.20 -6.78 -10.69
CA GLY A 88 2.50 -6.13 -10.64
C GLY A 88 2.92 -5.58 -11.99
N LYS A 89 2.86 -6.42 -13.02
CA LYS A 89 3.24 -6.01 -14.36
C LYS A 89 2.58 -4.69 -14.74
N GLU A 90 1.24 -4.68 -14.71
CA GLU A 90 0.48 -3.47 -15.05
C GLU A 90 0.78 -2.35 -14.06
N MET A 91 0.72 -2.67 -12.77
CA MET A 91 0.98 -1.69 -11.73
C MET A 91 2.27 -0.91 -12.01
N ALA A 92 3.29 -1.63 -12.46
CA ALA A 92 4.58 -1.00 -12.77
C ALA A 92 4.56 -0.39 -14.16
N SER A 93 3.91 -1.06 -15.11
CA SER A 93 3.82 -0.58 -16.48
C SER A 93 3.12 0.77 -16.53
N ALA A 94 1.88 0.80 -16.07
CA ALA A 94 1.10 2.04 -16.07
C ALA A 94 1.87 3.18 -15.43
N GLN A 95 2.21 4.18 -16.23
CA GLN A 95 2.96 5.34 -15.74
C GLN A 95 2.24 5.99 -14.56
N GLU A 96 0.96 6.29 -14.75
CA GLU A 96 0.17 6.92 -13.70
C GLU A 96 -1.17 6.21 -13.53
N PRO A 97 -1.26 5.34 -12.52
CA PRO A 97 -2.48 4.57 -12.23
C PRO A 97 -3.61 5.46 -11.70
N ASP A 98 -4.75 4.85 -11.42
CA ASP A 98 -5.90 5.58 -10.90
C ASP A 98 -5.86 5.66 -9.38
N LYS A 99 -5.94 6.88 -8.86
CA LYS A 99 -5.92 7.10 -7.42
C LYS A 99 -7.08 6.38 -6.73
N LEU A 100 -8.18 6.23 -7.44
CA LEU A 100 -9.36 5.56 -6.91
C LEU A 100 -9.08 4.07 -6.70
N SER A 101 -8.70 3.40 -7.78
CA SER A 101 -8.40 1.97 -7.72
C SER A 101 -7.38 1.67 -6.62
N MET A 102 -6.41 2.56 -6.47
CA MET A 102 -5.37 2.38 -5.45
C MET A 102 -5.94 2.59 -4.06
N VAL A 103 -6.58 3.74 -3.85
CA VAL A 103 -7.17 4.06 -2.55
C VAL A 103 -8.15 2.97 -2.11
N MET A 104 -9.07 2.62 -3.00
CA MET A 104 -10.08 1.59 -2.70
C MET A 104 -9.40 0.30 -2.27
N TYR A 105 -8.27 -0.03 -2.90
CA TYR A 105 -7.53 -1.24 -2.57
C TYR A 105 -6.81 -1.10 -1.23
N LEU A 106 -5.86 -0.19 -1.18
CA LEU A 106 -5.09 0.05 0.03
C LEU A 106 -6.01 0.15 1.24
N SER A 107 -7.10 0.89 1.10
CA SER A 107 -8.06 1.07 2.18
C SER A 107 -8.36 -0.26 2.87
N LYS A 108 -8.58 -1.29 2.08
CA LYS A 108 -8.87 -2.62 2.61
C LYS A 108 -7.88 -3.00 3.70
N PHE A 109 -6.61 -2.66 3.49
CA PHE A 109 -5.57 -2.95 4.46
C PHE A 109 -5.61 -1.98 5.62
N TYR A 110 -5.67 -0.69 5.31
CA TYR A 110 -5.72 0.35 6.34
C TYR A 110 -6.67 -0.05 7.46
N GLU A 111 -7.91 -0.38 7.09
CA GLU A 111 -8.92 -0.77 8.07
C GLU A 111 -8.57 -2.12 8.70
N LEU A 112 -8.32 -3.12 7.85
CA LEU A 112 -7.97 -4.45 8.32
C LEU A 112 -6.97 -4.38 9.46
N PHE A 113 -5.90 -3.61 9.26
CA PHE A 113 -4.87 -3.46 10.27
C PHE A 113 -5.37 -2.61 11.44
N ARG A 114 -5.92 -1.45 11.13
CA ARG A 114 -6.44 -0.55 12.15
C ARG A 114 -7.23 -1.32 13.21
N GLY A 115 -8.10 -2.22 12.74
CA GLY A 115 -8.91 -3.00 13.66
C GLY A 115 -8.98 -4.46 13.26
N THR A 116 -10.13 -5.09 13.50
CA THR A 116 -10.32 -6.50 13.17
C THR A 116 -10.87 -6.66 11.76
N PRO A 117 -10.60 -7.82 11.15
CA PRO A 117 -11.08 -8.13 9.80
C PRO A 117 -12.58 -8.33 9.74
N LEU A 118 -13.26 -7.49 8.98
CA LEU A 118 -14.71 -7.57 8.84
C LEU A 118 -15.12 -8.92 8.24
N ARG A 119 -16.08 -9.57 8.89
CA ARG A 119 -16.56 -10.87 8.43
C ARG A 119 -17.97 -10.75 7.87
N PRO A 120 -18.10 -10.98 6.55
CA PRO A 120 -19.40 -10.91 5.85
C PRO A 120 -20.33 -12.05 6.25
N VAL A 121 -21.61 -11.74 6.35
CA VAL A 121 -22.61 -12.74 6.72
C VAL A 121 -23.01 -13.59 5.52
N GLY A 1 -23.74 4.33 9.33
CA GLY A 1 -24.22 5.37 8.45
C GLY A 1 -23.10 6.29 7.99
N SER A 2 -22.84 6.31 6.69
CA SER A 2 -21.79 7.15 6.12
C SER A 2 -22.04 8.62 6.45
N SER A 3 -21.03 9.45 6.20
CA SER A 3 -21.14 10.88 6.46
C SER A 3 -20.95 11.68 5.17
N GLY A 4 -21.96 12.48 4.83
CA GLY A 4 -21.89 13.29 3.63
C GLY A 4 -20.62 14.11 3.56
N SER A 5 -19.62 13.58 2.87
CA SER A 5 -18.34 14.27 2.73
C SER A 5 -18.34 15.17 1.49
N SER A 6 -18.83 16.39 1.65
CA SER A 6 -18.90 17.34 0.55
C SER A 6 -17.83 18.41 0.70
N GLY A 7 -16.60 18.09 0.29
CA GLY A 7 -15.50 19.02 0.39
C GLY A 7 -14.24 18.39 0.93
N ASP A 8 -14.27 18.01 2.21
CA ASP A 8 -13.12 17.39 2.85
C ASP A 8 -12.50 16.34 1.94
N ILE A 9 -11.29 15.90 2.29
CA ILE A 9 -10.59 14.89 1.52
C ILE A 9 -10.83 13.49 2.07
N ARG A 10 -10.74 12.49 1.21
CA ARG A 10 -10.96 11.10 1.62
C ARG A 10 -9.62 10.42 1.94
N PRO A 11 -8.81 10.19 0.90
CA PRO A 11 -7.50 9.54 1.05
C PRO A 11 -6.50 10.44 1.76
N SER A 12 -6.99 11.47 2.43
CA SER A 12 -6.13 12.41 3.14
C SER A 12 -5.61 11.78 4.43
N LYS A 13 -6.50 11.09 5.14
CA LYS A 13 -6.12 10.44 6.40
C LYS A 13 -5.35 9.14 6.13
N LEU A 14 -5.82 8.36 5.17
CA LEU A 14 -5.17 7.11 4.83
C LEU A 14 -3.69 7.32 4.54
N LEU A 15 -3.39 8.28 3.67
CA LEU A 15 -2.02 8.58 3.30
C LEU A 15 -1.14 8.71 4.55
N THR A 16 -1.63 9.46 5.53
CA THR A 16 -0.89 9.66 6.77
C THR A 16 -0.48 8.33 7.38
N TRP A 17 -1.44 7.42 7.51
CA TRP A 17 -1.18 6.11 8.08
C TRP A 17 -0.05 5.39 7.34
N CYS A 18 -0.22 5.23 6.03
CA CYS A 18 0.79 4.57 5.21
C CYS A 18 2.13 5.26 5.35
N GLN A 19 2.11 6.59 5.40
CA GLN A 19 3.34 7.37 5.52
C GLN A 19 4.05 7.08 6.85
N GLN A 20 3.26 7.02 7.92
CA GLN A 20 3.81 6.74 9.24
C GLN A 20 4.50 5.38 9.28
N GLN A 21 3.81 4.37 8.76
CA GLN A 21 4.36 3.01 8.75
C GLN A 21 5.63 2.96 7.90
N THR A 22 5.55 3.50 6.69
CA THR A 22 6.69 3.52 5.77
C THR A 22 7.81 4.41 6.30
N GLU A 23 7.43 5.40 7.10
CA GLU A 23 8.41 6.33 7.67
C GLU A 23 9.58 5.57 8.29
N GLY A 24 10.78 6.15 8.18
CA GLY A 24 11.95 5.52 8.73
C GLY A 24 12.69 4.68 7.72
N TYR A 25 11.94 3.94 6.90
CA TYR A 25 12.53 3.08 5.89
C TYR A 25 13.44 3.88 4.95
N GLN A 26 14.31 3.18 4.23
CA GLN A 26 15.22 3.82 3.31
C GLN A 26 14.69 3.78 1.88
N HIS A 27 15.13 4.74 1.06
CA HIS A 27 14.69 4.81 -0.33
C HIS A 27 13.18 4.57 -0.43
N VAL A 28 12.46 4.90 0.63
CA VAL A 28 11.01 4.71 0.65
C VAL A 28 10.30 6.03 0.96
N ASN A 29 9.91 6.74 -0.09
CA ASN A 29 9.23 8.02 0.08
C ASN A 29 7.77 7.91 -0.38
N VAL A 30 6.85 7.96 0.58
CA VAL A 30 5.43 7.87 0.29
C VAL A 30 4.76 9.23 0.37
N THR A 31 4.55 9.86 -0.79
CA THR A 31 3.91 11.17 -0.84
C THR A 31 2.53 11.08 -1.47
N ASP A 32 2.38 10.19 -2.45
CA ASP A 32 1.10 10.02 -3.13
C ASP A 32 0.65 8.56 -3.06
N LEU A 33 -0.51 8.28 -3.65
CA LEU A 33 -1.06 6.92 -3.66
C LEU A 33 -1.15 6.39 -5.08
N THR A 34 -0.30 6.91 -5.96
CA THR A 34 -0.29 6.48 -7.35
C THR A 34 1.11 6.02 -7.77
N THR A 35 2.07 6.93 -7.72
CA THR A 35 3.44 6.62 -8.09
C THR A 35 4.18 5.94 -6.94
N SER A 36 3.99 6.46 -5.73
CA SER A 36 4.64 5.90 -4.55
C SER A 36 4.46 4.39 -4.49
N TRP A 37 3.28 3.93 -4.88
CA TRP A 37 2.98 2.51 -4.88
C TRP A 37 3.07 1.92 -6.28
N ARG A 38 3.96 2.48 -7.10
CA ARG A 38 4.14 2.01 -8.47
C ARG A 38 5.14 0.86 -8.51
N SER A 39 6.17 0.95 -7.69
CA SER A 39 7.21 -0.08 -7.65
C SER A 39 6.74 -1.29 -6.84
N GLY A 40 6.05 -1.01 -5.73
CA GLY A 40 5.56 -2.08 -4.87
C GLY A 40 6.42 -2.28 -3.64
N LEU A 41 7.16 -1.25 -3.26
CA LEU A 41 8.03 -1.31 -2.09
C LEU A 41 7.32 -0.74 -0.87
N ALA A 42 6.59 0.34 -1.07
CA ALA A 42 5.86 0.98 0.02
C ALA A 42 4.94 -0.01 0.73
N LEU A 43 4.13 -0.72 -0.05
CA LEU A 43 3.20 -1.70 0.50
C LEU A 43 3.95 -2.79 1.25
N CYS A 44 4.95 -3.37 0.60
CA CYS A 44 5.76 -4.43 1.20
C CYS A 44 6.26 -4.01 2.57
N ALA A 45 6.70 -2.76 2.68
CA ALA A 45 7.21 -2.24 3.94
C ALA A 45 6.16 -2.33 5.04
N ILE A 46 4.92 -2.03 4.69
CA ILE A 46 3.82 -2.07 5.65
C ILE A 46 3.61 -3.49 6.17
N ILE A 47 3.49 -4.45 5.26
CA ILE A 47 3.29 -5.84 5.63
C ILE A 47 4.51 -6.39 6.36
N HIS A 48 5.67 -6.29 5.74
CA HIS A 48 6.91 -6.79 6.33
C HIS A 48 7.07 -6.26 7.76
N ARG A 49 6.89 -4.95 7.92
CA ARG A 49 7.02 -4.33 9.24
C ARG A 49 6.40 -5.20 10.32
N PHE A 50 5.12 -5.54 10.14
CA PHE A 50 4.41 -6.37 11.11
C PHE A 50 4.86 -7.82 11.01
N ARG A 51 4.91 -8.35 9.79
CA ARG A 51 5.33 -9.72 9.56
C ARG A 51 6.44 -9.79 8.51
N PRO A 52 7.70 -9.70 8.98
CA PRO A 52 8.87 -9.74 8.10
C PRO A 52 9.09 -11.13 7.49
N GLU A 53 8.35 -12.12 8.00
CA GLU A 53 8.46 -13.48 7.51
C GLU A 53 7.77 -13.62 6.15
N LEU A 54 6.65 -12.94 5.98
CA LEU A 54 5.90 -12.99 4.74
C LEU A 54 6.64 -12.25 3.62
N ILE A 55 7.17 -11.08 3.94
CA ILE A 55 7.91 -10.29 2.98
C ILE A 55 9.28 -9.89 3.51
N ASN A 56 10.30 -10.02 2.66
CA ASN A 56 11.66 -9.69 3.05
C ASN A 56 12.21 -8.56 2.19
N PHE A 57 12.05 -7.32 2.68
CA PHE A 57 12.52 -6.16 1.94
C PHE A 57 13.93 -6.39 1.39
N ASP A 58 14.86 -6.73 2.28
CA ASP A 58 16.24 -6.99 1.88
C ASP A 58 16.30 -7.66 0.51
N SER A 59 15.34 -8.55 0.25
CA SER A 59 15.28 -9.26 -1.01
C SER A 59 14.64 -8.40 -2.09
N LEU A 60 13.57 -7.71 -1.72
CA LEU A 60 12.85 -6.85 -2.66
C LEU A 60 13.81 -5.88 -3.35
N ASN A 61 13.87 -5.97 -4.67
CA ASN A 61 14.75 -5.10 -5.45
C ASN A 61 13.94 -4.03 -6.19
N GLU A 62 14.21 -2.77 -5.87
CA GLU A 62 13.51 -1.65 -6.49
C GLU A 62 13.32 -1.91 -7.99
N ASP A 63 14.41 -2.28 -8.66
CA ASP A 63 14.36 -2.56 -10.10
C ASP A 63 13.36 -3.67 -10.41
N ASP A 64 13.23 -4.62 -9.49
CA ASP A 64 12.31 -5.73 -9.67
C ASP A 64 10.90 -5.35 -9.21
N ALA A 65 10.45 -4.18 -9.62
CA ALA A 65 9.13 -3.69 -9.26
C ALA A 65 8.07 -4.75 -9.52
N VAL A 66 7.93 -5.16 -10.78
CA VAL A 66 6.95 -6.17 -11.16
C VAL A 66 6.88 -7.28 -10.12
N GLU A 67 8.04 -7.77 -9.71
CA GLU A 67 8.11 -8.84 -8.72
C GLU A 67 7.65 -8.35 -7.35
N ASN A 68 8.12 -7.16 -6.97
CA ASN A 68 7.75 -6.58 -5.68
C ASN A 68 6.24 -6.45 -5.55
N ASN A 69 5.64 -5.71 -6.47
CA ASN A 69 4.19 -5.51 -6.46
C ASN A 69 3.45 -6.85 -6.40
N GLN A 70 3.65 -7.67 -7.43
CA GLN A 70 3.01 -8.97 -7.49
C GLN A 70 3.08 -9.69 -6.14
N LEU A 71 4.26 -9.66 -5.53
CA LEU A 71 4.47 -10.31 -4.25
C LEU A 71 3.45 -9.80 -3.22
N ALA A 72 3.59 -8.54 -2.82
CA ALA A 72 2.69 -7.94 -1.86
C ALA A 72 1.25 -8.39 -2.09
N PHE A 73 0.83 -8.37 -3.35
CA PHE A 73 -0.52 -8.78 -3.71
C PHE A 73 -0.76 -10.25 -3.37
N ASP A 74 0.12 -11.11 -3.86
CA ASP A 74 -0.01 -12.55 -3.61
C ASP A 74 -0.06 -12.82 -2.11
N VAL A 75 0.81 -12.17 -1.35
CA VAL A 75 0.86 -12.35 0.09
C VAL A 75 -0.45 -11.94 0.75
N ALA A 76 -1.02 -10.83 0.27
CA ALA A 76 -2.29 -10.33 0.80
C ALA A 76 -3.45 -11.22 0.38
N GLU A 77 -3.34 -11.81 -0.81
CA GLU A 77 -4.38 -12.68 -1.32
C GLU A 77 -4.24 -14.10 -0.76
N ARG A 78 -3.10 -14.37 -0.15
CA ARG A 78 -2.83 -15.68 0.43
C ARG A 78 -3.01 -15.66 1.94
N GLU A 79 -2.66 -14.54 2.55
CA GLU A 79 -2.80 -14.39 4.00
C GLU A 79 -4.13 -13.74 4.36
N PHE A 80 -4.40 -12.57 3.79
CA PHE A 80 -5.64 -11.86 4.05
C PHE A 80 -6.76 -12.38 3.17
N GLY A 81 -6.40 -13.01 2.06
CA GLY A 81 -7.39 -13.55 1.14
C GLY A 81 -8.09 -12.47 0.34
N ILE A 82 -7.37 -11.38 0.06
CA ILE A 82 -7.93 -10.27 -0.71
C ILE A 82 -7.42 -10.29 -2.15
N PRO A 83 -8.37 -10.35 -3.11
CA PRO A 83 -8.05 -10.37 -4.53
C PRO A 83 -7.50 -9.04 -5.02
N PRO A 84 -6.35 -9.09 -5.71
CA PRO A 84 -5.70 -7.89 -6.25
C PRO A 84 -6.47 -7.28 -7.40
N VAL A 85 -6.45 -5.95 -7.49
CA VAL A 85 -7.16 -5.24 -8.56
C VAL A 85 -6.30 -5.15 -9.81
N THR A 86 -4.99 -5.09 -9.62
CA THR A 86 -4.06 -5.00 -10.75
C THR A 86 -2.86 -5.92 -10.54
N THR A 87 -2.24 -6.31 -11.65
CA THR A 87 -1.09 -7.21 -11.60
C THR A 87 0.22 -6.42 -11.64
N GLY A 88 1.18 -6.83 -10.82
CA GLY A 88 2.46 -6.15 -10.80
C GLY A 88 2.91 -5.67 -12.17
N LYS A 89 2.83 -6.57 -13.15
CA LYS A 89 3.23 -6.23 -14.51
C LYS A 89 2.64 -4.88 -14.94
N GLU A 90 1.32 -4.75 -14.79
CA GLU A 90 0.64 -3.52 -15.16
C GLU A 90 0.95 -2.41 -14.15
N MET A 91 0.96 -2.76 -12.87
CA MET A 91 1.24 -1.79 -11.82
C MET A 91 2.52 -1.02 -12.12
N ALA A 92 3.52 -1.72 -12.65
CA ALA A 92 4.80 -1.09 -12.99
C ALA A 92 4.75 -0.45 -14.38
N SER A 93 4.07 -1.12 -15.30
CA SER A 93 3.96 -0.63 -16.67
C SER A 93 3.24 0.71 -16.70
N ALA A 94 2.00 0.72 -16.21
CA ALA A 94 1.20 1.94 -16.17
C ALA A 94 1.96 3.08 -15.52
N GLN A 95 2.08 4.20 -16.23
CA GLN A 95 2.79 5.36 -15.72
C GLN A 95 2.04 5.99 -14.56
N GLU A 96 0.78 6.35 -14.80
CA GLU A 96 -0.05 6.96 -13.77
C GLU A 96 -1.34 6.18 -13.57
N PRO A 97 -1.35 5.30 -12.55
CA PRO A 97 -2.51 4.47 -12.23
C PRO A 97 -3.66 5.28 -11.66
N ASP A 98 -4.81 4.63 -11.47
CA ASP A 98 -5.99 5.30 -10.94
C ASP A 98 -5.88 5.46 -9.42
N LYS A 99 -6.00 6.69 -8.95
CA LYS A 99 -5.92 6.98 -7.52
C LYS A 99 -7.09 6.36 -6.77
N LEU A 100 -8.20 6.16 -7.47
CA LEU A 100 -9.39 5.56 -6.88
C LEU A 100 -9.18 4.07 -6.62
N SER A 101 -8.83 3.35 -7.66
CA SER A 101 -8.62 1.90 -7.56
C SER A 101 -7.54 1.60 -6.52
N MET A 102 -6.60 2.52 -6.36
CA MET A 102 -5.52 2.36 -5.39
C MET A 102 -6.00 2.67 -3.97
N VAL A 103 -6.59 3.85 -3.80
CA VAL A 103 -7.10 4.26 -2.50
C VAL A 103 -8.12 3.27 -1.96
N MET A 104 -8.97 2.77 -2.84
CA MET A 104 -10.00 1.80 -2.45
C MET A 104 -9.36 0.49 -2.02
N TYR A 105 -8.35 0.06 -2.75
CA TYR A 105 -7.65 -1.19 -2.44
C TYR A 105 -6.89 -1.08 -1.12
N LEU A 106 -6.05 -0.07 -1.02
CA LEU A 106 -5.27 0.15 0.20
C LEU A 106 -6.16 0.12 1.43
N SER A 107 -7.28 0.84 1.37
CA SER A 107 -8.21 0.90 2.48
C SER A 107 -8.44 -0.49 3.07
N LYS A 108 -8.43 -1.50 2.22
CA LYS A 108 -8.63 -2.88 2.65
C LYS A 108 -7.74 -3.22 3.84
N PHE A 109 -6.45 -2.90 3.71
CA PHE A 109 -5.50 -3.17 4.77
C PHE A 109 -5.59 -2.12 5.88
N TYR A 110 -5.57 -0.85 5.48
CA TYR A 110 -5.66 0.24 6.44
C TYR A 110 -6.66 -0.07 7.54
N GLU A 111 -7.85 -0.51 7.14
CA GLU A 111 -8.90 -0.85 8.10
C GLU A 111 -8.53 -2.10 8.88
N LEU A 112 -8.22 -3.18 8.17
CA LEU A 112 -7.85 -4.45 8.79
C LEU A 112 -6.86 -4.21 9.93
N PHE A 113 -5.80 -3.48 9.64
CA PHE A 113 -4.77 -3.19 10.64
C PHE A 113 -5.26 -2.12 11.61
N ARG A 114 -5.72 -1.00 11.07
CA ARG A 114 -6.21 0.10 11.90
C ARG A 114 -7.71 -0.05 12.16
N GLY A 115 -8.05 -0.50 13.36
CA GLY A 115 -9.45 -0.67 13.71
C GLY A 115 -9.64 -1.71 14.81
N THR A 116 -9.69 -2.97 14.41
CA THR A 116 -9.88 -4.06 15.36
C THR A 116 -9.00 -3.89 16.58
N PRO A 117 -9.54 -4.21 17.77
CA PRO A 117 -8.81 -4.10 19.03
C PRO A 117 -7.69 -5.12 19.16
N LEU A 118 -6.68 -4.79 19.95
CA LEU A 118 -5.54 -5.69 20.15
C LEU A 118 -5.83 -6.68 21.28
N ARG A 119 -5.43 -7.93 21.06
CA ARG A 119 -5.64 -8.98 22.06
C ARG A 119 -4.41 -9.14 22.95
N PRO A 120 -4.64 -9.52 24.22
CA PRO A 120 -3.57 -9.72 25.19
C PRO A 120 -2.72 -10.94 24.87
N VAL A 121 -1.40 -10.75 24.81
CA VAL A 121 -0.48 -11.84 24.52
C VAL A 121 -0.77 -13.06 25.41
N GLY A 1 -30.04 15.91 6.51
CA GLY A 1 -29.18 15.24 5.56
C GLY A 1 -28.24 14.24 6.23
N SER A 2 -27.47 14.72 7.20
CA SER A 2 -26.53 13.86 7.91
C SER A 2 -26.08 14.52 9.21
N SER A 3 -25.48 13.73 10.10
CA SER A 3 -25.02 14.23 11.38
C SER A 3 -24.01 15.37 11.19
N GLY A 4 -24.51 16.59 11.22
CA GLY A 4 -23.64 17.74 11.05
C GLY A 4 -22.93 17.75 9.70
N SER A 5 -21.89 18.55 9.59
CA SER A 5 -21.13 18.64 8.34
C SER A 5 -19.63 18.47 8.60
N SER A 6 -19.07 19.40 9.38
CA SER A 6 -17.65 19.35 9.70
C SER A 6 -17.16 17.91 9.82
N GLY A 7 -15.98 17.65 9.27
CA GLY A 7 -15.42 16.32 9.32
C GLY A 7 -14.12 16.20 8.56
N ASP A 8 -13.65 14.97 8.36
CA ASP A 8 -12.41 14.73 7.64
C ASP A 8 -12.68 14.04 6.31
N ILE A 9 -11.60 13.67 5.61
CA ILE A 9 -11.72 13.01 4.32
C ILE A 9 -11.17 11.58 4.39
N ARG A 10 -11.49 10.79 3.38
CA ARG A 10 -11.03 9.40 3.32
C ARG A 10 -9.57 9.33 2.88
N PRO A 11 -9.30 9.73 1.63
CA PRO A 11 -7.95 9.72 1.07
C PRO A 11 -7.05 10.78 1.69
N SER A 12 -7.59 11.50 2.67
CA SER A 12 -6.83 12.54 3.35
C SER A 12 -6.23 12.01 4.65
N LYS A 13 -6.97 11.15 5.33
CA LYS A 13 -6.51 10.56 6.59
C LYS A 13 -5.81 9.23 6.34
N LEU A 14 -6.17 8.57 5.26
CA LEU A 14 -5.57 7.28 4.91
C LEU A 14 -4.10 7.44 4.56
N LEU A 15 -3.78 8.50 3.83
CA LEU A 15 -2.40 8.77 3.42
C LEU A 15 -1.47 8.77 4.64
N THR A 16 -1.82 9.58 5.64
CA THR A 16 -1.01 9.67 6.85
C THR A 16 -0.62 8.29 7.36
N TRP A 17 -1.62 7.48 7.67
CA TRP A 17 -1.38 6.12 8.16
C TRP A 17 -0.26 5.44 7.36
N CYS A 18 -0.46 5.35 6.05
CA CYS A 18 0.53 4.71 5.19
C CYS A 18 1.90 5.31 5.40
N GLN A 19 2.01 6.63 5.23
CA GLN A 19 3.28 7.33 5.40
C GLN A 19 3.96 6.92 6.70
N GLN A 20 3.16 6.82 7.77
CA GLN A 20 3.69 6.43 9.08
C GLN A 20 4.25 5.02 9.04
N GLN A 21 3.44 4.07 8.57
CA GLN A 21 3.86 2.68 8.48
C GLN A 21 5.17 2.56 7.70
N THR A 22 5.25 3.26 6.58
CA THR A 22 6.44 3.23 5.74
C THR A 22 7.50 4.21 6.24
N GLU A 23 7.39 4.58 7.52
CA GLU A 23 8.34 5.51 8.12
C GLU A 23 9.61 4.77 8.56
N GLY A 24 10.77 5.31 8.17
CA GLY A 24 12.03 4.70 8.54
C GLY A 24 12.71 4.03 7.37
N TYR A 25 11.93 3.26 6.60
CA TYR A 25 12.47 2.55 5.44
C TYR A 25 13.31 3.48 4.57
N GLN A 26 14.32 2.92 3.92
CA GLN A 26 15.20 3.70 3.07
C GLN A 26 14.74 3.62 1.61
N HIS A 27 15.03 4.67 0.84
CA HIS A 27 14.66 4.71 -0.57
C HIS A 27 13.14 4.57 -0.73
N VAL A 28 12.40 4.95 0.31
CA VAL A 28 10.95 4.86 0.29
C VAL A 28 10.31 6.19 0.68
N ASN A 29 9.89 6.95 -0.33
CA ASN A 29 9.27 8.25 -0.10
C ASN A 29 7.82 8.24 -0.56
N VAL A 30 6.90 8.16 0.39
CA VAL A 30 5.47 8.15 0.09
C VAL A 30 4.88 9.55 0.14
N THR A 31 4.57 10.10 -1.02
CA THR A 31 4.00 11.45 -1.11
C THR A 31 2.61 11.42 -1.74
N ASP A 32 2.36 10.39 -2.56
CA ASP A 32 1.07 10.25 -3.22
C ASP A 32 0.55 8.82 -3.10
N LEU A 33 -0.57 8.54 -3.75
CA LEU A 33 -1.17 7.21 -3.70
C LEU A 33 -1.28 6.62 -5.10
N THR A 34 -0.34 6.99 -5.97
CA THR A 34 -0.33 6.49 -7.34
C THR A 34 1.03 5.91 -7.70
N THR A 35 2.03 6.78 -7.82
CA THR A 35 3.38 6.36 -8.16
C THR A 35 4.13 5.87 -6.93
N SER A 36 3.78 6.42 -5.77
CA SER A 36 4.43 6.05 -4.51
C SER A 36 4.26 4.56 -4.25
N TRP A 37 3.33 3.92 -4.97
CA TRP A 37 3.07 2.50 -4.80
C TRP A 37 3.21 1.77 -6.14
N ARG A 38 4.06 2.29 -7.01
CA ARG A 38 4.28 1.69 -8.32
C ARG A 38 5.41 0.65 -8.25
N SER A 39 6.41 0.93 -7.43
CA SER A 39 7.55 0.03 -7.29
C SER A 39 7.18 -1.18 -6.42
N GLY A 40 6.35 -0.94 -5.41
CA GLY A 40 5.93 -2.02 -4.54
C GLY A 40 6.57 -1.93 -3.17
N LEU A 41 7.68 -1.21 -3.08
CA LEU A 41 8.40 -1.05 -1.81
C LEU A 41 7.53 -0.31 -0.79
N ALA A 42 6.45 0.30 -1.27
CA ALA A 42 5.54 1.04 -0.39
C ALA A 42 4.69 0.08 0.43
N LEU A 43 3.92 -0.75 -0.25
CA LEU A 43 3.06 -1.72 0.42
C LEU A 43 3.88 -2.81 1.08
N CYS A 44 4.87 -3.32 0.36
CA CYS A 44 5.73 -4.38 0.89
C CYS A 44 6.34 -3.97 2.23
N ALA A 45 6.56 -2.67 2.41
CA ALA A 45 7.12 -2.15 3.64
C ALA A 45 6.16 -2.33 4.82
N ILE A 46 4.91 -1.93 4.60
CA ILE A 46 3.89 -2.06 5.63
C ILE A 46 3.72 -3.50 6.09
N ILE A 47 3.79 -4.42 5.14
CA ILE A 47 3.65 -5.84 5.43
C ILE A 47 4.89 -6.38 6.13
N HIS A 48 6.05 -6.13 5.53
CA HIS A 48 7.32 -6.58 6.10
C HIS A 48 7.63 -5.86 7.40
N ARG A 49 6.92 -4.75 7.64
CA ARG A 49 7.12 -3.96 8.84
C ARG A 49 6.48 -4.63 10.05
N PHE A 50 5.18 -4.90 9.96
CA PHE A 50 4.45 -5.54 11.04
C PHE A 50 4.68 -7.05 11.04
N ARG A 51 4.74 -7.62 9.84
CA ARG A 51 4.96 -9.07 9.70
C ARG A 51 5.99 -9.36 8.62
N PRO A 52 7.27 -9.41 9.02
CA PRO A 52 8.38 -9.67 8.09
C PRO A 52 8.37 -11.11 7.59
N GLU A 53 7.76 -12.00 8.35
CA GLU A 53 7.69 -13.41 7.99
C GLU A 53 6.99 -13.58 6.64
N LEU A 54 6.10 -12.65 6.31
CA LEU A 54 5.36 -12.69 5.06
C LEU A 54 6.20 -12.11 3.91
N ILE A 55 6.79 -10.95 4.15
CA ILE A 55 7.62 -10.28 3.15
C ILE A 55 8.95 -9.85 3.74
N ASN A 56 9.98 -9.84 2.90
CA ASN A 56 11.32 -9.44 3.33
C ASN A 56 11.92 -8.42 2.37
N PHE A 57 11.87 -7.15 2.77
CA PHE A 57 12.41 -6.07 1.95
C PHE A 57 13.82 -6.41 1.46
N ASP A 58 14.62 -6.98 2.35
CA ASP A 58 15.99 -7.35 2.00
C ASP A 58 16.04 -8.04 0.65
N SER A 59 15.12 -8.97 0.42
CA SER A 59 15.07 -9.70 -0.84
C SER A 59 14.39 -8.86 -1.93
N LEU A 60 13.60 -7.88 -1.50
CA LEU A 60 12.89 -7.02 -2.44
C LEU A 60 13.86 -6.06 -3.12
N ASN A 61 13.95 -6.17 -4.44
CA ASN A 61 14.84 -5.32 -5.23
C ASN A 61 14.05 -4.21 -5.93
N GLU A 62 14.39 -2.96 -5.63
CA GLU A 62 13.72 -1.82 -6.23
C GLU A 62 13.53 -2.04 -7.74
N ASP A 63 14.59 -2.44 -8.41
CA ASP A 63 14.55 -2.68 -9.85
C ASP A 63 13.51 -3.75 -10.18
N ASP A 64 13.32 -4.69 -9.26
CA ASP A 64 12.36 -5.77 -9.46
C ASP A 64 10.95 -5.33 -9.05
N ALA A 65 10.45 -4.29 -9.70
CA ALA A 65 9.13 -3.78 -9.42
C ALA A 65 8.05 -4.82 -9.74
N VAL A 66 8.16 -5.41 -10.92
CA VAL A 66 7.19 -6.41 -11.35
C VAL A 66 7.04 -7.51 -10.30
N GLU A 67 8.16 -8.09 -9.89
CA GLU A 67 8.15 -9.15 -8.89
C GLU A 67 7.71 -8.62 -7.53
N ASN A 68 8.28 -7.48 -7.14
CA ASN A 68 7.96 -6.86 -5.86
C ASN A 68 6.44 -6.73 -5.70
N ASN A 69 5.80 -6.04 -6.62
CA ASN A 69 4.35 -5.86 -6.58
C ASN A 69 3.63 -7.19 -6.48
N GLN A 70 3.76 -8.01 -7.52
CA GLN A 70 3.12 -9.32 -7.56
C GLN A 70 3.22 -10.00 -6.20
N LEU A 71 4.40 -10.00 -5.62
CA LEU A 71 4.62 -10.62 -4.32
C LEU A 71 3.62 -10.09 -3.29
N ALA A 72 3.78 -8.82 -2.94
CA ALA A 72 2.90 -8.20 -1.95
C ALA A 72 1.44 -8.60 -2.20
N PHE A 73 0.99 -8.47 -3.43
CA PHE A 73 -0.38 -8.82 -3.80
C PHE A 73 -0.68 -10.27 -3.44
N ASP A 74 0.22 -11.16 -3.84
CA ASP A 74 0.05 -12.59 -3.57
C ASP A 74 -0.05 -12.84 -2.07
N VAL A 75 0.84 -12.20 -1.30
CA VAL A 75 0.85 -12.37 0.14
C VAL A 75 -0.49 -11.98 0.75
N ALA A 76 -1.11 -10.94 0.19
CA ALA A 76 -2.40 -10.47 0.68
C ALA A 76 -3.49 -11.51 0.45
N GLU A 77 -3.70 -11.87 -0.82
CA GLU A 77 -4.71 -12.86 -1.17
C GLU A 77 -4.35 -14.23 -0.60
N ARG A 78 -3.11 -14.37 -0.16
CA ARG A 78 -2.64 -15.64 0.41
C ARG A 78 -2.88 -15.68 1.91
N GLU A 79 -2.69 -14.54 2.56
CA GLU A 79 -2.87 -14.44 4.01
C GLU A 79 -4.17 -13.72 4.33
N PHE A 80 -4.33 -12.52 3.78
CA PHE A 80 -5.52 -11.72 4.03
C PHE A 80 -6.67 -12.15 3.11
N GLY A 81 -6.32 -12.91 2.07
CA GLY A 81 -7.33 -13.39 1.14
C GLY A 81 -7.89 -12.27 0.28
N ILE A 82 -7.34 -11.07 0.44
CA ILE A 82 -7.80 -9.91 -0.33
C ILE A 82 -7.32 -10.00 -1.77
N PRO A 83 -8.28 -9.99 -2.72
CA PRO A 83 -7.98 -10.07 -4.15
C PRO A 83 -7.34 -8.79 -4.67
N PRO A 84 -6.32 -8.94 -5.52
CA PRO A 84 -5.59 -7.81 -6.11
C PRO A 84 -6.44 -7.05 -7.12
N VAL A 85 -6.14 -5.76 -7.29
CA VAL A 85 -6.87 -4.92 -8.23
C VAL A 85 -6.11 -4.80 -9.55
N THR A 86 -4.79 -4.87 -9.48
CA THR A 86 -3.96 -4.78 -10.67
C THR A 86 -2.82 -5.80 -10.64
N THR A 87 -2.32 -6.16 -11.82
CA THR A 87 -1.25 -7.13 -11.93
C THR A 87 0.11 -6.43 -11.88
N GLY A 88 1.02 -6.98 -11.07
CA GLY A 88 2.34 -6.39 -10.94
C GLY A 88 2.88 -5.88 -12.27
N LYS A 89 2.76 -6.70 -13.31
CA LYS A 89 3.23 -6.32 -14.64
C LYS A 89 2.60 -5.01 -15.09
N GLU A 90 1.28 -5.00 -15.21
CA GLU A 90 0.55 -3.80 -15.62
C GLU A 90 0.88 -2.62 -14.73
N MET A 91 0.95 -2.87 -13.41
CA MET A 91 1.27 -1.83 -12.45
C MET A 91 2.48 -1.02 -12.90
N ALA A 92 3.60 -1.71 -13.13
CA ALA A 92 4.82 -1.05 -13.56
C ALA A 92 4.65 -0.43 -14.94
N SER A 93 3.59 -0.84 -15.64
CA SER A 93 3.33 -0.32 -16.98
C SER A 93 2.66 1.04 -16.91
N ALA A 94 1.51 1.10 -16.24
CA ALA A 94 0.78 2.35 -16.09
C ALA A 94 1.54 3.35 -15.22
N GLN A 95 2.07 4.39 -15.86
CA GLN A 95 2.84 5.40 -15.15
C GLN A 95 2.04 5.95 -13.96
N GLU A 96 0.94 6.62 -14.26
CA GLU A 96 0.09 7.19 -13.22
C GLU A 96 -1.27 6.50 -13.18
N PRO A 97 -1.42 5.56 -12.24
CA PRO A 97 -2.67 4.80 -12.08
C PRO A 97 -3.80 5.66 -11.54
N ASP A 98 -4.95 5.03 -11.28
CA ASP A 98 -6.10 5.74 -10.76
C ASP A 98 -6.01 5.90 -9.25
N LYS A 99 -5.93 7.14 -8.79
CA LYS A 99 -5.83 7.43 -7.36
C LYS A 99 -6.80 6.55 -6.56
N LEU A 100 -7.98 6.31 -7.13
CA LEU A 100 -8.99 5.49 -6.48
C LEU A 100 -8.54 4.04 -6.39
N SER A 101 -8.45 3.38 -7.54
CA SER A 101 -8.03 1.99 -7.59
C SER A 101 -6.95 1.70 -6.54
N MET A 102 -6.16 2.72 -6.24
CA MET A 102 -5.09 2.58 -5.25
C MET A 102 -5.63 2.72 -3.83
N VAL A 103 -6.42 3.77 -3.60
CA VAL A 103 -7.00 4.01 -2.29
C VAL A 103 -7.95 2.89 -1.89
N MET A 104 -8.85 2.53 -2.79
CA MET A 104 -9.81 1.45 -2.54
C MET A 104 -9.09 0.18 -2.09
N TYR A 105 -7.92 -0.07 -2.68
CA TYR A 105 -7.15 -1.25 -2.35
C TYR A 105 -6.47 -1.10 -0.99
N LEU A 106 -5.94 0.10 -0.73
CA LEU A 106 -5.26 0.38 0.53
C LEU A 106 -6.23 0.24 1.70
N SER A 107 -7.51 0.47 1.43
CA SER A 107 -8.53 0.37 2.47
C SER A 107 -8.57 -1.02 3.08
N LYS A 108 -8.46 -2.04 2.23
CA LYS A 108 -8.48 -3.43 2.69
C LYS A 108 -7.42 -3.65 3.76
N PHE A 109 -6.24 -3.05 3.57
CA PHE A 109 -5.15 -3.19 4.52
C PHE A 109 -5.33 -2.25 5.71
N TYR A 110 -5.46 -0.96 5.41
CA TYR A 110 -5.63 0.05 6.45
C TYR A 110 -6.55 -0.46 7.55
N GLU A 111 -7.70 -1.00 7.16
CA GLU A 111 -8.67 -1.52 8.11
C GLU A 111 -8.13 -2.79 8.80
N LEU A 112 -7.53 -3.66 8.00
CA LEU A 112 -6.96 -4.90 8.52
C LEU A 112 -5.97 -4.63 9.66
N PHE A 113 -5.10 -3.65 9.44
CA PHE A 113 -4.11 -3.27 10.44
C PHE A 113 -4.76 -2.54 11.61
N ARG A 114 -5.51 -1.49 11.30
CA ARG A 114 -6.19 -0.70 12.32
C ARG A 114 -7.39 -1.45 12.88
N GLY A 115 -7.26 -1.92 14.12
CA GLY A 115 -8.34 -2.66 14.76
C GLY A 115 -8.44 -2.35 16.24
N THR A 116 -8.94 -1.17 16.57
CA THR A 116 -9.10 -0.76 17.96
C THR A 116 -10.39 0.01 18.16
N PRO A 117 -11.06 -0.24 19.30
CA PRO A 117 -12.32 0.42 19.65
C PRO A 117 -12.13 1.90 19.97
N LEU A 118 -13.24 2.61 20.12
CA LEU A 118 -13.20 4.03 20.43
C LEU A 118 -12.69 4.27 21.86
N ARG A 119 -12.18 5.47 22.11
CA ARG A 119 -11.67 5.82 23.42
C ARG A 119 -12.30 7.11 23.93
N PRO A 120 -12.57 7.17 25.24
CA PRO A 120 -13.18 8.34 25.88
C PRO A 120 -12.22 9.53 25.92
N VAL A 121 -12.53 10.55 25.12
CA VAL A 121 -11.70 11.75 25.07
C VAL A 121 -12.04 12.70 26.22
N GLY A 1 0.40 16.77 -6.16
CA GLY A 1 1.10 17.85 -5.49
C GLY A 1 0.89 19.18 -6.19
N SER A 2 -0.37 19.53 -6.43
CA SER A 2 -0.69 20.80 -7.10
C SER A 2 -0.95 21.90 -6.08
N SER A 3 -0.15 22.95 -6.13
CA SER A 3 -0.28 24.07 -5.21
C SER A 3 -1.43 24.98 -5.63
N GLY A 4 -2.58 24.82 -4.98
CA GLY A 4 -3.73 25.64 -5.30
C GLY A 4 -4.90 24.81 -5.81
N SER A 5 -5.27 23.79 -5.04
CA SER A 5 -6.38 22.91 -5.42
C SER A 5 -7.63 23.24 -4.60
N SER A 6 -8.79 23.16 -5.25
CA SER A 6 -10.05 23.45 -4.58
C SER A 6 -10.78 22.16 -4.22
N GLY A 7 -11.39 22.15 -3.04
CA GLY A 7 -12.10 20.97 -2.59
C GLY A 7 -11.51 20.36 -1.33
N ASP A 8 -11.56 19.04 -1.23
CA ASP A 8 -11.02 18.34 -0.07
C ASP A 8 -10.45 16.99 -0.48
N ILE A 9 -9.29 16.65 0.06
CA ILE A 9 -8.63 15.38 -0.24
C ILE A 9 -9.30 14.24 0.51
N ARG A 10 -9.89 13.31 -0.24
CA ARG A 10 -10.56 12.16 0.36
C ARG A 10 -9.55 11.19 0.96
N PRO A 11 -8.64 10.70 0.10
CA PRO A 11 -7.60 9.75 0.51
C PRO A 11 -6.55 10.40 1.42
N SER A 12 -6.88 11.56 1.95
CA SER A 12 -5.97 12.29 2.83
C SER A 12 -5.60 11.46 4.05
N LYS A 13 -6.60 11.16 4.87
CA LYS A 13 -6.39 10.36 6.08
C LYS A 13 -5.63 9.07 5.75
N LEU A 14 -6.17 8.31 4.82
CA LEU A 14 -5.54 7.05 4.40
C LEU A 14 -4.04 7.22 4.22
N LEU A 15 -3.66 8.15 3.36
CA LEU A 15 -2.25 8.42 3.10
C LEU A 15 -1.48 8.60 4.40
N THR A 16 -1.97 9.48 5.26
CA THR A 16 -1.33 9.75 6.54
C THR A 16 -0.81 8.47 7.17
N TRP A 17 -1.71 7.53 7.44
CA TRP A 17 -1.34 6.26 8.04
C TRP A 17 -0.21 5.59 7.26
N CYS A 18 -0.48 5.29 6.00
CA CYS A 18 0.52 4.64 5.14
C CYS A 18 1.88 5.32 5.28
N GLN A 19 1.87 6.65 5.33
CA GLN A 19 3.10 7.41 5.47
C GLN A 19 3.71 7.22 6.85
N GLN A 20 2.87 7.25 7.87
CA GLN A 20 3.32 7.08 9.25
C GLN A 20 3.99 5.72 9.44
N GLN A 21 3.32 4.67 8.99
CA GLN A 21 3.86 3.32 9.11
C GLN A 21 5.12 3.16 8.28
N THR A 22 5.05 3.61 7.03
CA THR A 22 6.20 3.51 6.13
C THR A 22 7.37 4.36 6.62
N GLU A 23 7.05 5.50 7.24
CA GLU A 23 8.07 6.40 7.76
C GLU A 23 9.21 5.60 8.40
N GLY A 24 10.45 6.04 8.14
CA GLY A 24 11.60 5.36 8.70
C GLY A 24 12.32 4.51 7.67
N TYR A 25 11.56 3.75 6.89
CA TYR A 25 12.13 2.88 5.87
C TYR A 25 13.12 3.64 5.01
N GLN A 26 14.19 2.95 4.59
CA GLN A 26 15.21 3.56 3.76
C GLN A 26 14.81 3.52 2.28
N HIS A 27 15.07 4.62 1.57
CA HIS A 27 14.74 4.70 0.15
C HIS A 27 13.23 4.56 -0.06
N VAL A 28 12.45 4.92 0.95
CA VAL A 28 11.00 4.83 0.88
C VAL A 28 10.35 6.16 1.23
N ASN A 29 10.10 6.98 0.21
CA ASN A 29 9.48 8.29 0.42
C ASN A 29 8.05 8.30 -0.11
N VAL A 30 7.11 7.85 0.73
CA VAL A 30 5.71 7.81 0.36
C VAL A 30 5.08 9.21 0.40
N THR A 31 4.84 9.76 -0.79
CA THR A 31 4.24 11.09 -0.89
C THR A 31 2.88 11.03 -1.58
N ASP A 32 2.75 10.12 -2.54
CA ASP A 32 1.49 9.96 -3.27
C ASP A 32 0.95 8.54 -3.12
N LEU A 33 -0.16 8.27 -3.78
CA LEU A 33 -0.79 6.95 -3.72
C LEU A 33 -0.80 6.29 -5.10
N THR A 34 -0.02 6.86 -6.02
CA THR A 34 0.05 6.32 -7.38
C THR A 34 1.47 5.83 -7.70
N THR A 35 2.43 6.75 -7.65
CA THR A 35 3.81 6.41 -7.93
C THR A 35 4.46 5.69 -6.75
N SER A 36 4.25 6.24 -5.56
CA SER A 36 4.81 5.64 -4.35
C SER A 36 4.56 4.14 -4.30
N TRP A 37 3.41 3.73 -4.82
CA TRP A 37 3.05 2.32 -4.84
C TRP A 37 3.09 1.76 -6.26
N ARG A 38 4.05 2.23 -7.05
CA ARG A 38 4.20 1.79 -8.42
C ARG A 38 5.02 0.51 -8.49
N SER A 39 6.07 0.44 -7.66
CA SER A 39 6.95 -0.72 -7.63
C SER A 39 6.42 -1.78 -6.67
N GLY A 40 5.93 -1.33 -5.52
CA GLY A 40 5.39 -2.25 -4.53
C GLY A 40 5.99 -2.03 -3.15
N LEU A 41 7.28 -1.68 -3.11
CA LEU A 41 7.96 -1.44 -1.85
C LEU A 41 7.03 -0.78 -0.84
N ALA A 42 6.43 0.33 -1.24
CA ALA A 42 5.50 1.06 -0.37
C ALA A 42 4.62 0.10 0.42
N LEU A 43 3.83 -0.70 -0.30
CA LEU A 43 2.93 -1.65 0.33
C LEU A 43 3.72 -2.73 1.07
N CYS A 44 4.73 -3.27 0.40
CA CYS A 44 5.57 -4.32 0.99
C CYS A 44 6.08 -3.90 2.37
N ALA A 45 6.33 -2.60 2.53
CA ALA A 45 6.81 -2.07 3.80
C ALA A 45 5.80 -2.31 4.92
N ILE A 46 4.54 -1.98 4.65
CA ILE A 46 3.48 -2.16 5.63
C ILE A 46 3.39 -3.62 6.08
N ILE A 47 3.33 -4.53 5.11
CA ILE A 47 3.24 -5.95 5.40
C ILE A 47 4.45 -6.42 6.21
N HIS A 48 5.64 -6.23 5.65
CA HIS A 48 6.88 -6.63 6.32
C HIS A 48 6.92 -6.09 7.75
N ARG A 49 6.53 -4.84 7.91
CA ARG A 49 6.53 -4.20 9.22
C ARG A 49 5.99 -5.15 10.28
N PHE A 50 4.73 -5.53 10.15
CA PHE A 50 4.10 -6.45 11.09
C PHE A 50 4.67 -7.85 10.97
N ARG A 51 4.75 -8.34 9.73
CA ARG A 51 5.28 -9.68 9.48
C ARG A 51 6.37 -9.64 8.41
N PRO A 52 7.62 -9.44 8.84
CA PRO A 52 8.77 -9.37 7.93
C PRO A 52 9.10 -10.73 7.30
N GLU A 53 8.52 -11.78 7.87
CA GLU A 53 8.75 -13.13 7.36
C GLU A 53 8.06 -13.33 6.01
N LEU A 54 6.88 -12.72 5.86
CA LEU A 54 6.13 -12.84 4.62
C LEU A 54 6.85 -12.13 3.46
N ILE A 55 7.35 -10.93 3.74
CA ILE A 55 8.06 -10.16 2.73
C ILE A 55 9.39 -9.65 3.27
N ASN A 56 10.45 -9.82 2.48
CA ASN A 56 11.78 -9.38 2.88
C ASN A 56 12.24 -8.21 2.01
N PHE A 57 12.06 -6.99 2.51
CA PHE A 57 12.46 -5.80 1.78
C PHE A 57 13.88 -5.95 1.23
N ASP A 58 14.80 -6.38 2.09
CA ASP A 58 16.19 -6.56 1.70
C ASP A 58 16.29 -7.29 0.36
N SER A 59 15.36 -8.22 0.14
CA SER A 59 15.35 -8.99 -1.10
C SER A 59 14.62 -8.22 -2.20
N LEU A 60 13.55 -7.53 -1.82
CA LEU A 60 12.76 -6.75 -2.77
C LEU A 60 13.65 -5.81 -3.58
N ASN A 61 13.67 -6.01 -4.89
CA ASN A 61 14.49 -5.17 -5.77
C ASN A 61 13.63 -4.12 -6.46
N GLU A 62 13.86 -2.85 -6.13
CA GLU A 62 13.12 -1.75 -6.71
C GLU A 62 12.94 -1.95 -8.21
N ASP A 63 14.03 -2.30 -8.88
CA ASP A 63 14.01 -2.53 -10.33
C ASP A 63 13.04 -3.65 -10.69
N ASP A 64 12.92 -4.63 -9.79
CA ASP A 64 12.03 -5.76 -10.01
C ASP A 64 10.62 -5.45 -9.52
N ALA A 65 10.12 -4.27 -9.85
CA ALA A 65 8.79 -3.86 -9.44
C ALA A 65 7.78 -4.98 -9.65
N VAL A 66 7.70 -5.47 -10.88
CA VAL A 66 6.78 -6.55 -11.22
C VAL A 66 6.77 -7.62 -10.15
N GLU A 67 7.94 -8.19 -9.88
CA GLU A 67 8.07 -9.24 -8.87
C GLU A 67 7.60 -8.74 -7.51
N ASN A 68 8.10 -7.58 -7.10
CA ASN A 68 7.73 -6.99 -5.82
C ASN A 68 6.22 -6.94 -5.65
N ASN A 69 5.55 -6.23 -6.57
CA ASN A 69 4.10 -6.10 -6.53
C ASN A 69 3.44 -7.47 -6.41
N GLN A 70 3.54 -8.26 -7.47
CA GLN A 70 2.95 -9.59 -7.49
C GLN A 70 3.06 -10.26 -6.12
N LEU A 71 4.24 -10.19 -5.53
CA LEU A 71 4.48 -10.79 -4.22
C LEU A 71 3.52 -10.21 -3.19
N ALA A 72 3.62 -8.90 -2.97
CA ALA A 72 2.76 -8.23 -2.00
C ALA A 72 1.30 -8.62 -2.20
N PHE A 73 0.81 -8.49 -3.42
CA PHE A 73 -0.57 -8.83 -3.74
C PHE A 73 -0.87 -10.28 -3.36
N ASP A 74 0.00 -11.18 -3.76
CA ASP A 74 -0.16 -12.60 -3.47
C ASP A 74 -0.26 -12.84 -1.97
N VAL A 75 0.78 -12.45 -1.25
CA VAL A 75 0.82 -12.61 0.20
C VAL A 75 -0.47 -12.13 0.84
N ALA A 76 -0.97 -11.00 0.36
CA ALA A 76 -2.21 -10.42 0.88
C ALA A 76 -3.41 -11.32 0.57
N GLU A 77 -3.36 -11.97 -0.59
CA GLU A 77 -4.45 -12.85 -1.01
C GLU A 77 -4.33 -14.22 -0.33
N ARG A 78 -3.16 -14.49 0.23
CA ARG A 78 -2.91 -15.76 0.90
C ARG A 78 -3.07 -15.61 2.41
N GLU A 79 -2.82 -14.40 2.91
CA GLU A 79 -2.93 -14.13 4.34
C GLU A 79 -4.19 -13.33 4.64
N PHE A 80 -4.33 -12.18 3.97
CA PHE A 80 -5.48 -11.32 4.18
C PHE A 80 -6.66 -11.78 3.31
N GLY A 81 -6.36 -12.54 2.28
CA GLY A 81 -7.40 -13.04 1.40
C GLY A 81 -8.05 -11.94 0.58
N ILE A 82 -7.24 -10.97 0.16
CA ILE A 82 -7.75 -9.85 -0.63
C ILE A 82 -7.27 -9.94 -2.08
N PRO A 83 -8.23 -9.93 -3.01
CA PRO A 83 -7.93 -10.02 -4.45
C PRO A 83 -7.27 -8.74 -4.97
N PRO A 84 -6.28 -8.91 -5.85
CA PRO A 84 -5.54 -7.80 -6.45
C PRO A 84 -6.40 -6.99 -7.42
N VAL A 85 -6.07 -5.71 -7.58
CA VAL A 85 -6.81 -4.84 -8.48
C VAL A 85 -6.10 -4.71 -9.83
N THR A 86 -4.78 -4.77 -9.80
CA THR A 86 -3.98 -4.66 -11.01
C THR A 86 -2.83 -5.66 -11.01
N THR A 87 -2.26 -5.90 -12.19
CA THR A 87 -1.16 -6.84 -12.31
C THR A 87 0.18 -6.13 -12.14
N GLY A 88 1.11 -6.79 -11.45
CA GLY A 88 2.42 -6.22 -11.22
C GLY A 88 2.99 -5.58 -12.47
N LYS A 89 2.74 -6.20 -13.62
CA LYS A 89 3.23 -5.68 -14.89
C LYS A 89 2.66 -4.30 -15.19
N GLU A 90 1.34 -4.19 -15.09
CA GLU A 90 0.67 -2.92 -15.34
C GLU A 90 1.00 -1.90 -14.26
N MET A 91 1.05 -2.36 -13.02
CA MET A 91 1.36 -1.50 -11.88
C MET A 91 2.64 -0.69 -12.15
N ALA A 92 3.65 -1.36 -12.69
CA ALA A 92 4.91 -0.70 -12.99
C ALA A 92 4.90 -0.08 -14.38
N SER A 93 4.27 -0.78 -15.33
CA SER A 93 4.19 -0.29 -16.70
C SER A 93 3.45 1.03 -16.76
N ALA A 94 2.19 1.02 -16.34
CA ALA A 94 1.37 2.23 -16.34
C ALA A 94 2.09 3.39 -15.65
N GLN A 95 2.38 4.44 -16.42
CA GLN A 95 3.07 5.60 -15.89
C GLN A 95 2.39 6.11 -14.62
N GLU A 96 1.12 6.45 -14.74
CA GLU A 96 0.35 6.95 -13.60
C GLU A 96 -0.93 6.15 -13.41
N PRO A 97 -0.96 5.30 -12.38
CA PRO A 97 -2.12 4.45 -12.09
C PRO A 97 -3.30 5.27 -11.56
N ASP A 98 -4.42 4.60 -11.31
CA ASP A 98 -5.62 5.26 -10.81
C ASP A 98 -5.49 5.53 -9.31
N LYS A 99 -6.01 6.68 -8.88
CA LYS A 99 -5.95 7.06 -7.47
C LYS A 99 -7.00 6.31 -6.66
N LEU A 100 -8.12 5.99 -7.32
CA LEU A 100 -9.22 5.28 -6.66
C LEU A 100 -8.85 3.81 -6.44
N SER A 101 -8.69 3.08 -7.54
CA SER A 101 -8.35 1.67 -7.47
C SER A 101 -7.30 1.41 -6.39
N MET A 102 -6.33 2.31 -6.29
CA MET A 102 -5.27 2.18 -5.30
C MET A 102 -5.84 2.23 -3.89
N VAL A 103 -6.54 3.31 -3.56
CA VAL A 103 -7.13 3.48 -2.25
C VAL A 103 -7.99 2.28 -1.88
N MET A 104 -9.07 2.07 -2.63
CA MET A 104 -9.97 0.95 -2.39
C MET A 104 -9.20 -0.29 -1.93
N TYR A 105 -7.98 -0.43 -2.43
CA TYR A 105 -7.14 -1.56 -2.08
C TYR A 105 -6.38 -1.30 -0.78
N LEU A 106 -5.87 -0.08 -0.63
CA LEU A 106 -5.13 0.30 0.56
C LEU A 106 -6.02 0.27 1.79
N SER A 107 -7.19 0.90 1.68
CA SER A 107 -8.14 0.96 2.78
C SER A 107 -8.30 -0.42 3.43
N LYS A 108 -8.59 -1.42 2.60
CA LYS A 108 -8.76 -2.79 3.09
C LYS A 108 -7.74 -3.11 4.17
N PHE A 109 -6.48 -2.74 3.93
CA PHE A 109 -5.42 -2.99 4.89
C PHE A 109 -5.51 -2.04 6.08
N TYR A 110 -5.70 -0.76 5.79
CA TYR A 110 -5.81 0.25 6.82
C TYR A 110 -6.66 -0.25 7.99
N GLU A 111 -7.91 -0.62 7.69
CA GLU A 111 -8.82 -1.11 8.71
C GLU A 111 -8.25 -2.35 9.39
N LEU A 112 -7.96 -3.37 8.59
CA LEU A 112 -7.42 -4.62 9.12
C LEU A 112 -6.31 -4.35 10.13
N PHE A 113 -5.23 -3.73 9.65
CA PHE A 113 -4.09 -3.40 10.50
C PHE A 113 -4.53 -2.55 11.69
N ARG A 114 -5.25 -1.47 11.41
CA ARG A 114 -5.73 -0.57 12.46
C ARG A 114 -6.41 -1.35 13.57
N GLY A 115 -7.59 -1.90 13.26
CA GLY A 115 -8.33 -2.67 14.24
C GLY A 115 -9.71 -3.07 13.75
N THR A 116 -10.74 -2.69 14.50
CA THR A 116 -12.11 -3.00 14.13
C THR A 116 -13.04 -1.82 14.37
N PRO A 117 -13.99 -1.61 13.46
CA PRO A 117 -14.96 -0.52 13.54
C PRO A 117 -15.97 -0.72 14.68
N LEU A 118 -16.68 0.34 15.02
CA LEU A 118 -17.68 0.28 16.08
C LEU A 118 -18.88 1.18 15.78
N ARG A 119 -20.03 0.82 16.31
CA ARG A 119 -21.25 1.60 16.10
C ARG A 119 -22.11 1.61 17.34
N PRO A 120 -22.76 2.76 17.59
CA PRO A 120 -23.63 2.93 18.77
C PRO A 120 -24.92 2.10 18.66
N VAL A 121 -25.45 1.71 19.82
CA VAL A 121 -26.68 0.92 19.84
C VAL A 121 -27.84 1.72 20.43
N GLY A 1 -29.05 1.87 0.60
CA GLY A 1 -28.83 3.30 0.70
C GLY A 1 -28.37 3.91 -0.61
N SER A 2 -29.01 5.01 -1.00
CA SER A 2 -28.66 5.68 -2.25
C SER A 2 -28.53 7.19 -2.04
N SER A 3 -27.28 7.66 -2.03
CA SER A 3 -27.01 9.08 -1.83
C SER A 3 -25.53 9.39 -2.04
N GLY A 4 -25.20 10.67 -2.12
CA GLY A 4 -23.82 11.07 -2.31
C GLY A 4 -23.41 12.19 -1.38
N SER A 5 -22.61 11.86 -0.36
CA SER A 5 -22.14 12.84 0.60
C SER A 5 -20.78 13.37 0.22
N SER A 6 -20.55 14.66 0.50
CA SER A 6 -19.27 15.29 0.18
C SER A 6 -18.87 16.27 1.27
N GLY A 7 -17.57 16.28 1.60
CA GLY A 7 -17.07 17.17 2.63
C GLY A 7 -15.56 17.16 2.73
N ASP A 8 -15.05 16.62 3.82
CA ASP A 8 -13.60 16.55 4.03
C ASP A 8 -12.96 15.58 3.05
N ILE A 9 -11.63 15.59 3.01
CA ILE A 9 -10.89 14.70 2.12
C ILE A 9 -10.85 13.28 2.68
N ARG A 10 -11.38 12.33 1.90
CA ARG A 10 -11.40 10.94 2.31
C ARG A 10 -10.00 10.33 2.26
N PRO A 11 -9.37 10.39 1.07
CA PRO A 11 -8.03 9.85 0.85
C PRO A 11 -6.96 10.68 1.57
N SER A 12 -7.39 11.52 2.49
CA SER A 12 -6.47 12.36 3.25
C SER A 12 -5.97 11.65 4.50
N LYS A 13 -6.91 11.21 5.34
CA LYS A 13 -6.57 10.51 6.57
C LYS A 13 -5.79 9.23 6.27
N LEU A 14 -6.27 8.47 5.29
CA LEU A 14 -5.62 7.22 4.91
C LEU A 14 -4.12 7.43 4.72
N LEU A 15 -3.76 8.27 3.76
CA LEU A 15 -2.36 8.56 3.48
C LEU A 15 -1.55 8.66 4.77
N THR A 16 -2.03 9.48 5.70
CA THR A 16 -1.37 9.67 6.99
C THR A 16 -0.91 8.34 7.57
N TRP A 17 -1.85 7.42 7.77
CA TRP A 17 -1.54 6.11 8.31
C TRP A 17 -0.37 5.47 7.56
N CYS A 18 -0.56 5.23 6.27
CA CYS A 18 0.47 4.62 5.44
C CYS A 18 1.82 5.29 5.68
N GLN A 19 1.85 6.62 5.59
CA GLN A 19 3.07 7.38 5.79
C GLN A 19 3.71 7.03 7.12
N GLN A 20 2.89 6.96 8.18
CA GLN A 20 3.38 6.64 9.50
C GLN A 20 3.96 5.23 9.54
N GLN A 21 3.17 4.25 9.15
CA GLN A 21 3.60 2.86 9.13
C GLN A 21 4.96 2.72 8.45
N THR A 22 5.11 3.39 7.31
CA THR A 22 6.35 3.34 6.55
C THR A 22 7.27 4.49 6.93
N GLU A 23 7.27 4.85 8.21
CA GLU A 23 8.10 5.94 8.70
C GLU A 23 9.45 5.42 9.18
N GLY A 24 10.52 5.87 8.53
CA GLY A 24 11.85 5.44 8.89
C GLY A 24 12.51 4.60 7.82
N TYR A 25 11.76 3.64 7.29
CA TYR A 25 12.29 2.76 6.24
C TYR A 25 13.22 3.52 5.30
N GLN A 26 14.21 2.81 4.77
CA GLN A 26 15.17 3.41 3.86
C GLN A 26 14.70 3.32 2.41
N HIS A 27 15.03 4.32 1.60
CA HIS A 27 14.64 4.34 0.20
C HIS A 27 13.13 4.18 0.06
N VAL A 28 12.39 4.69 1.04
CA VAL A 28 10.93 4.60 1.03
C VAL A 28 10.30 5.97 1.25
N ASN A 29 10.00 6.67 0.15
CA ASN A 29 9.39 7.98 0.24
C ASN A 29 7.93 7.94 -0.22
N VAL A 30 7.01 8.16 0.73
CA VAL A 30 5.59 8.14 0.43
C VAL A 30 5.04 9.56 0.31
N THR A 31 4.79 9.99 -0.92
CA THR A 31 4.26 11.32 -1.19
C THR A 31 2.83 11.26 -1.71
N ASP A 32 2.57 10.27 -2.56
CA ASP A 32 1.24 10.11 -3.15
C ASP A 32 0.75 8.67 -2.97
N LEU A 33 -0.40 8.37 -3.54
CA LEU A 33 -0.99 7.04 -3.44
C LEU A 33 -1.05 6.37 -4.81
N THR A 34 -0.25 6.88 -5.75
CA THR A 34 -0.22 6.33 -7.10
C THR A 34 1.21 6.08 -7.55
N THR A 35 2.13 6.91 -7.09
CA THR A 35 3.54 6.77 -7.44
C THR A 35 4.31 6.02 -6.37
N SER A 36 4.12 6.41 -5.11
CA SER A 36 4.80 5.77 -4.00
C SER A 36 4.46 4.28 -3.94
N TRP A 37 3.48 3.87 -4.72
CA TRP A 37 3.06 2.48 -4.76
C TRP A 37 3.23 1.90 -6.16
N ARG A 38 4.03 2.57 -6.98
CA ARG A 38 4.28 2.13 -8.35
C ARG A 38 5.21 0.92 -8.37
N SER A 39 6.26 0.98 -7.56
CA SER A 39 7.23 -0.11 -7.49
C SER A 39 6.69 -1.26 -6.64
N GLY A 40 6.04 -0.92 -5.54
CA GLY A 40 5.48 -1.94 -4.67
C GLY A 40 6.09 -1.91 -3.28
N LEU A 41 7.38 -1.64 -3.21
CA LEU A 41 8.09 -1.58 -1.93
C LEU A 41 7.20 -0.96 -0.85
N ALA A 42 6.72 0.25 -1.11
CA ALA A 42 5.86 0.94 -0.16
C ALA A 42 4.96 -0.04 0.59
N LEU A 43 4.03 -0.66 -0.13
CA LEU A 43 3.11 -1.62 0.47
C LEU A 43 3.88 -2.74 1.17
N CYS A 44 4.82 -3.36 0.45
CA CYS A 44 5.61 -4.44 1.00
C CYS A 44 6.16 -4.07 2.38
N ALA A 45 6.52 -2.80 2.55
CA ALA A 45 7.04 -2.32 3.82
C ALA A 45 6.03 -2.48 4.94
N ILE A 46 4.79 -2.03 4.68
CA ILE A 46 3.72 -2.13 5.66
C ILE A 46 3.56 -3.55 6.16
N ILE A 47 3.62 -4.51 5.24
CA ILE A 47 3.49 -5.92 5.60
C ILE A 47 4.72 -6.43 6.33
N HIS A 48 5.87 -6.28 5.68
CA HIS A 48 7.13 -6.73 6.27
C HIS A 48 7.28 -6.20 7.69
N ARG A 49 7.04 -4.91 7.87
CA ARG A 49 7.14 -4.29 9.19
C ARG A 49 6.58 -5.20 10.27
N PHE A 50 5.28 -5.47 10.20
CA PHE A 50 4.62 -6.33 11.17
C PHE A 50 5.07 -7.78 11.02
N ARG A 51 5.01 -8.29 9.79
CA ARG A 51 5.41 -9.66 9.50
C ARG A 51 6.47 -9.69 8.41
N PRO A 52 7.75 -9.65 8.83
CA PRO A 52 8.88 -9.67 7.90
C PRO A 52 9.05 -11.03 7.23
N GLU A 53 8.55 -12.08 7.88
CA GLU A 53 8.64 -13.43 7.35
C GLU A 53 7.84 -13.56 6.05
N LEU A 54 6.77 -12.80 5.95
CA LEU A 54 5.91 -12.82 4.77
C LEU A 54 6.60 -12.15 3.59
N ILE A 55 7.21 -11.00 3.84
CA ILE A 55 7.91 -10.26 2.79
C ILE A 55 9.31 -9.84 3.26
N ASN A 56 10.29 -10.04 2.39
CA ASN A 56 11.67 -9.68 2.71
C ASN A 56 12.12 -8.47 1.89
N PHE A 57 11.87 -7.28 2.42
CA PHE A 57 12.25 -6.05 1.73
C PHE A 57 13.68 -6.14 1.21
N ASP A 58 14.60 -6.50 2.09
CA ASP A 58 16.01 -6.62 1.72
C ASP A 58 16.16 -7.25 0.34
N SER A 59 15.31 -8.23 0.05
CA SER A 59 15.34 -8.92 -1.23
C SER A 59 14.69 -8.07 -2.32
N LEU A 60 13.57 -7.44 -1.98
CA LEU A 60 12.86 -6.60 -2.94
C LEU A 60 13.80 -5.60 -3.60
N ASN A 61 13.90 -5.68 -4.91
CA ASN A 61 14.77 -4.78 -5.67
C ASN A 61 13.94 -3.80 -6.50
N GLU A 62 14.11 -2.51 -6.23
CA GLU A 62 13.38 -1.48 -6.95
C GLU A 62 13.18 -1.87 -8.41
N ASP A 63 14.28 -2.23 -9.08
CA ASP A 63 14.22 -2.62 -10.48
C ASP A 63 13.23 -3.77 -10.68
N ASP A 64 13.24 -4.73 -9.76
CA ASP A 64 12.35 -5.87 -9.84
C ASP A 64 10.96 -5.51 -9.33
N ALA A 65 10.47 -4.34 -9.74
CA ALA A 65 9.15 -3.88 -9.33
C ALA A 65 8.10 -4.97 -9.50
N VAL A 66 7.91 -5.42 -10.74
CA VAL A 66 6.94 -6.47 -11.03
C VAL A 66 6.91 -7.51 -9.92
N GLU A 67 8.06 -8.13 -9.66
CA GLU A 67 8.17 -9.15 -8.63
C GLU A 67 7.72 -8.61 -7.28
N ASN A 68 8.27 -7.45 -6.90
CA ASN A 68 7.92 -6.82 -5.64
C ASN A 68 6.40 -6.69 -5.49
N ASN A 69 5.79 -5.96 -6.42
CA ASN A 69 4.35 -5.75 -6.40
C ASN A 69 3.61 -7.08 -6.36
N GLN A 70 3.82 -7.90 -7.38
CA GLN A 70 3.18 -9.20 -7.47
C GLN A 70 3.25 -9.94 -6.13
N LEU A 71 4.44 -9.94 -5.53
CA LEU A 71 4.65 -10.61 -4.25
C LEU A 71 3.61 -10.17 -3.23
N ALA A 72 3.63 -8.88 -2.88
CA ALA A 72 2.69 -8.33 -1.92
C ALA A 72 1.26 -8.76 -2.25
N PHE A 73 0.87 -8.57 -3.50
CA PHE A 73 -0.48 -8.93 -3.93
C PHE A 73 -0.78 -10.40 -3.64
N ASP A 74 0.15 -11.28 -4.01
CA ASP A 74 0.00 -12.70 -3.77
C ASP A 74 -0.09 -13.01 -2.28
N VAL A 75 0.77 -12.36 -1.51
CA VAL A 75 0.80 -12.56 -0.06
C VAL A 75 -0.49 -12.07 0.58
N ALA A 76 -1.04 -10.97 0.05
CA ALA A 76 -2.28 -10.41 0.58
C ALA A 76 -3.47 -11.30 0.24
N GLU A 77 -3.39 -11.99 -0.89
CA GLU A 77 -4.47 -12.89 -1.32
C GLU A 77 -4.31 -14.26 -0.69
N ARG A 78 -3.13 -14.55 -0.17
CA ARG A 78 -2.85 -15.83 0.46
C ARG A 78 -2.97 -15.73 1.98
N GLU A 79 -2.61 -14.57 2.52
CA GLU A 79 -2.68 -14.35 3.96
C GLU A 79 -3.96 -13.62 4.34
N PHE A 80 -4.19 -12.47 3.72
CA PHE A 80 -5.37 -11.68 4.00
C PHE A 80 -6.54 -12.13 3.13
N GLY A 81 -6.22 -12.77 2.01
CA GLY A 81 -7.27 -13.24 1.11
C GLY A 81 -7.94 -12.11 0.35
N ILE A 82 -7.19 -11.05 0.08
CA ILE A 82 -7.73 -9.90 -0.64
C ILE A 82 -7.30 -9.92 -2.10
N PRO A 83 -8.28 -9.95 -3.01
CA PRO A 83 -8.04 -9.98 -4.45
C PRO A 83 -7.47 -8.65 -4.96
N PRO A 84 -6.32 -8.72 -5.63
CA PRO A 84 -5.64 -7.54 -6.18
C PRO A 84 -6.41 -6.94 -7.36
N VAL A 85 -6.42 -5.62 -7.45
CA VAL A 85 -7.10 -4.92 -8.53
C VAL A 85 -6.28 -4.93 -9.81
N THR A 86 -4.95 -4.93 -9.65
CA THR A 86 -4.05 -4.93 -10.79
C THR A 86 -2.87 -5.88 -10.55
N THR A 87 -2.24 -6.31 -11.63
CA THR A 87 -1.10 -7.22 -11.55
C THR A 87 0.22 -6.46 -11.60
N GLY A 88 1.17 -6.88 -10.78
CA GLY A 88 2.47 -6.22 -10.75
C GLY A 88 2.92 -5.77 -12.13
N LYS A 89 2.82 -6.66 -13.10
CA LYS A 89 3.23 -6.34 -14.46
C LYS A 89 2.63 -5.01 -14.91
N GLU A 90 1.32 -4.86 -14.77
CA GLU A 90 0.64 -3.64 -15.15
C GLU A 90 1.00 -2.49 -14.21
N MET A 91 1.04 -2.79 -12.91
CA MET A 91 1.38 -1.79 -11.91
C MET A 91 2.62 -1.00 -12.33
N ALA A 92 3.60 -1.70 -12.88
CA ALA A 92 4.83 -1.08 -13.33
C ALA A 92 4.70 -0.53 -14.74
N SER A 93 4.01 -1.28 -15.59
CA SER A 93 3.82 -0.89 -16.99
C SER A 93 3.03 0.42 -17.06
N ALA A 94 1.80 0.39 -16.56
CA ALA A 94 0.94 1.57 -16.58
C ALA A 94 1.66 2.78 -16.02
N GLN A 95 1.94 3.75 -16.88
CA GLN A 95 2.62 4.97 -16.46
C GLN A 95 2.07 5.49 -15.14
N GLU A 96 0.77 5.74 -15.10
CA GLU A 96 0.12 6.24 -13.90
C GLU A 96 -1.20 5.50 -13.65
N PRO A 97 -1.25 4.74 -12.54
CA PRO A 97 -2.44 3.97 -12.16
C PRO A 97 -3.59 4.87 -11.72
N ASP A 98 -4.75 4.27 -11.48
CA ASP A 98 -5.93 5.01 -11.05
C ASP A 98 -5.85 5.34 -9.56
N LYS A 99 -6.03 6.62 -9.24
CA LYS A 99 -5.98 7.07 -7.85
C LYS A 99 -7.05 6.38 -7.02
N LEU A 100 -8.28 6.33 -7.55
CA LEU A 100 -9.40 5.70 -6.86
C LEU A 100 -9.10 4.24 -6.58
N SER A 101 -9.00 3.45 -7.65
CA SER A 101 -8.74 2.02 -7.52
C SER A 101 -7.69 1.77 -6.43
N MET A 102 -6.64 2.58 -6.43
CA MET A 102 -5.57 2.44 -5.44
C MET A 102 -6.08 2.77 -4.03
N VAL A 103 -6.67 3.95 -3.89
CA VAL A 103 -7.20 4.38 -2.60
C VAL A 103 -8.14 3.34 -2.01
N MET A 104 -9.06 2.85 -2.82
CA MET A 104 -10.01 1.84 -2.38
C MET A 104 -9.30 0.57 -1.94
N TYR A 105 -8.26 0.19 -2.67
CA TYR A 105 -7.49 -1.01 -2.36
C TYR A 105 -6.74 -0.84 -1.03
N LEU A 106 -5.91 0.19 -0.97
CA LEU A 106 -5.13 0.47 0.24
C LEU A 106 -6.02 0.48 1.47
N SER A 107 -7.12 1.24 1.39
CA SER A 107 -8.06 1.34 2.50
C SER A 107 -8.29 -0.04 3.14
N LYS A 108 -8.33 -1.07 2.31
CA LYS A 108 -8.55 -2.42 2.79
C LYS A 108 -7.53 -2.79 3.87
N PHE A 109 -6.27 -2.46 3.63
CA PHE A 109 -5.20 -2.75 4.58
C PHE A 109 -5.23 -1.76 5.74
N TYR A 110 -5.39 -0.48 5.41
CA TYR A 110 -5.41 0.57 6.42
C TYR A 110 -6.27 0.16 7.61
N GLU A 111 -7.54 -0.12 7.34
CA GLU A 111 -8.47 -0.53 8.38
C GLU A 111 -8.11 -1.91 8.93
N LEU A 112 -7.79 -2.83 8.02
CA LEU A 112 -7.42 -4.19 8.41
C LEU A 112 -6.48 -4.18 9.61
N PHE A 113 -5.46 -3.31 9.55
CA PHE A 113 -4.49 -3.21 10.64
C PHE A 113 -4.90 -2.11 11.62
N ARG A 114 -5.17 -0.92 11.11
CA ARG A 114 -5.57 0.20 11.94
C ARG A 114 -6.79 -0.16 12.78
N GLY A 115 -7.92 -0.39 12.11
CA GLY A 115 -9.14 -0.74 12.82
C GLY A 115 -10.28 -1.08 11.87
N THR A 116 -10.64 -2.35 11.82
CA THR A 116 -11.72 -2.81 10.95
C THR A 116 -13.07 -2.40 11.51
N PRO A 117 -14.05 -2.21 10.60
CA PRO A 117 -15.41 -1.82 10.99
C PRO A 117 -16.16 -2.95 11.69
N LEU A 118 -16.77 -2.63 12.83
CA LEU A 118 -17.52 -3.62 13.60
C LEU A 118 -19.02 -3.46 13.39
N ARG A 119 -19.41 -3.22 12.14
CA ARG A 119 -20.81 -3.04 11.79
C ARG A 119 -21.40 -4.31 11.20
N PRO A 120 -22.56 -4.74 11.73
CA PRO A 120 -23.24 -5.95 11.26
C PRO A 120 -23.82 -5.79 9.85
N VAL A 121 -23.86 -6.88 9.11
CA VAL A 121 -24.40 -6.85 7.75
C VAL A 121 -24.67 -8.27 7.24
N GLY A 1 3.82 19.87 15.52
CA GLY A 1 2.37 19.79 15.54
C GLY A 1 1.70 21.10 15.21
N SER A 2 0.83 21.08 14.21
CA SER A 2 0.11 22.28 13.79
C SER A 2 -1.37 21.99 13.58
N SER A 3 -2.14 23.05 13.33
CA SER A 3 -3.57 22.92 13.11
C SER A 3 -3.88 22.66 11.64
N GLY A 4 -5.07 22.12 11.38
CA GLY A 4 -5.46 21.83 10.01
C GLY A 4 -5.13 22.96 9.06
N SER A 5 -5.06 22.65 7.77
CA SER A 5 -4.75 23.65 6.75
C SER A 5 -5.59 23.44 5.50
N SER A 6 -5.71 24.49 4.70
CA SER A 6 -6.50 24.43 3.47
C SER A 6 -6.16 23.17 2.68
N GLY A 7 -7.19 22.49 2.18
CA GLY A 7 -6.98 21.29 1.41
C GLY A 7 -8.26 20.49 1.22
N ASP A 8 -8.79 19.96 2.32
CA ASP A 8 -10.02 19.17 2.27
C ASP A 8 -9.83 17.92 1.43
N ILE A 9 -8.67 17.29 1.59
CA ILE A 9 -8.35 16.07 0.84
C ILE A 9 -8.97 14.85 1.50
N ARG A 10 -9.62 14.01 0.71
CA ARG A 10 -10.26 12.81 1.23
C ARG A 10 -9.21 11.79 1.67
N PRO A 11 -8.33 11.39 0.74
CA PRO A 11 -7.27 10.42 1.02
C PRO A 11 -6.19 11.00 1.93
N SER A 12 -6.47 12.15 2.51
CA SER A 12 -5.51 12.81 3.40
C SER A 12 -5.24 11.94 4.63
N LYS A 13 -6.31 11.45 5.25
CA LYS A 13 -6.20 10.61 6.43
C LYS A 13 -5.48 9.30 6.09
N LEU A 14 -5.96 8.62 5.06
CA LEU A 14 -5.37 7.35 4.64
C LEU A 14 -3.86 7.49 4.44
N LEU A 15 -3.46 8.44 3.59
CA LEU A 15 -2.05 8.67 3.32
C LEU A 15 -1.27 8.78 4.63
N THR A 16 -1.73 9.66 5.52
CA THR A 16 -1.06 9.87 6.80
C THR A 16 -0.70 8.53 7.45
N TRP A 17 -1.71 7.71 7.71
CA TRP A 17 -1.49 6.41 8.33
C TRP A 17 -0.37 5.65 7.62
N CYS A 18 -0.50 5.52 6.30
CA CYS A 18 0.50 4.81 5.50
C CYS A 18 1.89 5.39 5.75
N GLN A 19 2.02 6.71 5.62
CA GLN A 19 3.30 7.37 5.82
C GLN A 19 3.95 6.91 7.12
N GLN A 20 3.18 6.88 8.19
CA GLN A 20 3.68 6.46 9.49
C GLN A 20 4.25 5.05 9.42
N GLN A 21 3.48 4.13 8.85
CA GLN A 21 3.91 2.75 8.71
C GLN A 21 5.26 2.65 8.00
N THR A 22 5.37 3.34 6.87
CA THR A 22 6.59 3.34 6.09
C THR A 22 7.57 4.39 6.58
N GLU A 23 7.56 4.63 7.90
CA GLU A 23 8.44 5.62 8.50
C GLU A 23 9.82 5.02 8.76
N GLY A 24 10.86 5.80 8.45
CA GLY A 24 12.22 5.34 8.65
C GLY A 24 12.78 4.62 7.44
N TYR A 25 11.95 3.79 6.82
CA TYR A 25 12.37 3.04 5.64
C TYR A 25 13.30 3.87 4.76
N GLN A 26 14.38 3.25 4.30
CA GLN A 26 15.35 3.93 3.46
C GLN A 26 14.90 3.93 2.00
N HIS A 27 15.19 5.02 1.29
CA HIS A 27 14.82 5.15 -0.11
C HIS A 27 13.31 5.02 -0.28
N VAL A 28 12.57 5.34 0.78
CA VAL A 28 11.10 5.26 0.75
C VAL A 28 10.48 6.59 1.16
N ASN A 29 10.04 7.36 0.17
CA ASN A 29 9.41 8.65 0.43
C ASN A 29 7.98 8.68 -0.08
N VAL A 30 7.04 8.29 0.78
CA VAL A 30 5.63 8.26 0.42
C VAL A 30 5.04 9.68 0.42
N THR A 31 4.47 10.08 -0.71
CA THR A 31 3.87 11.39 -0.84
C THR A 31 2.49 11.31 -1.46
N ASP A 32 2.30 10.33 -2.34
CA ASP A 32 1.02 10.14 -3.00
C ASP A 32 0.61 8.68 -2.99
N LEU A 33 -0.51 8.36 -3.65
CA LEU A 33 -1.00 7.00 -3.71
C LEU A 33 -1.07 6.50 -5.16
N THR A 34 -0.14 6.98 -5.98
CA THR A 34 -0.08 6.58 -7.38
C THR A 34 1.31 6.08 -7.77
N THR A 35 2.30 6.93 -7.57
CA THR A 35 3.68 6.59 -7.90
C THR A 35 4.35 5.85 -6.75
N SER A 36 4.13 6.35 -5.53
CA SER A 36 4.71 5.74 -4.34
C SER A 36 4.42 4.25 -4.29
N TRP A 37 3.26 3.86 -4.82
CA TRP A 37 2.85 2.46 -4.83
C TRP A 37 2.89 1.90 -6.24
N ARG A 38 3.82 2.38 -7.05
CA ARG A 38 3.96 1.94 -8.42
C ARG A 38 4.85 0.70 -8.51
N SER A 39 5.91 0.69 -7.70
CA SER A 39 6.85 -0.43 -7.69
C SER A 39 6.39 -1.50 -6.71
N GLY A 40 5.87 -1.07 -5.56
CA GLY A 40 5.40 -2.01 -4.56
C GLY A 40 6.05 -1.78 -3.21
N LEU A 41 7.33 -1.40 -3.22
CA LEU A 41 8.06 -1.15 -1.99
C LEU A 41 7.16 -0.53 -0.93
N ALA A 42 6.42 0.50 -1.32
CA ALA A 42 5.51 1.18 -0.41
C ALA A 42 4.70 0.18 0.41
N LEU A 43 3.88 -0.60 -0.27
CA LEU A 43 3.05 -1.60 0.39
C LEU A 43 3.91 -2.64 1.11
N CYS A 44 4.81 -3.26 0.37
CA CYS A 44 5.71 -4.27 0.92
C CYS A 44 6.26 -3.82 2.27
N ALA A 45 6.49 -2.53 2.41
CA ALA A 45 7.02 -1.96 3.64
C ALA A 45 6.06 -2.19 4.80
N ILE A 46 4.79 -1.86 4.59
CA ILE A 46 3.77 -2.04 5.61
C ILE A 46 3.69 -3.48 6.07
N ILE A 47 3.49 -4.39 5.13
CA ILE A 47 3.40 -5.82 5.43
C ILE A 47 4.64 -6.29 6.19
N HIS A 48 5.79 -6.18 5.54
CA HIS A 48 7.05 -6.60 6.15
C HIS A 48 7.08 -6.25 7.63
N ARG A 49 6.75 -5.00 7.95
CA ARG A 49 6.74 -4.54 9.34
C ARG A 49 6.05 -5.55 10.24
N PHE A 50 4.80 -5.87 9.92
CA PHE A 50 4.03 -6.82 10.70
C PHE A 50 4.59 -8.24 10.54
N ARG A 51 4.71 -8.69 9.30
CA ARG A 51 5.23 -10.02 9.02
C ARG A 51 6.40 -9.96 8.04
N PRO A 52 7.62 -9.81 8.58
CA PRO A 52 8.84 -9.72 7.78
C PRO A 52 9.18 -11.06 7.11
N GLU A 53 8.44 -12.10 7.46
CA GLU A 53 8.67 -13.43 6.89
C GLU A 53 8.02 -13.54 5.51
N LEU A 54 6.85 -12.94 5.35
CA LEU A 54 6.15 -12.98 4.08
C LEU A 54 6.88 -12.18 3.01
N ILE A 55 7.38 -11.01 3.40
CA ILE A 55 8.10 -10.15 2.47
C ILE A 55 9.48 -9.78 3.04
N ASN A 56 10.48 -9.75 2.17
CA ASN A 56 11.84 -9.42 2.58
C ASN A 56 12.28 -8.10 1.94
N PHE A 57 11.84 -6.99 2.52
CA PHE A 57 12.19 -5.67 2.01
C PHE A 57 13.66 -5.63 1.58
N ASP A 58 14.53 -6.14 2.44
CA ASP A 58 15.97 -6.16 2.15
C ASP A 58 16.25 -6.88 0.83
N SER A 59 15.50 -7.94 0.58
CA SER A 59 15.67 -8.71 -0.65
C SER A 59 14.96 -8.04 -1.82
N LEU A 60 13.85 -7.37 -1.53
CA LEU A 60 13.09 -6.67 -2.55
C LEU A 60 13.96 -5.69 -3.33
N ASN A 61 14.09 -5.92 -4.63
CA ASN A 61 14.90 -5.05 -5.48
C ASN A 61 14.01 -4.10 -6.29
N GLU A 62 14.19 -2.80 -6.05
CA GLU A 62 13.41 -1.79 -6.76
C GLU A 62 13.21 -2.17 -8.22
N ASP A 63 14.31 -2.53 -8.87
CA ASP A 63 14.27 -2.92 -10.29
C ASP A 63 13.27 -4.05 -10.50
N ASP A 64 13.21 -4.97 -9.54
CA ASP A 64 12.31 -6.10 -9.62
C ASP A 64 10.90 -5.71 -9.20
N ALA A 65 10.47 -4.52 -9.61
CA ALA A 65 9.14 -4.03 -9.26
C ALA A 65 8.07 -5.07 -9.57
N VAL A 66 8.13 -5.64 -10.77
CA VAL A 66 7.18 -6.65 -11.19
C VAL A 66 7.00 -7.73 -10.12
N GLU A 67 8.12 -8.31 -9.69
CA GLU A 67 8.08 -9.35 -8.66
C GLU A 67 7.60 -8.78 -7.33
N ASN A 68 8.15 -7.64 -6.93
CA ASN A 68 7.77 -7.00 -5.68
C ASN A 68 6.26 -6.84 -5.58
N ASN A 69 5.68 -6.19 -6.58
CA ASN A 69 4.24 -5.98 -6.61
C ASN A 69 3.48 -7.30 -6.54
N GLN A 70 3.66 -8.13 -7.56
CA GLN A 70 3.00 -9.44 -7.61
C GLN A 70 3.09 -10.14 -6.26
N LEU A 71 4.25 -10.03 -5.63
CA LEU A 71 4.46 -10.67 -4.32
C LEU A 71 3.49 -10.14 -3.29
N ALA A 72 3.63 -8.86 -2.95
CA ALA A 72 2.76 -8.22 -1.97
C ALA A 72 1.31 -8.65 -2.19
N PHE A 73 0.87 -8.65 -3.43
CA PHE A 73 -0.50 -9.03 -3.76
C PHE A 73 -0.76 -10.49 -3.42
N ASP A 74 0.09 -11.37 -3.95
CA ASP A 74 -0.05 -12.81 -3.69
C ASP A 74 -0.09 -13.08 -2.19
N VAL A 75 0.80 -12.44 -1.45
CA VAL A 75 0.87 -12.63 0.00
C VAL A 75 -0.40 -12.11 0.67
N ALA A 76 -0.91 -10.99 0.18
CA ALA A 76 -2.12 -10.39 0.72
C ALA A 76 -3.36 -11.20 0.34
N GLU A 77 -3.25 -11.94 -0.75
CA GLU A 77 -4.36 -12.76 -1.23
C GLU A 77 -4.25 -14.19 -0.73
N ARG A 78 -3.09 -14.53 -0.17
CA ARG A 78 -2.85 -15.87 0.35
C ARG A 78 -2.92 -15.88 1.88
N GLU A 79 -2.49 -14.78 2.49
CA GLU A 79 -2.51 -14.66 3.95
C GLU A 79 -3.80 -14.01 4.43
N PHE A 80 -4.20 -12.93 3.76
CA PHE A 80 -5.41 -12.21 4.12
C PHE A 80 -6.57 -12.62 3.22
N GLY A 81 -6.24 -13.14 2.04
CA GLY A 81 -7.27 -13.57 1.11
C GLY A 81 -7.92 -12.41 0.39
N ILE A 82 -7.15 -11.34 0.18
CA ILE A 82 -7.67 -10.16 -0.51
C ILE A 82 -7.25 -10.14 -1.97
N PRO A 83 -8.24 -10.13 -2.87
CA PRO A 83 -7.99 -10.11 -4.31
C PRO A 83 -7.43 -8.78 -4.79
N PRO A 84 -6.28 -8.84 -5.47
CA PRO A 84 -5.61 -7.64 -6.00
C PRO A 84 -6.37 -7.01 -7.15
N VAL A 85 -6.35 -5.68 -7.21
CA VAL A 85 -7.05 -4.95 -8.27
C VAL A 85 -6.22 -4.92 -9.55
N THR A 86 -4.89 -4.93 -9.39
CA THR A 86 -3.98 -4.89 -10.53
C THR A 86 -2.84 -5.89 -10.34
N THR A 87 -2.30 -6.37 -11.46
CA THR A 87 -1.20 -7.33 -11.41
C THR A 87 0.14 -6.61 -11.54
N GLY A 88 1.08 -6.98 -10.67
CA GLY A 88 2.40 -6.37 -10.70
C GLY A 88 2.85 -6.04 -12.11
N LYS A 89 2.73 -7.02 -13.01
CA LYS A 89 3.14 -6.83 -14.40
C LYS A 89 2.63 -5.49 -14.93
N GLU A 90 1.32 -5.35 -15.01
CA GLU A 90 0.70 -4.12 -15.51
C GLU A 90 1.00 -2.96 -14.57
N MET A 91 0.81 -3.19 -13.28
CA MET A 91 1.06 -2.16 -12.28
C MET A 91 2.32 -1.36 -12.60
N ALA A 92 3.43 -2.08 -12.80
CA ALA A 92 4.69 -1.45 -13.13
C ALA A 92 4.63 -0.76 -14.48
N SER A 93 3.96 -1.39 -15.44
CA SER A 93 3.83 -0.84 -16.79
C SER A 93 3.20 0.55 -16.74
N ALA A 94 1.97 0.62 -16.25
CA ALA A 94 1.25 1.88 -16.15
C ALA A 94 2.07 2.92 -15.38
N GLN A 95 2.30 4.06 -16.01
CA GLN A 95 3.08 5.14 -15.39
C GLN A 95 2.29 5.77 -14.24
N GLU A 96 1.05 6.16 -14.51
CA GLU A 96 0.20 6.78 -13.51
C GLU A 96 -1.11 6.03 -13.37
N PRO A 97 -1.23 5.23 -12.30
CA PRO A 97 -2.44 4.44 -12.03
C PRO A 97 -3.62 5.32 -11.63
N ASP A 98 -4.74 4.68 -11.29
CA ASP A 98 -5.94 5.40 -10.89
C ASP A 98 -5.94 5.66 -9.39
N LYS A 99 -5.67 6.89 -9.00
CA LYS A 99 -5.64 7.28 -7.60
C LYS A 99 -6.74 6.56 -6.82
N LEU A 100 -7.92 6.47 -7.43
CA LEU A 100 -9.06 5.81 -6.79
C LEU A 100 -8.73 4.35 -6.47
N SER A 101 -8.59 3.55 -7.53
CA SER A 101 -8.28 2.12 -7.37
C SER A 101 -7.29 1.91 -6.23
N MET A 102 -6.27 2.75 -6.17
CA MET A 102 -5.26 2.65 -5.13
C MET A 102 -5.86 2.96 -3.76
N VAL A 103 -6.60 4.05 -3.67
CA VAL A 103 -7.22 4.45 -2.42
C VAL A 103 -8.20 3.38 -1.92
N MET A 104 -9.08 2.94 -2.81
CA MET A 104 -10.06 1.92 -2.45
C MET A 104 -9.38 0.63 -2.04
N TYR A 105 -8.29 0.29 -2.73
CA TYR A 105 -7.54 -0.92 -2.44
C TYR A 105 -6.84 -0.81 -1.09
N LEU A 106 -6.21 0.33 -0.85
CA LEU A 106 -5.49 0.56 0.40
C LEU A 106 -6.41 0.31 1.60
N SER A 107 -7.58 0.94 1.59
CA SER A 107 -8.54 0.79 2.68
C SER A 107 -8.58 -0.66 3.16
N LYS A 108 -8.50 -1.60 2.22
CA LYS A 108 -8.53 -3.02 2.55
C LYS A 108 -7.66 -3.32 3.75
N PHE A 109 -6.43 -2.78 3.73
CA PHE A 109 -5.50 -3.00 4.83
C PHE A 109 -5.74 -2.00 5.95
N TYR A 110 -5.81 -0.72 5.60
CA TYR A 110 -6.04 0.33 6.58
C TYR A 110 -7.06 -0.11 7.63
N GLU A 111 -8.24 -0.52 7.15
CA GLU A 111 -9.30 -0.97 8.06
C GLU A 111 -8.84 -2.16 8.88
N LEU A 112 -8.45 -3.24 8.21
CA LEU A 112 -7.99 -4.44 8.89
C LEU A 112 -7.03 -4.10 10.02
N PHE A 113 -5.92 -3.48 9.66
CA PHE A 113 -4.91 -3.09 10.65
C PHE A 113 -5.51 -2.17 11.70
N ARG A 114 -6.16 -1.11 11.25
CA ARG A 114 -6.77 -0.14 12.16
C ARG A 114 -7.97 -0.78 12.89
N GLY A 115 -7.76 -1.12 14.16
CA GLY A 115 -8.83 -1.72 14.94
C GLY A 115 -9.49 -0.74 15.87
N THR A 116 -10.29 0.17 15.29
CA THR A 116 -10.99 1.18 16.07
C THR A 116 -12.44 1.33 15.60
N PRO A 117 -13.36 1.51 16.55
CA PRO A 117 -14.78 1.69 16.26
C PRO A 117 -15.07 3.01 15.58
N LEU A 118 -15.48 2.95 14.32
CA LEU A 118 -15.80 4.15 13.55
C LEU A 118 -17.11 4.77 14.02
N ARG A 119 -17.25 6.08 13.83
CA ARG A 119 -18.45 6.78 14.24
C ARG A 119 -19.42 6.93 13.07
N PRO A 120 -20.72 6.77 13.35
CA PRO A 120 -21.77 6.89 12.33
C PRO A 120 -21.96 8.33 11.84
N VAL A 121 -22.03 8.49 10.53
CA VAL A 121 -22.20 9.81 9.95
C VAL A 121 -23.68 10.23 9.95
#